data_5MDR
#
_entry.id   5MDR
#
_cell.length_a   146.552
_cell.length_b   121.941
_cell.length_c   147.155
_cell.angle_alpha   90.00
_cell.angle_beta   117.92
_cell.angle_gamma   90.00
#
_symmetry.space_group_name_H-M   'P 1 21 1'
#
loop_
_entity.id
_entity.type
_entity.pdbx_description
1 polymer Chitoporin
2 branched 2-acetamido-2-deoxy-beta-D-glucopyranose-(1-4)-2-acetamido-2-deoxy-beta-D-glucopyranose-(1-4)-2-acetamido-2-deoxy-beta-D-glucopyranose-(1-4)-2-acetamido-2-deoxy-beta-D-glucopyranose-(1-4)-2-acetamido-2-deoxy-beta-D-glucopyranose-(1-4)-2-acetamido-2-deoxy-beta-D-glucopyranose
3 non-polymer (HYDROXYETHYLOXY)TRI(ETHYLOXY)OCTANE
4 non-polymer 'SODIUM ION'
5 water water
#
_entity_poly.entity_id   1
_entity_poly.type   'polypeptide(L)'
_entity_poly.pdbx_seq_one_letter_code
;(MSE)GDGANSDAAKEYLTKDSFSYEVYGIIA(MSE)QAAYRDYDSGDAKQDDNLGG(MSE)QLNNESRIGFRGKKQFAN
FEPTFIWQIEGGYVDPSFGGEGAGLGERDTFVGFESASWGQVRLGRVLTP(MSE)YELVDWPASNPGLGDVYDWGGAIGG
AKYQDRQSNTIRWDSP(MSE)YADKFSIDAAVGAGDKAGLGAGDDYWGGIAAHYKLGPLQLDAAYEGNRNIEAEGQTWEN
NTYLVGVQGWFENGISFFAQYKY(MSE)EADASNGVNEKQDA(MSE)SAGL(MSE)YTTGDWQYKLGYAANFDLERDGKT
LSNTSDDVVSAQI(MSE)YFVDPSAVLYARAR(MSE)NDFNEGLDGLDDAARWTSGTNGDYNEYSVGVEYYF
;
_entity_poly.pdbx_strand_id   A,B,C,D,E,F
#
loop_
_chem_comp.id
_chem_comp.type
_chem_comp.name
_chem_comp.formula
C8E non-polymer (HYDROXYETHYLOXY)TRI(ETHYLOXY)OCTANE 'C16 H34 O5'
NA non-polymer 'SODIUM ION' 'Na 1'
NAG D-saccharide, beta linking 2-acetamido-2-deoxy-beta-D-glucopyranose 'C8 H15 N O6'
#
# COMPACT_ATOMS: atom_id res chain seq x y z
N GLU A 12 65.31 1.36 -2.64
CA GLU A 12 64.85 0.81 -3.94
C GLU A 12 63.96 -0.44 -3.75
N TYR A 13 64.41 -1.40 -2.94
CA TYR A 13 63.58 -2.59 -2.59
C TYR A 13 62.59 -2.27 -1.48
N LEU A 14 61.38 -2.83 -1.58
CA LEU A 14 60.29 -2.46 -0.69
C LEU A 14 60.21 -3.37 0.54
N THR A 15 59.80 -2.78 1.65
CA THR A 15 59.40 -3.53 2.86
C THR A 15 57.97 -3.17 3.20
N LYS A 16 57.43 -3.86 4.21
CA LYS A 16 56.13 -3.53 4.79
C LYS A 16 56.02 -2.03 5.13
N ASP A 17 57.12 -1.49 5.67
CA ASP A 17 57.24 -0.07 6.02
C ASP A 17 57.30 0.90 4.86
N SER A 18 57.49 0.41 3.64
CA SER A 18 57.37 1.27 2.47
C SER A 18 55.94 1.79 2.23
N PHE A 19 54.92 1.13 2.79
CA PHE A 19 53.52 1.48 2.50
C PHE A 19 52.90 2.13 3.73
N SER A 20 52.02 3.09 3.49
CA SER A 20 51.26 3.74 4.55
C SER A 20 49.85 3.22 4.66
N TYR A 21 49.54 2.13 3.94
CA TYR A 21 48.21 1.54 3.99
C TYR A 21 48.36 0.04 3.80
N GLU A 22 47.32 -0.68 4.13
CA GLU A 22 47.22 -2.04 3.70
C GLU A 22 45.81 -2.31 3.18
N VAL A 23 45.75 -3.10 2.11
CA VAL A 23 44.49 -3.58 1.58
C VAL A 23 44.18 -4.88 2.30
N TYR A 24 42.93 -5.05 2.67
CA TYR A 24 42.47 -6.30 3.25
C TYR A 24 41.14 -6.62 2.61
N GLY A 25 40.69 -7.85 2.78
CA GLY A 25 39.40 -8.24 2.24
C GLY A 25 38.79 -9.44 2.92
N ILE A 26 37.48 -9.52 2.74
CA ILE A 26 36.71 -10.69 3.12
C ILE A 26 35.98 -11.07 1.85
N ILE A 27 36.30 -12.25 1.33
CA ILE A 27 35.66 -12.74 0.12
C ILE A 27 34.62 -13.74 0.60
N ALA A 28 33.36 -13.44 0.34
CA ALA A 28 32.27 -14.19 0.95
C ALA A 28 31.16 -14.37 -0.07
N MSE A 29 30.82 -15.62 -0.35
CA MSE A 29 29.77 -15.96 -1.35
C MSE A 29 28.90 -17.02 -0.73
O MSE A 29 29.41 -18.07 -0.29
CB MSE A 29 30.38 -16.48 -2.65
CG MSE A 29 29.38 -17.01 -3.69
SE MSE A 29 28.24 -15.54 -4.30
CE MSE A 29 29.60 -14.65 -5.37
N GLN A 30 27.59 -16.79 -0.79
CA GLN A 30 26.59 -17.74 -0.31
C GLN A 30 25.56 -17.99 -1.43
N ALA A 31 25.33 -19.24 -1.77
CA ALA A 31 24.23 -19.59 -2.67
C ALA A 31 23.08 -19.98 -1.75
N ALA A 32 21.99 -19.22 -1.81
CA ALA A 32 20.87 -19.37 -0.89
C ALA A 32 19.55 -19.53 -1.64
N TYR A 33 18.85 -20.61 -1.32
CA TYR A 33 17.55 -20.95 -1.86
C TYR A 33 16.50 -20.73 -0.78
N ARG A 34 15.56 -19.83 -1.03
CA ARG A 34 14.48 -19.54 -0.09
C ARG A 34 13.15 -20.05 -0.58
N ASP A 35 12.38 -20.60 0.36
CA ASP A 35 11.04 -21.08 0.10
C ASP A 35 10.09 -20.36 1.05
N TYR A 36 9.31 -19.43 0.49
CA TYR A 36 8.40 -18.57 1.23
C TYR A 36 7.01 -19.20 1.31
N ASP A 37 6.31 -18.89 2.40
CA ASP A 37 4.91 -19.24 2.51
C ASP A 37 4.20 -18.01 3.08
N SER A 38 4.01 -17.02 2.22
CA SER A 38 3.47 -15.73 2.63
C SER A 38 1.95 -15.72 2.65
N GLY A 39 1.28 -16.69 2.04
CA GLY A 39 -0.15 -16.60 1.76
C GLY A 39 -0.50 -16.09 0.36
N ASP A 40 0.49 -15.59 -0.38
CA ASP A 40 0.30 -15.10 -1.75
C ASP A 40 1.34 -15.82 -2.63
N ALA A 41 0.85 -16.65 -3.54
CA ALA A 41 1.69 -17.53 -4.34
C ALA A 41 2.70 -16.73 -5.25
N LYS A 42 2.24 -15.60 -5.78
CA LYS A 42 3.08 -14.77 -6.63
C LYS A 42 4.20 -14.14 -5.82
N GLN A 43 3.87 -13.61 -4.64
CA GLN A 43 4.87 -13.06 -3.73
C GLN A 43 5.88 -14.15 -3.34
N ASP A 44 5.40 -15.37 -3.10
CA ASP A 44 6.31 -16.49 -2.81
C ASP A 44 7.30 -16.76 -3.98
N ASP A 45 6.79 -16.74 -5.20
CA ASP A 45 7.61 -16.93 -6.41
C ASP A 45 8.62 -15.81 -6.54
N ASN A 46 8.21 -14.58 -6.24
CA ASN A 46 9.07 -13.44 -6.36
C ASN A 46 10.20 -13.42 -5.31
N LEU A 47 9.84 -13.53 -4.04
CA LEU A 47 10.81 -13.47 -2.96
C LEU A 47 11.68 -14.72 -2.85
N GLY A 48 11.12 -15.87 -3.21
CA GLY A 48 11.80 -17.16 -3.13
C GLY A 48 12.63 -17.49 -4.35
N GLY A 49 13.25 -18.66 -4.31
CA GLY A 49 14.17 -19.12 -5.36
C GLY A 49 15.63 -18.92 -4.96
N MSE A 50 16.51 -19.20 -5.90
CA MSE A 50 17.95 -19.21 -5.68
C MSE A 50 18.47 -17.84 -5.97
O MSE A 50 18.16 -17.27 -7.04
CB MSE A 50 18.61 -20.24 -6.62
CG MSE A 50 20.14 -20.28 -6.51
SE MSE A 50 20.64 -21.23 -4.82
CE MSE A 50 20.22 -22.99 -5.46
N GLN A 51 19.27 -17.30 -5.07
CA GLN A 51 20.12 -16.15 -5.41
C GLN A 51 21.53 -16.41 -4.92
N LEU A 52 22.45 -15.59 -5.43
CA LEU A 52 23.77 -15.54 -4.87
C LEU A 52 23.83 -14.32 -3.97
N ASN A 53 24.44 -14.49 -2.81
CA ASN A 53 24.61 -13.42 -1.87
C ASN A 53 26.11 -13.18 -1.72
N ASN A 54 26.62 -12.24 -2.51
CA ASN A 54 28.03 -11.93 -2.51
C ASN A 54 28.26 -10.80 -1.52
N GLU A 55 28.79 -11.20 -0.35
CA GLU A 55 29.12 -10.27 0.71
C GLU A 55 30.61 -9.93 0.74
N SER A 56 31.29 -10.14 -0.38
CA SER A 56 32.69 -9.79 -0.46
C SER A 56 32.85 -8.27 -0.30
N ARG A 57 33.95 -7.87 0.32
CA ARG A 57 34.30 -6.46 0.50
C ARG A 57 35.81 -6.28 0.59
N ILE A 58 36.25 -5.12 0.13
CA ILE A 58 37.62 -4.69 0.18
C ILE A 58 37.68 -3.51 1.14
N GLY A 59 38.78 -3.45 1.90
CA GLY A 59 39.05 -2.33 2.79
C GLY A 59 40.48 -1.87 2.71
N PHE A 60 40.69 -0.67 3.23
CA PHE A 60 42.00 -0.04 3.37
C PHE A 60 42.12 0.36 4.84
N ARG A 61 43.31 0.17 5.41
CA ARG A 61 43.56 0.61 6.77
C ARG A 61 45.03 0.92 6.97
N GLY A 62 45.30 1.67 8.04
CA GLY A 62 46.66 1.98 8.38
C GLY A 62 46.74 2.72 9.69
N LYS A 63 47.99 3.00 10.06
CA LYS A 63 48.32 3.72 11.27
C LYS A 63 49.40 4.73 10.98
N LYS A 64 49.55 5.68 11.87
CA LYS A 64 50.64 6.65 11.79
C LYS A 64 51.02 7.13 13.18
N GLN A 65 52.31 7.06 13.50
CA GLN A 65 52.85 7.67 14.70
C GLN A 65 53.16 9.12 14.36
N PHE A 66 52.29 10.05 14.75
CA PHE A 66 52.56 11.47 14.51
C PHE A 66 53.76 11.89 15.35
N ALA A 67 54.65 12.69 14.78
CA ALA A 67 55.82 13.17 15.49
C ALA A 67 55.47 13.91 16.77
N ASN A 68 54.36 14.63 16.81
CA ASN A 68 54.08 15.48 17.96
C ASN A 68 52.90 15.02 18.83
N PHE A 69 52.53 13.75 18.80
CA PHE A 69 51.43 13.26 19.61
C PHE A 69 51.66 11.78 19.89
N GLU A 70 51.67 11.40 21.15
CA GLU A 70 52.03 10.03 21.56
C GLU A 70 51.01 8.98 21.08
N PRO A 71 49.69 9.18 21.30
CA PRO A 71 48.72 8.14 20.89
C PRO A 71 48.75 7.91 19.38
N THR A 72 48.93 6.67 18.97
CA THR A 72 49.07 6.34 17.56
C THR A 72 47.77 6.61 16.82
N PHE A 73 47.87 7.28 15.67
CA PHE A 73 46.73 7.52 14.79
C PHE A 73 46.36 6.26 14.02
N ILE A 74 45.07 5.96 13.94
CA ILE A 74 44.57 4.81 13.20
C ILE A 74 43.43 5.23 12.28
N TRP A 75 43.28 4.51 11.18
CA TRP A 75 42.21 4.77 10.24
C TRP A 75 41.84 3.52 9.47
N GLN A 76 40.61 3.50 9.00
CA GLN A 76 40.11 2.44 8.19
C GLN A 76 39.01 2.96 7.28
N ILE A 77 38.96 2.41 6.06
CA ILE A 77 37.89 2.70 5.12
C ILE A 77 37.48 1.36 4.49
N GLU A 78 36.28 0.87 4.83
CA GLU A 78 35.87 -0.45 4.41
C GLU A 78 34.71 -0.34 3.43
N GLY A 79 34.85 -1.06 2.30
CA GLY A 79 33.77 -1.11 1.33
C GLY A 79 32.57 -1.92 1.76
N GLY A 80 31.44 -1.66 1.10
CA GLY A 80 30.24 -2.46 1.31
C GLY A 80 30.24 -3.81 0.58
N TYR A 81 29.19 -4.58 0.85
CA TYR A 81 28.99 -5.85 0.18
C TYR A 81 28.84 -5.61 -1.34
N VAL A 82 29.66 -6.28 -2.13
CA VAL A 82 29.69 -5.98 -3.57
C VAL A 82 28.47 -6.43 -4.37
N ASP A 83 27.76 -7.48 -3.93
CA ASP A 83 26.55 -7.91 -4.67
C ASP A 83 25.67 -8.84 -3.82
N PRO A 84 25.07 -8.28 -2.78
CA PRO A 84 24.25 -9.05 -1.89
C PRO A 84 22.99 -9.56 -2.58
N SER A 85 22.42 -10.61 -2.06
CA SER A 85 21.10 -11.05 -2.54
C SER A 85 20.07 -9.92 -2.26
N PHE A 86 19.05 -9.88 -3.09
CA PHE A 86 17.97 -8.90 -3.00
C PHE A 86 18.44 -7.46 -3.30
N GLY A 87 19.63 -7.29 -3.86
CA GLY A 87 20.22 -5.97 -4.08
C GLY A 87 20.97 -5.97 -5.39
N GLY A 88 21.28 -4.77 -5.87
CA GLY A 88 22.00 -4.59 -7.12
C GLY A 88 23.50 -4.63 -6.84
N GLU A 89 24.26 -4.64 -7.92
CA GLU A 89 25.69 -4.75 -7.87
C GLU A 89 26.37 -3.43 -7.49
N GLY A 90 27.52 -3.54 -6.85
CA GLY A 90 28.40 -2.38 -6.63
C GLY A 90 28.28 -1.82 -5.23
N ALA A 91 29.42 -1.51 -4.62
CA ALA A 91 29.44 -0.89 -3.31
C ALA A 91 30.49 0.22 -3.29
N GLY A 92 30.16 1.27 -2.58
CA GLY A 92 31.11 2.36 -2.35
C GLY A 92 32.11 2.02 -1.26
N LEU A 93 33.23 2.75 -1.27
CA LEU A 93 34.17 2.72 -0.16
C LEU A 93 33.60 3.51 0.99
N GLY A 94 33.66 2.97 2.18
CA GLY A 94 33.10 3.64 3.35
C GLY A 94 31.72 3.26 3.76
N GLU A 95 31.17 2.19 3.17
CA GLU A 95 29.87 1.71 3.59
C GLU A 95 29.91 0.85 4.85
N ARG A 96 31.04 0.19 5.12
CA ARG A 96 31.20 -0.61 6.34
C ARG A 96 32.07 0.16 7.31
N ASP A 97 32.68 -0.48 8.32
CA ASP A 97 33.34 0.27 9.37
C ASP A 97 34.44 1.17 8.78
N THR A 98 34.32 2.47 9.05
CA THR A 98 35.10 3.50 8.39
C THR A 98 35.28 4.62 9.39
N PHE A 99 36.52 4.86 9.79
CA PHE A 99 36.77 5.70 10.96
C PHE A 99 38.20 6.23 10.99
N VAL A 100 38.45 7.17 11.92
CA VAL A 100 39.77 7.55 12.32
C VAL A 100 39.81 7.35 13.83
N GLY A 101 40.98 7.34 14.39
CA GLY A 101 41.08 7.22 15.84
C GLY A 101 42.47 7.33 16.38
N PHE A 102 42.58 7.09 17.68
CA PHE A 102 43.84 7.06 18.37
C PHE A 102 43.86 5.91 19.35
N GLU A 103 45.06 5.41 19.62
CA GLU A 103 45.20 4.29 20.53
C GLU A 103 46.46 4.43 21.37
N SER A 104 46.38 3.87 22.57
CA SER A 104 47.48 3.87 23.53
C SER A 104 47.28 2.69 24.50
N ALA A 105 48.37 2.04 24.88
CA ALA A 105 48.33 0.80 25.67
C ALA A 105 47.49 0.94 26.94
N SER A 106 47.62 2.05 27.65
CA SER A 106 47.01 2.16 28.97
C SER A 106 45.50 2.45 28.90
N TRP A 107 44.99 3.00 27.79
CA TRP A 107 43.55 3.30 27.70
C TRP A 107 42.78 2.71 26.53
N GLY A 108 43.43 1.93 25.68
CA GLY A 108 42.77 1.20 24.63
C GLY A 108 42.70 2.05 23.34
N GLN A 109 41.50 2.26 22.82
CA GLN A 109 41.34 3.06 21.63
C GLN A 109 40.05 3.83 21.55
N VAL A 110 40.10 4.93 20.81
CA VAL A 110 38.94 5.75 20.56
C VAL A 110 38.83 5.89 19.05
N ARG A 111 37.63 5.69 18.53
CA ARG A 111 37.32 5.80 17.12
C ARG A 111 36.19 6.78 16.89
N LEU A 112 36.31 7.55 15.79
CA LEU A 112 35.31 8.48 15.35
C LEU A 112 34.96 8.10 13.94
N GLY A 113 33.66 7.99 13.67
CA GLY A 113 33.16 7.70 12.35
C GLY A 113 32.02 6.73 12.37
N ARG A 114 32.18 5.67 11.59
CA ARG A 114 31.13 4.67 11.32
C ARG A 114 31.60 3.34 11.87
N VAL A 115 30.97 2.90 12.96
CA VAL A 115 31.36 1.71 13.70
C VAL A 115 30.10 1.00 14.22
N LEU A 116 30.29 -0.18 14.78
CA LEU A 116 29.20 -0.90 15.42
C LEU A 116 28.91 -0.30 16.79
N THR A 117 27.64 -0.23 17.18
CA THR A 117 27.31 0.12 18.57
C THR A 117 27.69 -1.06 19.49
N PRO A 118 27.99 -0.78 20.77
CA PRO A 118 28.35 -1.83 21.72
C PRO A 118 27.28 -2.93 21.81
N MSE A 119 26.00 -2.54 21.81
CA MSE A 119 24.87 -3.48 21.88
C MSE A 119 24.88 -4.29 20.61
O MSE A 119 24.81 -5.53 20.63
CB MSE A 119 23.59 -2.71 22.01
CG MSE A 119 22.28 -3.45 21.70
SE MSE A 119 21.90 -4.82 23.05
CE MSE A 119 21.59 -3.59 24.54
N TYR A 120 24.93 -3.59 19.46
CA TYR A 120 24.78 -4.29 18.19
C TYR A 120 25.89 -5.32 17.99
N GLU A 121 27.10 -4.98 18.41
CA GLU A 121 28.20 -5.90 18.22
C GLU A 121 27.91 -7.29 18.84
N LEU A 122 27.32 -7.28 20.06
CA LEU A 122 26.94 -8.50 20.75
C LEU A 122 25.71 -9.21 20.17
N VAL A 123 24.74 -8.42 19.70
CA VAL A 123 23.55 -8.95 19.04
C VAL A 123 23.95 -9.71 17.75
N ASP A 124 24.87 -9.12 16.99
CA ASP A 124 25.40 -9.74 15.79
C ASP A 124 26.26 -10.96 16.08
N TRP A 125 27.25 -10.81 16.94
CA TRP A 125 28.16 -11.90 17.25
C TRP A 125 28.28 -12.03 18.78
N PRO A 126 27.92 -13.18 19.37
CA PRO A 126 27.64 -14.46 18.69
C PRO A 126 26.20 -14.65 18.18
N ALA A 127 25.28 -13.78 18.61
CA ALA A 127 23.90 -14.17 18.74
C ALA A 127 23.03 -14.13 17.50
N SER A 128 23.53 -13.66 16.36
CA SER A 128 22.76 -13.69 15.13
C SER A 128 23.24 -14.82 14.20
N ASN A 129 24.21 -15.60 14.65
CA ASN A 129 24.82 -16.60 13.80
C ASN A 129 24.37 -18.00 14.26
N PRO A 130 23.90 -18.89 13.35
CA PRO A 130 23.95 -18.76 11.88
C PRO A 130 22.55 -18.49 11.30
N GLY A 131 22.39 -17.33 10.70
CA GLY A 131 21.12 -16.97 10.06
C GLY A 131 19.98 -16.67 11.02
N LEU A 132 20.31 -16.26 12.23
CA LEU A 132 19.31 -15.95 13.26
C LEU A 132 18.89 -14.49 13.22
N GLY A 133 19.49 -13.72 12.29
CA GLY A 133 19.36 -12.30 12.25
C GLY A 133 17.97 -11.77 11.93
N ASP A 134 17.20 -12.43 11.06
CA ASP A 134 15.86 -11.94 10.74
C ASP A 134 14.99 -11.86 11.99
N VAL A 135 15.27 -12.73 12.96
CA VAL A 135 14.58 -12.68 14.24
C VAL A 135 15.32 -11.76 15.22
N TYR A 136 16.59 -12.04 15.46
CA TYR A 136 17.26 -11.45 16.65
C TYR A 136 18.01 -10.14 16.37
N ASP A 137 18.36 -9.88 15.10
CA ASP A 137 19.16 -8.69 14.76
C ASP A 137 18.20 -7.55 14.45
N TRP A 138 17.57 -7.58 13.28
CA TRP A 138 16.67 -6.51 12.91
C TRP A 138 15.20 -6.95 13.03
N GLY A 139 14.95 -8.17 13.48
CA GLY A 139 13.60 -8.57 13.77
C GLY A 139 13.09 -7.94 15.07
N GLY A 140 11.81 -8.12 15.31
CA GLY A 140 11.14 -7.57 16.48
C GLY A 140 10.07 -6.57 16.05
N ALA A 141 9.18 -6.27 16.96
CA ALA A 141 7.97 -5.54 16.68
C ALA A 141 7.87 -4.22 17.42
N ILE A 142 8.88 -3.86 18.20
CA ILE A 142 8.76 -2.70 19.09
C ILE A 142 8.88 -1.39 18.30
N GLY A 143 8.16 -0.34 18.73
CA GLY A 143 8.25 0.95 18.07
C GLY A 143 9.55 1.69 18.39
N GLY A 144 9.76 2.78 17.69
CA GLY A 144 10.97 3.58 17.87
C GLY A 144 12.18 2.89 17.27
N ALA A 145 13.31 2.93 17.96
CA ALA A 145 14.53 2.31 17.49
C ALA A 145 15.14 1.51 18.62
N LYS A 146 14.99 0.20 18.54
CA LYS A 146 15.50 -0.64 19.62
C LYS A 146 17.01 -0.45 19.87
N TYR A 147 17.75 -0.29 18.77
CA TYR A 147 19.18 0.01 18.80
C TYR A 147 19.60 0.33 17.38
N GLN A 148 20.70 1.04 17.24
CA GLN A 148 21.32 1.22 15.93
C GLN A 148 22.21 0.00 15.70
N ASP A 149 22.75 -0.14 14.49
CA ASP A 149 23.61 -1.26 14.20
C ASP A 149 25.04 -0.83 13.86
N ARG A 150 25.33 -0.63 12.58
CA ARG A 150 26.54 0.07 12.15
C ARG A 150 26.08 1.49 11.88
N GLN A 151 26.71 2.45 12.56
CA GLN A 151 26.19 3.82 12.59
C GLN A 151 27.32 4.84 12.38
N SER A 152 27.04 5.79 11.49
CA SER A 152 27.93 6.93 11.23
C SER A 152 27.76 7.96 12.35
N ASN A 153 28.64 8.97 12.38
CA ASN A 153 28.55 10.03 13.35
C ASN A 153 28.65 9.53 14.81
N THR A 154 29.57 8.59 15.02
CA THR A 154 29.73 7.90 16.30
C THR A 154 31.11 8.12 16.85
N ILE A 155 31.19 8.25 18.19
CA ILE A 155 32.45 8.13 18.89
C ILE A 155 32.36 6.89 19.78
N ARG A 156 33.39 6.05 19.73
CA ARG A 156 33.40 4.81 20.48
C ARG A 156 34.75 4.58 21.11
N TRP A 157 34.70 4.23 22.40
CA TRP A 157 35.87 3.85 23.15
C TRP A 157 35.84 2.34 23.36
N ASP A 158 36.97 1.68 23.11
CA ASP A 158 37.21 0.30 23.49
C ASP A 158 38.33 0.28 24.49
N SER A 159 38.03 -0.15 25.72
CA SER A 159 39.00 -0.22 26.77
C SER A 159 40.03 -1.31 26.49
N PRO A 160 41.17 -1.26 27.16
CA PRO A 160 41.98 -2.47 27.22
C PRO A 160 41.28 -3.63 27.99
N MSE A 161 41.87 -4.82 27.89
CA MSE A 161 41.52 -5.94 28.75
C MSE A 161 42.10 -5.79 30.13
O MSE A 161 43.20 -6.23 30.37
CB MSE A 161 42.10 -7.18 28.06
CG MSE A 161 41.75 -8.45 28.82
SE MSE A 161 39.88 -8.84 28.40
CE MSE A 161 40.43 -10.22 27.09
N TYR A 162 41.35 -5.22 31.06
CA TYR A 162 41.84 -5.00 32.40
C TYR A 162 42.02 -6.33 33.17
N ALA A 163 43.20 -6.49 33.77
CA ALA A 163 43.59 -7.71 34.53
C ALA A 163 43.38 -8.98 33.73
N ASP A 164 43.57 -8.90 32.41
CA ASP A 164 43.30 -10.02 31.49
C ASP A 164 41.87 -10.60 31.55
N LYS A 165 40.93 -9.86 32.14
CA LYS A 165 39.57 -10.39 32.39
C LYS A 165 38.41 -9.54 31.90
N PHE A 166 38.52 -8.22 32.06
CA PHE A 166 37.39 -7.34 31.96
C PHE A 166 37.63 -6.26 30.91
N SER A 167 36.65 -6.04 30.02
CA SER A 167 36.73 -4.94 29.07
C SER A 167 35.37 -4.26 28.90
N ILE A 168 35.43 -3.02 28.41
CA ILE A 168 34.27 -2.16 28.24
C ILE A 168 34.30 -1.54 26.83
N ASP A 169 33.14 -1.45 26.21
CA ASP A 169 32.96 -0.75 24.92
C ASP A 169 31.89 0.30 25.19
N ALA A 170 32.15 1.56 24.89
CA ALA A 170 31.18 2.62 25.14
C ALA A 170 31.12 3.58 23.95
N ALA A 171 29.95 4.09 23.65
CA ALA A 171 29.79 4.94 22.49
C ALA A 171 28.60 5.86 22.60
N VAL A 172 28.68 6.98 21.87
CA VAL A 172 27.54 7.83 21.67
C VAL A 172 27.59 8.26 20.23
N GLY A 173 26.43 8.57 19.68
CA GLY A 173 26.38 9.02 18.29
C GLY A 173 25.10 9.72 17.89
N ALA A 174 25.13 10.31 16.70
CA ALA A 174 23.94 10.85 16.08
C ALA A 174 23.05 9.77 15.49
N GLY A 175 21.76 10.04 15.47
CA GLY A 175 20.81 9.15 14.86
C GLY A 175 20.78 9.25 13.33
N ASP A 176 19.88 8.48 12.72
CA ASP A 176 19.74 8.42 11.27
C ASP A 176 19.28 9.71 10.64
N LYS A 177 18.30 10.38 11.24
CA LYS A 177 17.84 11.65 10.69
C LYS A 177 18.85 12.78 10.92
N ALA A 178 19.43 12.79 12.11
CA ALA A 178 20.47 13.78 12.47
C ALA A 178 21.65 13.76 11.51
N GLY A 179 22.03 12.57 11.03
CA GLY A 179 23.10 12.42 10.05
C GLY A 179 22.83 13.06 8.68
N LEU A 180 21.56 13.38 8.39
CA LEU A 180 21.19 14.07 7.17
C LEU A 180 20.74 15.49 7.44
N GLY A 181 20.90 15.98 8.68
CA GLY A 181 20.37 17.30 9.04
C GLY A 181 18.84 17.37 9.02
N ALA A 182 18.19 16.22 9.30
CA ALA A 182 16.75 16.07 9.18
C ALA A 182 16.11 15.70 10.51
N GLY A 183 16.83 15.80 11.62
CA GLY A 183 16.30 15.45 12.91
C GLY A 183 17.34 15.69 13.98
N ASP A 184 17.00 15.31 15.20
CA ASP A 184 17.86 15.49 16.35
C ASP A 184 17.93 14.23 17.21
N ASP A 185 17.75 13.10 16.53
CA ASP A 185 17.90 11.80 17.16
C ASP A 185 19.37 11.57 17.56
N TYR A 186 19.54 10.78 18.61
CA TYR A 186 20.86 10.40 19.11
C TYR A 186 20.74 9.19 19.98
N TRP A 187 21.89 8.64 20.36
CA TRP A 187 21.92 7.41 21.15
C TRP A 187 23.22 7.30 21.92
N GLY A 188 23.18 6.48 22.97
CA GLY A 188 24.37 6.16 23.72
C GLY A 188 24.30 4.70 24.16
N GLY A 189 25.44 4.06 24.28
CA GLY A 189 25.44 2.65 24.65
C GLY A 189 26.72 2.21 25.28
N ILE A 190 26.64 1.07 25.94
CA ILE A 190 27.80 0.53 26.65
C ILE A 190 27.68 -0.98 26.76
N ALA A 191 28.81 -1.68 26.69
CA ALA A 191 28.87 -3.13 26.89
C ALA A 191 30.08 -3.46 27.74
N ALA A 192 29.98 -4.55 28.50
CA ALA A 192 31.04 -5.02 29.34
C ALA A 192 31.14 -6.52 29.15
N HIS A 193 32.37 -7.03 29.31
CA HIS A 193 32.69 -8.42 29.05
C HIS A 193 33.62 -8.87 30.16
N TYR A 194 33.34 -10.04 30.74
CA TYR A 194 34.11 -10.56 31.85
C TYR A 194 34.44 -12.04 31.64
N LYS A 195 35.72 -12.36 31.71
CA LYS A 195 36.22 -13.71 31.40
C LYS A 195 36.26 -14.44 32.79
N LEU A 196 35.64 -15.61 32.83
CA LEU A 196 35.59 -16.44 34.04
C LEU A 196 35.76 -17.91 33.73
N GLY A 197 37.00 -18.39 33.88
CA GLY A 197 37.40 -19.73 33.40
C GLY A 197 37.08 -19.90 31.90
N PRO A 198 36.26 -20.91 31.50
CA PRO A 198 35.89 -21.15 30.07
C PRO A 198 34.73 -20.30 29.60
N LEU A 199 34.30 -19.33 30.41
CA LEU A 199 33.14 -18.51 30.08
C LEU A 199 33.51 -17.07 29.85
N GLN A 200 32.67 -16.40 29.08
CA GLN A 200 32.64 -14.97 29.03
C GLN A 200 31.22 -14.55 29.36
N LEU A 201 31.09 -13.61 30.30
CA LEU A 201 29.82 -12.99 30.61
C LEU A 201 29.74 -11.64 29.92
N ASP A 202 28.59 -11.35 29.31
CA ASP A 202 28.37 -10.15 28.54
C ASP A 202 27.17 -9.38 29.11
N ALA A 203 27.25 -8.06 29.07
CA ALA A 203 26.11 -7.22 29.36
C ALA A 203 26.18 -5.99 28.50
N ALA A 204 25.02 -5.51 28.04
CA ALA A 204 25.00 -4.31 27.22
C ALA A 204 23.72 -3.51 27.39
N TYR A 205 23.82 -2.25 27.00
CA TYR A 205 22.73 -1.28 27.07
C TYR A 205 22.81 -0.37 25.86
N GLU A 206 21.66 0.03 25.36
CA GLU A 206 21.58 1.16 24.44
C GLU A 206 20.32 1.96 24.67
N GLY A 207 20.47 3.27 24.67
CA GLY A 207 19.36 4.20 24.79
C GLY A 207 19.32 5.06 23.56
N ASN A 208 18.18 5.05 22.87
CA ASN A 208 17.92 5.92 21.74
C ASN A 208 16.89 6.99 22.11
N ARG A 209 17.13 8.21 21.61
CA ARG A 209 16.38 9.39 22.00
C ARG A 209 15.97 10.19 20.78
N ASN A 210 14.86 10.91 20.92
CA ASN A 210 14.38 11.80 19.89
C ASN A 210 14.12 11.06 18.56
N ILE A 211 13.66 9.81 18.66
CA ILE A 211 13.40 8.99 17.47
C ILE A 211 12.01 9.33 16.94
N GLU A 212 11.91 9.72 15.67
CA GLU A 212 10.64 10.13 15.11
C GLU A 212 10.04 9.00 14.28
N ALA A 213 8.86 8.52 14.66
CA ALA A 213 8.18 7.44 13.92
C ALA A 213 6.73 7.41 14.32
N GLU A 214 5.86 7.09 13.35
CA GLU A 214 4.46 6.86 13.61
C GLU A 214 3.78 8.04 14.23
N GLY A 215 4.27 9.23 13.92
CA GLY A 215 3.69 10.46 14.44
C GLY A 215 4.11 10.83 15.85
N GLN A 216 5.06 10.08 16.42
CA GLN A 216 5.52 10.30 17.78
C GLN A 216 7.03 10.55 17.78
N THR A 217 7.49 11.07 18.91
CA THR A 217 8.88 10.99 19.32
C THR A 217 9.03 9.93 20.38
N TRP A 218 10.03 9.07 20.20
CA TRP A 218 10.23 7.90 21.04
C TRP A 218 11.56 7.95 21.79
N GLU A 219 11.56 7.32 22.95
CA GLU A 219 12.78 6.93 23.65
C GLU A 219 12.78 5.43 23.81
N ASN A 220 13.87 4.80 23.41
CA ASN A 220 14.08 3.36 23.55
C ASN A 220 15.22 3.07 24.53
N ASN A 221 15.02 2.03 25.32
CA ASN A 221 16.04 1.50 26.21
C ASN A 221 16.05 0.00 26.02
N THR A 222 17.22 -0.51 25.64
CA THR A 222 17.41 -1.94 25.41
C THR A 222 18.57 -2.46 26.28
N TYR A 223 18.34 -3.62 26.89
CA TYR A 223 19.27 -4.23 27.83
C TYR A 223 19.52 -5.65 27.38
N LEU A 224 20.76 -6.12 27.57
CA LEU A 224 21.14 -7.45 27.15
C LEU A 224 22.07 -8.09 28.14
N VAL A 225 21.84 -9.37 28.45
CA VAL A 225 22.78 -10.16 29.23
C VAL A 225 23.04 -11.45 28.49
N GLY A 226 24.26 -11.95 28.60
CA GLY A 226 24.67 -13.12 27.82
C GLY A 226 25.83 -13.87 28.39
N VAL A 227 25.99 -15.08 27.88
CA VAL A 227 27.10 -15.94 28.24
C VAL A 227 27.61 -16.62 26.98
N GLN A 228 28.92 -16.86 26.96
CA GLN A 228 29.57 -17.64 25.92
C GLN A 228 30.49 -18.59 26.64
N GLY A 229 30.55 -19.82 26.15
CA GLY A 229 31.43 -20.81 26.73
C GLY A 229 32.18 -21.61 25.68
N TRP A 230 33.40 -22.00 26.02
CA TRP A 230 34.24 -22.84 25.17
C TRP A 230 34.93 -23.85 26.05
N PHE A 231 34.66 -25.14 25.82
CA PHE A 231 35.21 -26.23 26.62
C PHE A 231 36.18 -27.09 25.81
N GLU A 232 37.09 -27.73 26.53
CA GLU A 232 38.18 -28.49 25.92
C GLU A 232 37.73 -29.75 25.21
N ASN A 233 36.56 -30.28 25.55
CA ASN A 233 36.00 -31.41 24.82
C ASN A 233 35.37 -31.07 23.44
N GLY A 234 35.48 -29.83 22.98
CA GLY A 234 34.97 -29.42 21.67
C GLY A 234 33.58 -28.80 21.68
N ILE A 235 32.92 -28.80 22.85
CA ILE A 235 31.63 -28.14 22.96
C ILE A 235 31.83 -26.65 23.24
N SER A 236 31.11 -25.81 22.51
CA SER A 236 30.99 -24.39 22.82
C SER A 236 29.51 -23.96 22.68
N PHE A 237 29.18 -22.83 23.26
CA PHE A 237 27.80 -22.36 23.23
C PHE A 237 27.72 -20.87 23.51
N PHE A 238 26.54 -20.32 23.25
CA PHE A 238 26.17 -19.00 23.72
C PHE A 238 24.69 -18.97 24.06
N ALA A 239 24.32 -18.00 24.89
CA ALA A 239 22.92 -17.72 25.21
C ALA A 239 22.79 -16.27 25.63
N GLN A 240 21.75 -15.62 25.15
CA GLN A 240 21.47 -14.22 25.47
C GLN A 240 20.01 -14.01 25.74
N TYR A 241 19.74 -13.04 26.60
CA TYR A 241 18.41 -12.49 26.85
C TYR A 241 18.45 -11.00 26.61
N LYS A 242 17.45 -10.49 25.91
CA LYS A 242 17.42 -9.12 25.44
C LYS A 242 16.04 -8.53 25.78
N TYR A 243 16.04 -7.39 26.47
CA TYR A 243 14.83 -6.73 26.92
C TYR A 243 14.75 -5.37 26.28
N MSE A 244 13.63 -5.08 25.59
CA MSE A 244 13.45 -3.82 24.83
C MSE A 244 12.25 -3.10 25.37
O MSE A 244 11.17 -3.68 25.58
CB MSE A 244 13.25 -4.11 23.33
CG MSE A 244 14.51 -4.74 22.78
SE MSE A 244 14.20 -5.61 21.02
CE MSE A 244 13.41 -7.27 21.67
N GLU A 245 12.45 -1.83 25.69
CA GLU A 245 11.38 -0.97 26.15
C GLU A 245 11.34 0.30 25.28
N ALA A 246 10.15 0.84 25.09
CA ALA A 246 9.96 2.03 24.31
C ALA A 246 8.84 2.87 24.86
N ASP A 247 9.05 4.20 24.87
CA ASP A 247 8.05 5.14 25.36
C ASP A 247 7.84 6.21 24.31
N ALA A 248 6.60 6.41 23.93
CA ALA A 248 6.26 7.40 22.89
C ALA A 248 5.81 8.69 23.56
N SER A 249 5.95 9.79 22.85
CA SER A 249 5.58 11.12 23.34
C SER A 249 4.08 11.29 23.62
N ASN A 250 3.22 10.44 23.05
CA ASN A 250 1.81 10.42 23.45
C ASN A 250 1.51 9.62 24.77
N GLY A 251 2.52 9.08 25.43
CA GLY A 251 2.33 8.34 26.70
C GLY A 251 2.34 6.81 26.56
N VAL A 252 2.29 6.30 25.32
CA VAL A 252 2.24 4.85 25.12
C VAL A 252 3.57 4.21 25.52
N ASN A 253 3.49 3.11 26.24
CA ASN A 253 4.62 2.29 26.60
C ASN A 253 4.56 0.95 25.85
N GLU A 254 5.70 0.47 25.38
CA GLU A 254 5.80 -0.85 24.77
C GLU A 254 6.98 -1.61 25.34
N LYS A 255 6.83 -2.94 25.40
CA LYS A 255 7.88 -3.82 25.85
C LYS A 255 7.89 -5.07 25.02
N GLN A 256 9.06 -5.55 24.70
CA GLN A 256 9.21 -6.85 24.08
C GLN A 256 10.55 -7.42 24.49
N ASP A 257 10.58 -8.71 24.76
CA ASP A 257 11.86 -9.37 25.03
C ASP A 257 12.13 -10.51 24.04
N ALA A 258 13.35 -11.05 24.13
CA ALA A 258 13.86 -11.96 23.15
C ALA A 258 15.00 -12.77 23.73
N MSE A 259 15.35 -13.83 23.04
CA MSE A 259 16.52 -14.63 23.41
C MSE A 259 17.15 -15.22 22.17
O MSE A 259 16.52 -15.29 21.11
CB MSE A 259 16.10 -15.71 24.40
CG MSE A 259 15.02 -16.51 23.72
SE MSE A 259 15.73 -18.13 22.85
CE MSE A 259 17.22 -18.93 23.85
N SER A 260 18.38 -15.67 22.32
CA SER A 260 19.09 -16.35 21.29
C SER A 260 20.05 -17.30 21.95
N ALA A 261 20.22 -18.49 21.37
CA ALA A 261 21.15 -19.47 21.88
C ALA A 261 21.74 -20.29 20.75
N GLY A 262 22.92 -20.82 20.99
CA GLY A 262 23.58 -21.67 20.02
C GLY A 262 24.45 -22.71 20.71
N LEU A 263 24.55 -23.87 20.07
CA LEU A 263 25.35 -24.96 20.55
C LEU A 263 26.25 -25.43 19.42
N MSE A 264 27.53 -25.61 19.71
CA MSE A 264 28.50 -26.00 18.71
C MSE A 264 29.32 -27.17 19.17
O MSE A 264 29.60 -27.33 20.38
CB MSE A 264 29.46 -24.85 18.42
CG MSE A 264 28.80 -23.76 17.60
SE MSE A 264 29.73 -22.06 17.77
CE MSE A 264 28.91 -21.73 19.57
N TYR A 265 29.66 -28.04 18.23
CA TYR A 265 30.59 -29.14 18.49
C TYR A 265 31.67 -29.10 17.39
N THR A 266 32.92 -28.94 17.83
CA THR A 266 34.05 -28.80 16.94
C THR A 266 34.91 -30.02 17.12
N THR A 267 35.20 -30.68 16.01
CA THR A 267 36.05 -31.87 16.01
C THR A 267 36.88 -31.84 14.71
N GLY A 268 38.20 -31.88 14.87
CA GLY A 268 39.15 -31.76 13.76
C GLY A 268 38.84 -30.51 12.94
N ASP A 269 38.57 -30.68 11.65
CA ASP A 269 38.32 -29.54 10.78
C ASP A 269 36.83 -29.21 10.60
N TRP A 270 35.97 -29.70 11.49
CA TRP A 270 34.53 -29.54 11.35
C TRP A 270 33.93 -28.84 12.55
N GLN A 271 32.95 -27.98 12.30
CA GLN A 271 32.08 -27.46 13.34
C GLN A 271 30.61 -27.69 13.00
N TYR A 272 29.90 -28.38 13.89
CA TYR A 272 28.47 -28.56 13.83
C TYR A 272 27.82 -27.50 14.70
N LYS A 273 26.72 -26.89 14.25
CA LYS A 273 26.09 -25.82 14.98
C LYS A 273 24.58 -25.87 14.87
N LEU A 274 23.91 -25.67 16.01
CA LEU A 274 22.46 -25.46 16.10
C LEU A 274 22.21 -24.11 16.74
N GLY A 275 21.31 -23.33 16.16
CA GLY A 275 20.93 -22.02 16.65
C GLY A 275 19.42 -21.88 16.78
N TYR A 276 18.99 -21.09 17.76
CA TYR A 276 17.59 -20.80 17.98
C TYR A 276 17.47 -19.39 18.52
N ALA A 277 16.54 -18.62 17.97
CA ALA A 277 16.25 -17.30 18.54
C ALA A 277 14.77 -17.06 18.49
N ALA A 278 14.28 -16.28 19.45
CA ALA A 278 12.85 -15.93 19.52
C ALA A 278 12.63 -14.52 20.02
N ASN A 279 11.63 -13.84 19.45
CA ASN A 279 11.05 -12.65 20.02
C ASN A 279 9.73 -13.05 20.63
N PHE A 280 9.48 -12.66 21.88
CA PHE A 280 8.24 -13.02 22.55
C PHE A 280 7.18 -12.01 22.17
N ASP A 281 5.94 -12.23 22.56
CA ASP A 281 4.87 -11.30 22.21
C ASP A 281 5.15 -9.92 22.77
N LEU A 282 4.85 -8.92 21.96
CA LEU A 282 4.95 -7.55 22.37
C LEU A 282 3.79 -7.17 23.29
N GLU A 283 4.10 -6.29 24.25
CA GLU A 283 3.14 -5.71 25.17
C GLU A 283 3.05 -4.22 24.92
N ARG A 284 1.84 -3.71 24.83
CA ARG A 284 1.58 -2.29 24.67
C ARG A 284 0.65 -1.81 25.76
N ASP A 285 1.10 -0.81 26.52
CA ASP A 285 0.37 -0.32 27.69
C ASP A 285 -0.16 -1.46 28.59
N GLY A 286 0.71 -2.41 28.88
CA GLY A 286 0.35 -3.52 29.78
C GLY A 286 -0.48 -4.65 29.16
N LYS A 287 -0.80 -4.58 27.88
CA LYS A 287 -1.62 -5.60 27.21
C LYS A 287 -0.82 -6.32 26.16
N THR A 288 -0.86 -7.65 26.20
CA THR A 288 -0.15 -8.47 25.25
C THR A 288 -0.84 -8.40 23.89
N LEU A 289 -0.07 -8.17 22.84
CA LEU A 289 -0.56 -8.25 21.47
C LEU A 289 -0.35 -9.68 20.98
N SER A 290 -1.44 -10.40 20.75
CA SER A 290 -1.32 -11.82 20.42
C SER A 290 -0.64 -12.03 19.04
N ASN A 291 0.11 -13.13 18.94
CA ASN A 291 0.77 -13.55 17.73
C ASN A 291 1.75 -12.54 17.19
N THR A 292 2.43 -11.82 18.08
CA THR A 292 3.47 -10.90 17.70
C THR A 292 4.89 -11.44 17.92
N SER A 293 4.98 -12.71 18.25
CA SER A 293 6.27 -13.37 18.43
C SER A 293 6.88 -13.80 17.08
N ASP A 294 8.16 -14.10 17.11
CA ASP A 294 8.89 -14.71 15.98
C ASP A 294 9.80 -15.79 16.53
N ASP A 295 10.11 -16.80 15.73
CA ASP A 295 11.30 -17.58 16.02
C ASP A 295 11.97 -18.18 14.79
N VAL A 296 13.19 -18.64 15.03
CA VAL A 296 14.03 -19.23 14.00
C VAL A 296 14.86 -20.36 14.59
N VAL A 297 14.93 -21.46 13.84
CA VAL A 297 15.83 -22.53 14.14
C VAL A 297 16.76 -22.70 12.94
N SER A 298 18.03 -22.95 13.22
CA SER A 298 19.05 -23.07 12.20
C SER A 298 20.05 -24.18 12.52
N ALA A 299 20.50 -24.89 11.48
CA ALA A 299 21.52 -25.90 11.60
C ALA A 299 22.61 -25.62 10.56
N GLN A 300 23.87 -25.83 10.95
CA GLN A 300 24.99 -25.59 10.09
C GLN A 300 26.10 -26.60 10.30
N ILE A 301 26.74 -26.97 9.19
CA ILE A 301 27.98 -27.71 9.20
C ILE A 301 29.01 -26.82 8.51
N MSE A 302 30.14 -26.64 9.16
CA MSE A 302 31.22 -25.81 8.64
C MSE A 302 32.49 -26.62 8.58
O MSE A 302 32.80 -27.42 9.50
CB MSE A 302 31.33 -24.56 9.52
CG MSE A 302 32.50 -23.67 9.15
SE MSE A 302 32.28 -21.88 9.98
CE MSE A 302 32.43 -22.38 11.82
N TYR A 303 33.24 -26.44 7.50
CA TYR A 303 34.51 -27.10 7.27
C TYR A 303 35.61 -26.08 7.23
N PHE A 304 36.65 -26.31 8.02
CA PHE A 304 37.81 -25.40 8.09
C PHE A 304 38.75 -25.80 6.95
N VAL A 305 38.38 -25.28 5.77
CA VAL A 305 39.04 -25.66 4.52
C VAL A 305 40.48 -25.13 4.42
N ASP A 306 40.78 -24.08 5.19
CA ASP A 306 42.12 -23.50 5.24
C ASP A 306 42.20 -22.69 6.53
N PRO A 307 43.42 -22.39 7.03
CA PRO A 307 43.46 -21.41 8.15
C PRO A 307 42.83 -20.06 7.84
N SER A 308 42.75 -19.67 6.56
CA SER A 308 42.09 -18.44 6.15
C SER A 308 40.67 -18.52 5.67
N ALA A 309 40.08 -19.71 5.66
CA ALA A 309 38.79 -19.85 4.99
C ALA A 309 37.94 -20.95 5.54
N VAL A 310 36.63 -20.81 5.32
CA VAL A 310 35.66 -21.85 5.67
C VAL A 310 34.71 -22.12 4.51
N LEU A 311 34.19 -23.35 4.47
CA LEU A 311 33.05 -23.72 3.67
C LEU A 311 31.93 -24.08 4.62
N TYR A 312 30.68 -23.82 4.26
CA TYR A 312 29.57 -24.22 5.11
C TYR A 312 28.32 -24.58 4.33
N ALA A 313 27.47 -25.35 4.99
CA ALA A 313 26.12 -25.64 4.55
C ALA A 313 25.17 -25.34 5.72
N ARG A 314 24.04 -24.74 5.39
CA ARG A 314 23.14 -24.20 6.40
C ARG A 314 21.67 -24.38 6.01
N ALA A 315 20.84 -24.72 6.98
CA ALA A 315 19.39 -24.84 6.79
C ALA A 315 18.69 -24.13 7.96
N ARG A 316 17.72 -23.28 7.65
CA ARG A 316 17.01 -22.53 8.68
C ARG A 316 15.55 -22.32 8.34
N MSE A 317 14.74 -22.17 9.39
CA MSE A 317 13.31 -22.02 9.26
C MSE A 317 12.89 -20.87 10.12
O MSE A 317 13.09 -20.90 11.35
CB MSE A 317 12.56 -23.26 9.77
CG MSE A 317 12.96 -24.51 9.04
SE MSE A 317 11.98 -26.10 9.75
CE MSE A 317 10.29 -25.20 10.27
N ASN A 318 12.31 -19.86 9.47
CA ASN A 318 11.81 -18.66 10.14
C ASN A 318 10.31 -18.67 10.22
N ASP A 319 9.79 -18.47 11.42
CA ASP A 319 8.35 -18.40 11.65
C ASP A 319 8.09 -17.05 12.32
N PHE A 320 7.57 -16.11 11.53
CA PHE A 320 7.38 -14.76 11.98
C PHE A 320 5.99 -14.48 12.53
N ASN A 321 5.90 -13.34 13.17
CA ASN A 321 4.64 -12.80 13.70
C ASN A 321 3.59 -12.62 12.63
N GLU A 322 2.35 -12.49 13.07
CA GLU A 322 1.21 -12.32 12.15
C GLU A 322 0.78 -10.85 11.96
N GLY A 323 1.62 -9.90 12.35
CA GLY A 323 1.38 -8.49 12.06
C GLY A 323 0.89 -7.70 13.26
N LEU A 324 1.15 -6.40 13.22
CA LEU A 324 0.57 -5.47 14.17
C LEU A 324 0.53 -4.07 13.56
N ASP A 325 -0.33 -3.23 14.12
CA ASP A 325 -0.35 -1.81 13.80
C ASP A 325 0.57 -1.03 14.71
N GLY A 326 1.09 0.06 14.18
CA GLY A 326 1.80 1.06 14.97
C GLY A 326 0.83 2.04 15.59
N LEU A 327 1.37 3.11 16.18
CA LEU A 327 0.54 4.09 16.87
C LEU A 327 -0.21 5.06 15.96
N ASP A 328 0.05 4.97 14.67
CA ASP A 328 -0.64 5.80 13.66
C ASP A 328 -1.74 5.02 12.93
N ASP A 329 -2.14 3.88 13.50
CA ASP A 329 -3.17 3.00 12.90
C ASP A 329 -2.84 2.42 11.52
N ALA A 330 -1.58 2.31 11.17
CA ALA A 330 -1.19 1.67 9.95
C ALA A 330 -0.31 0.50 10.38
N ALA A 331 -0.14 -0.46 9.49
CA ALA A 331 0.71 -1.62 9.76
C ALA A 331 2.12 -1.16 10.15
N ARG A 332 2.70 -1.76 11.17
CA ARG A 332 4.09 -1.52 11.50
C ARG A 332 4.94 -2.54 10.78
N TRP A 333 5.90 -2.09 10.00
CA TRP A 333 6.76 -3.02 9.28
C TRP A 333 7.64 -3.83 10.25
N THR A 334 7.76 -5.14 9.99
CA THR A 334 8.71 -5.99 10.68
C THR A 334 9.36 -6.93 9.71
N SER A 335 10.37 -7.66 10.18
CA SER A 335 11.02 -8.70 9.38
C SER A 335 10.05 -9.83 8.96
N GLY A 336 8.86 -9.89 9.57
CA GLY A 336 7.83 -10.83 9.18
C GLY A 336 6.88 -10.35 8.12
N THR A 337 6.95 -9.08 7.74
CA THR A 337 5.97 -8.51 6.82
C THR A 337 5.96 -9.29 5.49
N ASN A 338 7.12 -9.70 5.01
CA ASN A 338 7.20 -10.45 3.74
C ASN A 338 6.81 -11.93 3.83
N GLY A 339 6.61 -12.45 5.05
CA GLY A 339 6.12 -13.81 5.26
C GLY A 339 7.20 -14.76 5.77
N ASP A 340 6.73 -15.90 6.26
CA ASP A 340 7.60 -16.98 6.74
C ASP A 340 8.40 -17.57 5.57
N TYR A 341 9.61 -18.02 5.87
CA TYR A 341 10.37 -18.75 4.88
C TYR A 341 11.39 -19.67 5.49
N ASN A 342 11.74 -20.70 4.73
CA ASN A 342 12.88 -21.54 4.99
C ASN A 342 13.96 -21.26 3.97
N GLU A 343 15.19 -21.55 4.34
CA GLU A 343 16.35 -21.31 3.49
C GLU A 343 17.42 -22.40 3.62
N TYR A 344 17.88 -22.91 2.47
N TYR A 344 17.89 -22.87 2.48
CA TYR A 344 19.00 -23.86 2.35
CA TYR A 344 18.98 -23.82 2.38
C TYR A 344 20.10 -23.08 1.68
C TYR A 344 20.10 -23.09 1.67
N SER A 345 21.32 -23.16 2.21
CA SER A 345 22.44 -22.46 1.61
C SER A 345 23.76 -23.17 1.78
N VAL A 346 24.68 -22.82 0.89
CA VAL A 346 26.07 -23.20 1.01
C VAL A 346 26.90 -21.96 0.77
N GLY A 347 28.09 -21.91 1.34
CA GLY A 347 28.93 -20.73 1.16
C GLY A 347 30.38 -20.95 1.45
N VAL A 348 31.14 -19.90 1.13
CA VAL A 348 32.56 -19.84 1.34
C VAL A 348 32.90 -18.47 1.88
N GLU A 349 33.79 -18.40 2.87
CA GLU A 349 34.34 -17.13 3.31
C GLU A 349 35.85 -17.27 3.43
N TYR A 350 36.56 -16.30 2.88
CA TYR A 350 38.03 -16.27 2.85
C TYR A 350 38.51 -14.87 3.27
N TYR A 351 39.52 -14.82 4.14
CA TYR A 351 40.00 -13.57 4.75
C TYR A 351 41.43 -13.37 4.33
N PHE A 352 41.77 -12.16 3.92
CA PHE A 352 43.18 -11.79 3.70
C PHE A 352 43.44 -10.35 4.15
N GLU B 12 62.10 -11.33 -8.29
CA GLU B 12 61.36 -11.90 -7.13
C GLU B 12 61.07 -10.83 -6.04
N TYR B 13 62.09 -10.04 -5.66
CA TYR B 13 61.90 -8.92 -4.75
C TYR B 13 61.38 -7.69 -5.47
N LEU B 14 60.48 -6.96 -4.83
CA LEU B 14 59.78 -5.85 -5.48
C LEU B 14 60.48 -4.51 -5.28
N THR B 15 60.39 -3.65 -6.30
CA THR B 15 60.77 -2.23 -6.20
C THR B 15 59.56 -1.39 -6.53
N LYS B 16 59.71 -0.07 -6.37
CA LYS B 16 58.70 0.92 -6.80
C LYS B 16 58.27 0.68 -8.26
N ASP B 17 59.25 0.35 -9.10
CA ASP B 17 59.03 0.02 -10.51
C ASP B 17 58.29 -1.28 -10.79
N SER B 18 58.11 -2.14 -9.78
CA SER B 18 57.28 -3.32 -9.95
C SER B 18 55.78 -2.98 -10.11
N PHE B 19 55.35 -1.80 -9.68
CA PHE B 19 53.93 -1.44 -9.71
C PHE B 19 53.65 -0.42 -10.81
N SER B 20 52.47 -0.51 -11.42
CA SER B 20 52.02 0.46 -12.43
C SER B 20 51.01 1.45 -11.89
N TYR B 21 50.82 1.47 -10.57
CA TYR B 21 49.90 2.36 -9.94
C TYR B 21 50.43 2.67 -8.55
N GLU B 22 49.88 3.71 -7.97
CA GLU B 22 50.08 3.96 -6.56
C GLU B 22 48.75 4.34 -5.93
N VAL B 23 48.55 3.83 -4.72
CA VAL B 23 47.44 4.22 -3.90
C VAL B 23 47.86 5.42 -3.08
N TYR B 24 46.98 6.39 -2.99
CA TYR B 24 47.24 7.54 -2.13
C TYR B 24 45.94 7.84 -1.40
N GLY B 25 46.04 8.62 -0.35
CA GLY B 25 44.84 9.00 0.39
C GLY B 25 44.96 10.28 1.16
N ILE B 26 43.81 10.84 1.44
CA ILE B 26 43.68 11.93 2.40
C ILE B 26 42.68 11.44 3.44
N ILE B 27 43.15 11.33 4.66
CA ILE B 27 42.29 10.89 5.77
C ILE B 27 41.91 12.17 6.52
N ALA B 28 40.62 12.51 6.51
CA ALA B 28 40.15 13.79 6.99
C ALA B 28 38.88 13.58 7.77
N MSE B 29 38.90 13.97 9.03
CA MSE B 29 37.71 13.86 9.91
C MSE B 29 37.56 15.17 10.64
O MSE B 29 38.51 15.66 11.28
CB MSE B 29 37.90 12.74 10.94
CG MSE B 29 36.81 12.62 12.01
SE MSE B 29 35.11 12.18 11.14
CE MSE B 29 35.59 10.34 10.76
N GLN B 30 36.35 15.71 10.59
CA GLN B 30 35.98 16.93 11.31
C GLN B 30 34.75 16.64 12.19
N ALA B 31 34.82 16.96 13.48
CA ALA B 31 33.65 16.96 14.34
C ALA B 31 33.15 18.41 14.34
N ALA B 32 31.94 18.61 13.87
CA ALA B 32 31.37 19.95 13.64
C ALA B 32 30.01 20.10 14.29
N TYR B 33 29.89 21.11 15.17
CA TYR B 33 28.67 21.44 15.84
C TYR B 33 28.11 22.72 15.25
N ARG B 34 26.89 22.66 14.72
CA ARG B 34 26.27 23.84 14.13
C ARG B 34 25.09 24.33 14.94
N ASP B 35 24.97 25.65 15.05
CA ASP B 35 23.89 26.29 15.74
C ASP B 35 23.20 27.23 14.74
N TYR B 36 22.01 26.83 14.30
CA TYR B 36 21.23 27.58 13.31
C TYR B 36 20.28 28.55 13.96
N ASP B 37 20.00 29.62 13.23
CA ASP B 37 18.96 30.54 13.61
C ASP B 37 18.19 30.89 12.35
N SER B 38 17.37 29.96 11.93
CA SER B 38 16.64 30.09 10.70
C SER B 38 15.35 30.87 10.84
N GLY B 39 14.85 31.10 12.06
CA GLY B 39 13.46 31.54 12.26
C GLY B 39 12.44 30.41 12.49
N ASP B 40 12.84 29.15 12.31
CA ASP B 40 11.98 27.99 12.56
C ASP B 40 12.75 27.05 13.50
N ALA B 41 12.25 26.90 14.70
CA ALA B 41 12.93 26.17 15.77
C ALA B 41 13.18 24.68 15.40
N LYS B 42 12.20 24.07 14.73
CA LYS B 42 12.32 22.68 14.33
C LYS B 42 13.41 22.50 13.27
N GLN B 43 13.40 23.39 12.27
CA GLN B 43 14.44 23.39 11.26
C GLN B 43 15.83 23.60 11.92
N ASP B 44 15.92 24.48 12.92
CA ASP B 44 17.17 24.67 13.65
C ASP B 44 17.64 23.34 14.33
N ASP B 45 16.71 22.66 14.96
CA ASP B 45 17.01 21.37 15.63
C ASP B 45 17.47 20.37 14.61
N ASN B 46 16.83 20.36 13.44
CA ASN B 46 17.16 19.40 12.42
C ASN B 46 18.54 19.63 11.80
N LEU B 47 18.77 20.84 11.32
CA LEU B 47 20.01 21.15 10.64
C LEU B 47 21.19 21.26 11.58
N GLY B 48 20.95 21.71 12.80
CA GLY B 48 21.98 21.92 13.80
C GLY B 48 22.34 20.66 14.60
N GLY B 49 23.27 20.82 15.55
CA GLY B 49 23.80 19.73 16.35
C GLY B 49 25.13 19.25 15.83
N MSE B 50 25.60 18.17 16.44
CA MSE B 50 26.93 17.61 16.16
C MSE B 50 26.83 16.60 15.06
O MSE B 50 25.96 15.72 15.10
CB MSE B 50 27.48 16.95 17.42
CG MSE B 50 28.84 16.29 17.25
SE MSE B 50 30.25 17.70 17.19
CE MSE B 50 30.23 18.08 19.08
N GLN B 51 27.72 16.69 14.07
CA GLN B 51 27.94 15.61 13.14
C GLN B 51 29.42 15.36 13.00
N LEU B 52 29.74 14.20 12.43
CA LEU B 52 31.06 13.98 11.96
C LEU B 52 31.06 14.18 10.46
N ASN B 53 32.10 14.84 9.98
CA ASN B 53 32.25 15.08 8.57
C ASN B 53 33.50 14.35 8.13
N ASN B 54 33.31 13.13 7.62
CA ASN B 54 34.41 12.32 7.17
C ASN B 54 34.63 12.57 5.68
N GLU B 55 35.66 13.37 5.39
CA GLU B 55 36.07 13.69 4.03
C GLU B 55 37.23 12.84 3.54
N SER B 56 37.47 11.71 4.21
CA SER B 56 38.53 10.82 3.80
C SER B 56 38.21 10.28 2.38
N ARG B 57 39.28 10.09 1.61
CA ARG B 57 39.20 9.56 0.26
C ARG B 57 40.46 8.81 -0.11
N ILE B 58 40.28 7.82 -0.96
CA ILE B 58 41.34 6.99 -1.49
C ILE B 58 41.38 7.23 -3.00
N GLY B 59 42.59 7.29 -3.52
CA GLY B 59 42.81 7.43 -4.96
C GLY B 59 43.85 6.48 -5.48
N PHE B 60 43.84 6.34 -6.80
CA PHE B 60 44.81 5.55 -7.56
C PHE B 60 45.35 6.50 -8.63
N ARG B 61 46.65 6.42 -8.87
CA ARG B 61 47.25 7.20 -9.96
C ARG B 61 48.50 6.53 -10.49
N GLY B 62 48.92 6.97 -11.68
CA GLY B 62 50.12 6.42 -12.25
C GLY B 62 50.48 7.16 -13.52
N LYS B 63 51.61 6.74 -14.06
CA LYS B 63 52.14 7.23 -15.33
C LYS B 63 52.64 6.09 -16.16
N LYS B 64 52.79 6.35 -17.46
CA LYS B 64 53.38 5.37 -18.34
C LYS B 64 54.09 6.08 -19.48
N GLN B 65 55.35 5.71 -19.71
CA GLN B 65 56.07 6.16 -20.89
C GLN B 65 55.74 5.16 -21.99
N PHE B 66 54.86 5.55 -22.90
CA PHE B 66 54.55 4.69 -24.05
C PHE B 66 55.79 4.61 -24.96
N ALA B 67 56.09 3.42 -25.48
CA ALA B 67 57.25 3.24 -26.33
C ALA B 67 57.22 4.14 -27.55
N ASN B 68 56.03 4.44 -28.08
CA ASN B 68 55.94 5.14 -29.36
C ASN B 68 55.39 6.55 -29.29
N PHE B 69 55.48 7.19 -28.13
CA PHE B 69 55.00 8.55 -27.98
C PHE B 69 55.79 9.22 -26.85
N GLU B 70 56.37 10.38 -27.14
CA GLU B 70 57.29 11.03 -26.19
C GLU B 70 56.58 11.58 -24.95
N PRO B 71 55.48 12.35 -25.11
CA PRO B 71 54.79 12.86 -23.89
C PRO B 71 54.32 11.72 -22.98
N THR B 72 54.71 11.80 -21.71
CA THR B 72 54.36 10.76 -20.73
C THR B 72 52.86 10.73 -20.49
N PHE B 73 52.30 9.52 -20.51
CA PHE B 73 50.88 9.32 -20.18
C PHE B 73 50.69 9.38 -18.68
N ILE B 74 49.65 10.07 -18.24
CA ILE B 74 49.29 10.16 -16.83
C ILE B 74 47.81 9.84 -16.63
N TRP B 75 47.49 9.34 -15.43
CA TRP B 75 46.11 9.06 -15.11
C TRP B 75 45.91 9.10 -13.59
N GLN B 76 44.65 9.32 -13.22
CA GLN B 76 44.25 9.35 -11.82
C GLN B 76 42.78 8.99 -11.73
N ILE B 77 42.45 8.26 -10.67
CA ILE B 77 41.06 7.97 -10.33
C ILE B 77 40.92 8.19 -8.82
N GLU B 78 40.19 9.22 -8.44
CA GLU B 78 40.08 9.58 -7.01
C GLU B 78 38.67 9.35 -6.52
N GLY B 79 38.59 8.66 -5.38
CA GLY B 79 37.29 8.44 -4.74
C GLY B 79 36.70 9.71 -4.10
N GLY B 80 35.40 9.64 -3.85
CA GLY B 80 34.71 10.71 -3.14
C GLY B 80 34.87 10.65 -1.61
N TYR B 81 34.28 11.64 -0.96
CA TYR B 81 34.28 11.67 0.51
C TYR B 81 33.48 10.49 1.06
N VAL B 82 34.11 9.70 1.93
CA VAL B 82 33.49 8.44 2.34
C VAL B 82 32.27 8.59 3.26
N ASP B 83 32.17 9.69 4.03
CA ASP B 83 31.00 9.89 4.92
C ASP B 83 30.88 11.32 5.40
N PRO B 84 30.55 12.21 4.49
CA PRO B 84 30.48 13.60 4.81
C PRO B 84 29.28 13.89 5.71
N SER B 85 29.33 14.98 6.44
CA SER B 85 28.18 15.43 7.20
C SER B 85 27.04 15.74 6.20
N PHE B 86 25.81 15.59 6.68
CA PHE B 86 24.59 15.85 5.90
C PHE B 86 24.43 14.86 4.73
N GLY B 87 25.16 13.74 4.74
CA GLY B 87 25.12 12.77 3.65
C GLY B 87 25.27 11.36 4.21
N GLY B 88 24.95 10.39 3.37
CA GLY B 88 25.04 8.99 3.71
C GLY B 88 26.45 8.47 3.46
N GLU B 89 26.68 7.25 3.91
CA GLU B 89 27.96 6.61 3.82
C GLU B 89 28.26 6.09 2.42
N GLY B 90 29.54 6.05 2.08
CA GLY B 90 29.99 5.37 0.89
C GLY B 90 30.25 6.33 -0.27
N ALA B 91 31.36 6.12 -0.97
CA ALA B 91 31.68 6.89 -2.16
C ALA B 91 32.24 5.99 -3.24
N GLY B 92 31.91 6.31 -4.48
CA GLY B 92 32.44 5.61 -5.63
C GLY B 92 33.85 6.08 -5.98
N LEU B 93 34.54 5.25 -6.75
CA LEU B 93 35.80 5.66 -7.37
C LEU B 93 35.49 6.55 -8.55
N GLY B 94 36.19 7.66 -8.67
CA GLY B 94 35.94 8.59 -9.76
C GLY B 94 35.05 9.76 -9.46
N GLU B 95 34.69 9.98 -8.17
CA GLU B 95 33.88 11.12 -7.82
C GLU B 95 34.71 12.41 -7.70
N ARG B 96 35.99 12.29 -7.38
CA ARG B 96 36.86 13.47 -7.29
C ARG B 96 37.73 13.52 -8.55
N ASP B 97 38.85 14.24 -8.56
CA ASP B 97 39.59 14.45 -9.81
C ASP B 97 40.00 13.12 -10.42
N THR B 98 39.61 12.91 -11.68
CA THR B 98 39.68 11.61 -12.32
C THR B 98 39.86 11.89 -13.82
N PHE B 99 41.00 11.49 -14.34
CA PHE B 99 41.41 11.94 -15.66
C PHE B 99 42.47 11.06 -16.28
N VAL B 100 42.74 11.32 -17.57
CA VAL B 100 43.92 10.84 -18.24
C VAL B 100 44.60 12.06 -18.80
N GLY B 101 45.83 11.92 -19.22
CA GLY B 101 46.52 13.06 -19.82
C GLY B 101 47.89 12.75 -20.33
N PHE B 102 48.57 13.80 -20.76
CA PHE B 102 49.94 13.71 -21.20
C PHE B 102 50.71 14.91 -20.66
N GLU B 103 52.00 14.72 -20.50
CA GLU B 103 52.86 15.76 -19.99
C GLU B 103 54.22 15.74 -20.67
N SER B 104 54.79 16.93 -20.80
CA SER B 104 56.11 17.11 -21.37
C SER B 104 56.70 18.42 -20.81
N ALA B 105 58.00 18.44 -20.57
CA ALA B 105 58.69 19.56 -19.90
C ALA B 105 58.40 20.90 -20.54
N SER B 106 58.44 20.97 -21.86
CA SER B 106 58.38 22.25 -22.52
C SER B 106 56.96 22.83 -22.58
N TRP B 107 55.91 22.02 -22.46
CA TRP B 107 54.55 22.57 -22.52
C TRP B 107 53.60 22.23 -21.37
N GLY B 108 54.09 21.54 -20.34
CA GLY B 108 53.34 21.33 -19.12
C GLY B 108 52.51 20.04 -19.20
N GLN B 109 51.20 20.16 -19.00
CA GLN B 109 50.34 19.00 -19.08
C GLN B 109 48.96 19.30 -19.59
N VAL B 110 48.37 18.28 -20.18
CA VAL B 110 46.98 18.35 -20.62
C VAL B 110 46.28 17.18 -19.99
N ARG B 111 45.10 17.47 -19.43
CA ARG B 111 44.25 16.46 -18.83
C ARG B 111 42.86 16.48 -19.45
N LEU B 112 42.30 15.28 -19.61
CA LEU B 112 40.94 15.08 -20.06
C LEU B 112 40.20 14.30 -18.98
N GLY B 113 39.03 14.79 -18.62
CA GLY B 113 38.17 14.08 -17.67
C GLY B 113 37.50 15.01 -16.71
N ARG B 114 37.69 14.72 -15.43
CA ARG B 114 37.03 15.42 -14.34
C ARG B 114 38.09 16.12 -13.51
N VAL B 115 38.09 17.45 -13.58
CA VAL B 115 39.12 18.29 -12.95
C VAL B 115 38.47 19.57 -12.46
N LEU B 116 39.23 20.35 -11.72
CA LEU B 116 38.76 21.68 -11.30
C LEU B 116 38.87 22.69 -12.44
N THR B 117 37.90 23.60 -12.53
CA THR B 117 38.04 24.69 -13.49
C THR B 117 39.13 25.65 -12.99
N PRO B 118 39.77 26.40 -13.89
CA PRO B 118 40.80 27.37 -13.47
C PRO B 118 40.30 28.39 -12.45
N MSE B 119 39.09 28.90 -12.65
CA MSE B 119 38.44 29.82 -11.72
C MSE B 119 38.21 29.11 -10.39
O MSE B 119 38.56 29.63 -9.32
CB MSE B 119 37.12 30.29 -12.31
CG MSE B 119 36.12 30.97 -11.37
SE MSE B 119 36.75 32.73 -10.78
CE MSE B 119 36.69 33.60 -12.54
N TYR B 120 37.57 27.93 -10.44
CA TYR B 120 37.17 27.28 -9.19
C TYR B 120 38.38 26.96 -8.33
N GLU B 121 39.47 26.54 -8.95
CA GLU B 121 40.65 26.20 -8.19
C GLU B 121 41.10 27.34 -7.27
N LEU B 122 41.06 28.57 -7.80
CA LEU B 122 41.43 29.76 -7.04
C LEU B 122 40.37 30.17 -6.01
N VAL B 123 39.10 29.99 -6.36
CA VAL B 123 38.01 30.27 -5.44
C VAL B 123 38.10 29.36 -4.18
N ASP B 124 38.40 28.09 -4.43
CA ASP B 124 38.56 27.12 -3.36
C ASP B 124 39.83 27.37 -2.54
N TRP B 125 40.97 27.52 -3.21
CA TRP B 125 42.22 27.70 -2.53
C TRP B 125 42.96 28.88 -3.16
N PRO B 126 43.27 29.95 -2.41
CA PRO B 126 43.21 30.01 -0.95
C PRO B 126 41.86 30.43 -0.37
N ALA B 127 40.95 30.89 -1.22
CA ALA B 127 39.92 31.82 -0.78
C ALA B 127 38.67 31.27 -0.09
N SER B 128 38.50 29.96 -0.02
CA SER B 128 37.38 29.39 0.69
C SER B 128 37.80 28.83 2.06
N ASN B 129 39.06 29.01 2.42
CA ASN B 129 39.60 28.44 3.63
C ASN B 129 39.89 29.51 4.67
N PRO B 130 39.45 29.38 5.94
CA PRO B 130 38.83 28.18 6.54
C PRO B 130 37.31 28.31 6.73
N GLY B 131 36.54 27.48 6.06
CA GLY B 131 35.08 27.49 6.21
C GLY B 131 34.37 28.70 5.61
N LEU B 132 34.99 29.32 4.59
CA LEU B 132 34.43 30.51 3.96
C LEU B 132 33.57 30.13 2.76
N GLY B 133 33.49 28.84 2.47
CA GLY B 133 32.88 28.32 1.26
C GLY B 133 31.39 28.53 1.09
N ASP B 134 30.62 28.48 2.18
CA ASP B 134 29.18 28.73 2.08
C ASP B 134 28.90 30.12 1.48
N VAL B 135 29.79 31.06 1.75
CA VAL B 135 29.67 32.40 1.16
C VAL B 135 30.38 32.47 -0.19
N TYR B 136 31.66 32.13 -0.21
CA TYR B 136 32.50 32.48 -1.37
C TYR B 136 32.59 31.40 -2.47
N ASP B 137 32.31 30.15 -2.12
CA ASP B 137 32.48 29.02 -3.06
C ASP B 137 31.16 28.83 -3.80
N TRP B 138 30.17 28.25 -3.14
CA TRP B 138 28.89 28.00 -3.79
C TRP B 138 27.83 28.98 -3.29
N GLY B 139 28.19 29.92 -2.43
CA GLY B 139 27.28 30.99 -2.08
C GLY B 139 27.15 32.01 -3.19
N GLY B 140 26.19 32.91 -3.02
CA GLY B 140 25.88 33.95 -3.98
C GLY B 140 24.48 33.77 -4.52
N ALA B 141 23.98 34.82 -5.12
CA ALA B 141 22.58 34.91 -5.49
C ALA B 141 22.34 35.03 -6.98
N ILE B 142 23.38 35.03 -7.78
CA ILE B 142 23.24 35.36 -9.19
C ILE B 142 22.61 34.20 -9.96
N GLY B 143 21.82 34.50 -10.98
CA GLY B 143 21.21 33.44 -11.81
C GLY B 143 22.21 32.79 -12.75
N GLY B 144 21.76 31.73 -13.40
CA GLY B 144 22.58 30.99 -14.33
C GLY B 144 23.60 30.13 -13.62
N ALA B 145 24.82 30.13 -14.12
CA ALA B 145 25.91 29.40 -13.46
C ALA B 145 27.14 30.27 -13.38
N LYS B 146 27.43 30.78 -12.19
CA LYS B 146 28.55 31.71 -12.02
C LYS B 146 29.90 31.07 -12.46
N TYR B 147 30.05 29.78 -12.18
CA TYR B 147 31.19 28.97 -12.60
C TYR B 147 30.89 27.54 -12.22
N GLN B 148 31.52 26.61 -12.91
CA GLN B 148 31.51 25.19 -12.51
C GLN B 148 32.60 25.03 -11.44
N ASP B 149 32.63 23.87 -10.80
CA ASP B 149 33.61 23.64 -9.77
C ASP B 149 34.53 22.49 -10.14
N ARG B 150 34.21 21.27 -9.72
CA ARG B 150 34.87 20.08 -10.23
C ARG B 150 33.91 19.56 -11.30
N GLN B 151 34.40 19.39 -12.53
CA GLN B 151 33.53 19.21 -13.67
C GLN B 151 34.08 18.09 -14.57
N SER B 152 33.20 17.17 -14.91
CA SER B 152 33.48 16.10 -15.89
C SER B 152 33.43 16.69 -17.30
N ASN B 153 33.87 15.90 -18.28
CA ASN B 153 33.81 16.33 -19.67
C ASN B 153 34.63 17.59 -19.95
N THR B 154 35.81 17.63 -19.35
CA THR B 154 36.67 18.82 -19.39
C THR B 154 38.03 18.47 -20.02
N ILE B 155 38.56 19.39 -20.80
CA ILE B 155 39.97 19.38 -21.18
C ILE B 155 40.64 20.58 -20.54
N ARG B 156 41.77 20.34 -19.88
CA ARG B 156 42.47 21.40 -19.17
C ARG B 156 43.97 21.32 -19.46
N TRP B 157 44.54 22.47 -19.77
CA TRP B 157 45.96 22.62 -19.95
C TRP B 157 46.53 23.37 -18.75
N ASP B 158 47.62 22.84 -18.18
CA ASP B 158 48.41 23.54 -17.17
C ASP B 158 49.78 23.76 -17.76
N SER B 159 50.11 25.03 -17.97
CA SER B 159 51.39 25.41 -18.54
C SER B 159 52.52 25.10 -17.57
N PRO B 160 53.75 25.04 -18.07
CA PRO B 160 54.86 25.08 -17.13
C PRO B 160 54.94 26.45 -16.43
N MSE B 161 55.82 26.51 -15.43
CA MSE B 161 56.19 27.73 -14.77
C MSE B 161 57.19 28.45 -15.61
O MSE B 161 58.38 28.18 -15.49
CB MSE B 161 56.78 27.29 -13.43
CG MSE B 161 57.21 28.50 -12.64
SE MSE B 161 55.55 29.25 -11.89
CE MSE B 161 55.95 28.44 -10.12
N TYR B 162 56.75 29.35 -16.49
CA TYR B 162 57.65 30.06 -17.39
C TYR B 162 58.55 31.01 -16.61
N ALA B 163 59.86 30.89 -16.85
CA ALA B 163 60.90 31.69 -16.19
C ALA B 163 60.82 31.63 -14.68
N ASP B 164 60.39 30.48 -14.15
CA ASP B 164 60.14 30.31 -12.71
C ASP B 164 59.14 31.29 -12.08
N LYS B 165 58.34 31.97 -12.89
CA LYS B 165 57.46 33.06 -12.42
C LYS B 165 55.99 32.98 -12.83
N PHE B 166 55.72 32.62 -14.07
CA PHE B 166 54.43 32.81 -14.69
C PHE B 166 53.83 31.49 -15.17
N SER B 167 52.57 31.24 -14.84
CA SER B 167 51.88 30.04 -15.33
C SER B 167 50.45 30.34 -15.68
N ILE B 168 49.88 29.49 -16.51
CA ILE B 168 48.54 29.61 -17.04
C ILE B 168 47.83 28.28 -16.88
N ASP B 169 46.55 28.33 -16.53
CA ASP B 169 45.65 27.17 -16.51
C ASP B 169 44.51 27.53 -17.43
N ALA B 170 44.20 26.68 -18.41
CA ALA B 170 43.09 26.97 -19.36
C ALA B 170 42.29 25.73 -19.61
N ALA B 171 40.98 25.87 -19.75
CA ALA B 171 40.11 24.71 -19.88
C ALA B 171 38.81 25.06 -20.60
N VAL B 172 38.24 24.04 -21.23
CA VAL B 172 36.90 24.10 -21.73
C VAL B 172 36.24 22.79 -21.39
N GLY B 173 34.93 22.83 -21.25
CA GLY B 173 34.19 21.61 -20.98
C GLY B 173 32.70 21.68 -21.24
N ALA B 174 32.07 20.53 -21.15
CA ALA B 174 30.62 20.44 -21.23
C ALA B 174 29.97 20.81 -19.90
N GLY B 175 28.77 21.34 -19.98
CA GLY B 175 28.01 21.68 -18.82
C GLY B 175 27.35 20.48 -18.17
N ASP B 176 26.62 20.75 -17.10
CA ASP B 176 25.95 19.69 -16.33
C ASP B 176 24.89 18.94 -17.12
N LYS B 177 24.05 19.66 -17.87
CA LYS B 177 23.01 18.99 -18.65
C LYS B 177 23.59 18.25 -19.85
N ALA B 178 24.58 18.88 -20.50
CA ALA B 178 25.28 18.29 -21.64
C ALA B 178 25.94 16.94 -21.29
N GLY B 179 26.48 16.82 -20.07
CA GLY B 179 27.05 15.57 -19.59
C GLY B 179 26.08 14.41 -19.43
N LEU B 180 24.76 14.68 -19.45
CA LEU B 180 23.73 13.67 -19.42
C LEU B 180 22.98 13.59 -20.74
N GLY B 181 23.44 14.28 -21.77
CA GLY B 181 22.71 14.30 -23.01
C GLY B 181 21.40 15.06 -22.93
N ALA B 182 21.31 16.01 -21.99
CA ALA B 182 20.06 16.70 -21.67
C ALA B 182 20.15 18.20 -21.90
N GLY B 183 21.18 18.67 -22.60
CA GLY B 183 21.36 20.08 -22.85
C GLY B 183 22.59 20.32 -23.68
N ASP B 184 22.89 21.58 -23.91
CA ASP B 184 24.04 22.00 -24.73
C ASP B 184 24.82 23.09 -24.06
N ASP B 185 24.78 23.07 -22.72
CA ASP B 185 25.57 23.98 -21.91
C ASP B 185 27.06 23.64 -22.03
N TYR B 186 27.89 24.66 -21.88
CA TYR B 186 29.32 24.54 -21.95
C TYR B 186 29.96 25.75 -21.31
N TRP B 187 31.26 25.67 -21.13
CA TRP B 187 32.00 26.71 -20.47
C TRP B 187 33.46 26.69 -20.93
N GLY B 188 34.11 27.83 -20.72
CA GLY B 188 35.54 27.94 -20.89
C GLY B 188 36.11 28.87 -19.85
N GLY B 189 37.36 28.64 -19.48
CA GLY B 189 37.96 29.44 -18.44
C GLY B 189 39.47 29.46 -18.53
N ILE B 190 40.04 30.45 -17.86
CA ILE B 190 41.47 30.61 -17.86
C ILE B 190 41.90 31.32 -16.58
N ALA B 191 43.07 30.95 -16.07
CA ALA B 191 43.69 31.64 -14.94
C ALA B 191 45.16 31.83 -15.21
N ALA B 192 45.72 32.89 -14.63
CA ALA B 192 47.14 33.18 -14.71
C ALA B 192 47.66 33.48 -13.32
N HIS B 193 48.93 33.17 -13.11
CA HIS B 193 49.58 33.31 -11.83
C HIS B 193 50.95 33.87 -12.07
N TYR B 194 51.33 34.87 -11.29
CA TYR B 194 52.63 35.46 -11.43
C TYR B 194 53.29 35.59 -10.06
N LYS B 195 54.49 35.06 -9.96
CA LYS B 195 55.27 35.08 -8.71
C LYS B 195 56.17 36.36 -8.74
N LEU B 196 56.07 37.13 -7.68
CA LEU B 196 56.81 38.42 -7.61
C LEU B 196 57.29 38.56 -6.14
N GLY B 197 58.55 38.21 -5.92
CA GLY B 197 59.18 38.24 -4.57
C GLY B 197 58.39 37.36 -3.63
N PRO B 198 57.91 37.88 -2.47
CA PRO B 198 57.03 37.14 -1.55
C PRO B 198 55.56 37.04 -1.98
N LEU B 199 55.20 37.47 -3.18
CA LEU B 199 53.80 37.53 -3.60
C LEU B 199 53.53 36.60 -4.75
N GLN B 200 52.27 36.22 -4.87
CA GLN B 200 51.73 35.65 -6.09
C GLN B 200 50.47 36.44 -6.47
N LEU B 201 50.42 36.88 -7.73
CA LEU B 201 49.26 37.58 -8.25
C LEU B 201 48.48 36.59 -9.03
N ASP B 202 47.17 36.62 -8.89
CA ASP B 202 46.25 35.71 -9.54
C ASP B 202 45.17 36.45 -10.31
N ALA B 203 44.79 35.90 -11.45
CA ALA B 203 43.65 36.41 -12.21
C ALA B 203 42.96 35.25 -12.87
N ALA B 204 41.62 35.31 -12.96
CA ALA B 204 40.88 34.25 -13.61
C ALA B 204 39.59 34.75 -14.25
N TYR B 205 39.12 33.94 -15.20
CA TYR B 205 37.89 34.16 -15.92
C TYR B 205 37.18 32.82 -16.13
N GLU B 206 35.87 32.86 -16.08
CA GLU B 206 35.07 31.76 -16.60
C GLU B 206 33.82 32.30 -17.28
N GLY B 207 33.53 31.72 -18.45
CA GLY B 207 32.32 32.02 -19.17
C GLY B 207 31.49 30.75 -19.32
N ASN B 208 30.25 30.79 -18.85
CA ASN B 208 29.29 29.72 -19.02
C ASN B 208 28.22 30.14 -20.03
N ARG B 209 27.81 29.19 -20.85
CA ARG B 209 26.93 29.43 -21.97
C ARG B 209 25.83 28.36 -22.06
N ASN B 210 24.69 28.75 -22.64
CA ASN B 210 23.57 27.86 -22.86
C ASN B 210 23.07 27.22 -21.56
N ILE B 211 23.12 27.98 -20.46
CA ILE B 211 22.70 27.50 -19.16
C ILE B 211 21.20 27.63 -19.04
N GLU B 212 20.51 26.53 -18.75
CA GLU B 212 19.05 26.56 -18.68
C GLU B 212 18.60 26.62 -17.22
N ALA B 213 17.89 27.67 -16.85
CA ALA B 213 17.39 27.82 -15.47
C ALA B 213 16.32 28.87 -15.44
N GLU B 214 15.31 28.62 -14.60
CA GLU B 214 14.23 29.59 -14.34
C GLU B 214 13.46 29.97 -15.59
N GLY B 215 13.36 29.03 -16.53
CA GLY B 215 12.64 29.26 -17.80
C GLY B 215 13.41 30.06 -18.84
N GLN B 216 14.71 30.32 -18.58
CA GLN B 216 15.54 31.12 -19.50
C GLN B 216 16.79 30.33 -19.86
N THR B 217 17.47 30.82 -20.87
CA THR B 217 18.83 30.44 -21.19
C THR B 217 19.72 31.61 -20.77
N TRP B 218 20.82 31.28 -20.10
CA TRP B 218 21.71 32.27 -19.53
C TRP B 218 23.13 32.18 -20.09
N GLU B 219 23.80 33.32 -20.10
CA GLU B 219 25.26 33.40 -20.21
C GLU B 219 25.82 34.10 -18.98
N ASN B 220 26.84 33.48 -18.39
CA ASN B 220 27.54 34.04 -17.27
C ASN B 220 28.97 34.36 -17.62
N ASN B 221 29.47 35.44 -17.05
CA ASN B 221 30.88 35.82 -17.13
C ASN B 221 31.33 36.22 -15.73
N THR B 222 32.36 35.55 -15.25
CA THR B 222 32.90 35.79 -13.93
C THR B 222 34.38 36.08 -14.04
N TYR B 223 34.83 37.08 -13.28
CA TYR B 223 36.18 37.56 -13.29
C TYR B 223 36.70 37.61 -11.86
N LEU B 224 37.98 37.32 -11.69
CA LEU B 224 38.59 37.28 -10.39
C LEU B 224 40.00 37.83 -10.43
N VAL B 225 40.35 38.63 -9.43
CA VAL B 225 41.73 39.06 -9.20
C VAL B 225 42.09 38.78 -7.77
N GLY B 226 43.35 38.42 -7.54
CA GLY B 226 43.80 38.06 -6.20
C GLY B 226 45.28 38.22 -5.96
N VAL B 227 45.62 38.21 -4.68
CA VAL B 227 47.00 38.24 -4.26
C VAL B 227 47.17 37.25 -3.11
N GLN B 228 48.35 36.65 -3.03
CA GLN B 228 48.75 35.83 -1.91
C GLN B 228 50.15 36.28 -1.54
N GLY B 229 50.43 36.34 -0.25
CA GLY B 229 51.73 36.75 0.22
C GLY B 229 52.24 35.95 1.40
N TRP B 230 53.56 35.75 1.44
CA TRP B 230 54.22 34.95 2.48
C TRP B 230 55.47 35.68 2.87
N PHE B 231 55.57 36.15 4.12
CA PHE B 231 56.72 36.92 4.63
C PHE B 231 57.52 36.15 5.68
N GLU B 232 58.78 36.52 5.78
CA GLU B 232 59.73 35.78 6.62
C GLU B 232 59.45 35.90 8.11
N ASN B 233 58.74 36.92 8.54
CA ASN B 233 58.35 37.05 9.94
C ASN B 233 57.15 36.14 10.35
N GLY B 234 56.68 35.25 9.46
CA GLY B 234 55.60 34.32 9.79
C GLY B 234 54.21 34.77 9.40
N ILE B 235 54.07 36.01 8.92
CA ILE B 235 52.80 36.50 8.44
C ILE B 235 52.61 36.08 6.99
N SER B 236 51.43 35.57 6.69
CA SER B 236 51.00 35.33 5.31
C SER B 236 49.56 35.78 5.16
N PHE B 237 49.12 35.97 3.93
CA PHE B 237 47.77 36.46 3.68
C PHE B 237 47.31 36.15 2.26
N PHE B 238 46.03 36.31 2.06
CA PHE B 238 45.45 36.34 0.72
C PHE B 238 44.30 37.36 0.70
N ALA B 239 43.99 37.83 -0.50
CA ALA B 239 42.82 38.66 -0.75
C ALA B 239 42.38 38.46 -2.20
N GLN B 240 41.08 38.38 -2.41
CA GLN B 240 40.50 38.28 -3.74
C GLN B 240 39.26 39.14 -3.88
N TYR B 241 39.03 39.59 -5.11
CA TYR B 241 37.82 40.25 -5.53
C TYR B 241 37.26 39.47 -6.71
N LYS B 242 35.95 39.25 -6.69
CA LYS B 242 35.29 38.40 -7.67
C LYS B 242 34.04 39.15 -8.21
N TYR B 243 33.95 39.27 -9.52
CA TYR B 243 32.88 40.02 -10.18
C TYR B 243 32.08 39.08 -11.07
N MSE B 244 30.78 38.98 -10.83
CA MSE B 244 29.90 38.02 -11.53
C MSE B 244 28.84 38.78 -12.31
O MSE B 244 28.16 39.66 -11.76
CB MSE B 244 29.23 37.04 -10.54
CG MSE B 244 30.31 36.20 -9.86
SE MSE B 244 29.65 35.29 -8.23
CE MSE B 244 29.76 36.81 -7.00
N GLU B 245 28.70 38.45 -13.59
CA GLU B 245 27.66 39.00 -14.43
C GLU B 245 26.89 37.88 -15.10
N ALA B 246 25.60 38.12 -15.31
CA ALA B 246 24.72 37.13 -15.96
C ALA B 246 23.68 37.82 -16.81
N ASP B 247 23.43 37.24 -17.99
CA ASP B 247 22.41 37.76 -18.91
C ASP B 247 21.49 36.62 -19.32
N ALA B 248 20.19 36.86 -19.17
CA ALA B 248 19.16 35.87 -19.48
C ALA B 248 18.58 36.15 -20.86
N SER B 249 18.05 35.12 -21.50
CA SER B 249 17.51 35.23 -22.85
C SER B 249 16.28 36.16 -22.95
N ASN B 250 15.61 36.45 -21.84
CA ASN B 250 14.56 37.47 -21.86
C ASN B 250 15.08 38.91 -21.75
N GLY B 251 16.39 39.12 -21.70
CA GLY B 251 16.96 40.47 -21.64
C GLY B 251 17.38 40.92 -20.24
N VAL B 252 17.04 40.17 -19.21
CA VAL B 252 17.42 40.55 -17.84
C VAL B 252 18.94 40.42 -17.63
N ASN B 253 19.51 41.45 -16.99
CA ASN B 253 20.91 41.47 -16.61
C ASN B 253 21.03 41.40 -15.09
N GLU B 254 21.99 40.64 -14.59
CA GLU B 254 22.28 40.61 -13.16
C GLU B 254 23.77 40.76 -12.92
N LYS B 255 24.11 41.37 -11.81
CA LYS B 255 25.50 41.55 -11.37
C LYS B 255 25.60 41.39 -9.89
N GLN B 256 26.67 40.74 -9.46
CA GLN B 256 26.97 40.62 -8.05
C GLN B 256 28.48 40.50 -7.93
N ASP B 257 29.04 41.18 -6.94
CA ASP B 257 30.44 40.97 -6.63
C ASP B 257 30.65 40.46 -5.20
N ALA B 258 31.90 40.13 -4.90
CA ALA B 258 32.26 39.43 -3.69
C ALA B 258 33.75 39.62 -3.42
N MSE B 259 34.14 39.31 -2.20
CA MSE B 259 35.55 39.34 -1.79
C MSE B 259 35.81 38.30 -0.77
O MSE B 259 34.89 37.79 -0.12
CB MSE B 259 35.89 40.74 -1.26
CG MSE B 259 35.02 41.09 -0.04
SE MSE B 259 35.74 42.52 1.17
CE MSE B 259 37.18 41.33 1.80
N SER B 260 37.07 37.94 -0.63
CA SER B 260 37.52 37.03 0.40
C SER B 260 38.93 37.43 0.81
N ALA B 261 39.25 37.33 2.09
CA ALA B 261 40.57 37.63 2.58
C ALA B 261 40.91 36.79 3.78
N GLY B 262 42.19 36.55 4.00
CA GLY B 262 42.66 35.77 5.12
C GLY B 262 43.99 36.25 5.58
N LEU B 263 44.21 36.15 6.89
CA LEU B 263 45.44 36.54 7.52
C LEU B 263 45.92 35.38 8.38
N MSE B 264 47.20 35.01 8.24
CA MSE B 264 47.79 33.90 8.97
C MSE B 264 49.04 34.30 9.67
O MSE B 264 49.80 35.18 9.20
CB MSE B 264 48.11 32.79 8.02
CG MSE B 264 46.87 32.07 7.53
SE MSE B 264 47.18 31.09 5.86
CE MSE B 264 47.06 32.77 4.79
N TYR B 265 49.25 33.72 10.86
CA TYR B 265 50.50 33.88 11.58
C TYR B 265 50.99 32.50 11.95
N THR B 266 52.17 32.14 11.45
CA THR B 266 52.77 30.83 11.62
C THR B 266 54.00 30.99 12.52
N THR B 267 54.02 30.23 13.60
CA THR B 267 55.13 30.25 14.56
C THR B 267 55.33 28.81 15.08
N GLY B 268 56.55 28.28 14.90
CA GLY B 268 56.88 26.88 15.21
C GLY B 268 55.88 25.94 14.56
N ASP B 269 55.20 25.13 15.37
CA ASP B 269 54.27 24.15 14.83
C ASP B 269 52.81 24.63 14.81
N TRP B 270 52.58 25.95 14.89
CA TRP B 270 51.24 26.50 14.99
C TRP B 270 50.97 27.47 13.86
N GLN B 271 49.74 27.44 13.34
CA GLN B 271 49.23 28.51 12.48
C GLN B 271 47.91 29.04 13.01
N TYR B 272 47.88 30.34 13.25
CA TYR B 272 46.67 31.07 13.58
C TYR B 272 46.12 31.66 12.30
N LYS B 273 44.80 31.66 12.14
CA LYS B 273 44.20 32.16 10.91
C LYS B 273 42.87 32.85 11.17
N LEU B 274 42.68 33.99 10.50
CA LEU B 274 41.40 34.70 10.43
C LEU B 274 40.99 34.81 8.99
N GLY B 275 39.72 34.54 8.71
CA GLY B 275 39.17 34.64 7.39
C GLY B 275 37.88 35.44 7.36
N TYR B 276 37.65 36.12 6.26
CA TYR B 276 36.41 36.87 6.04
C TYR B 276 36.06 36.77 4.57
N ALA B 277 34.80 36.53 4.26
CA ALA B 277 34.33 36.65 2.89
C ALA B 277 32.94 37.26 2.87
N ALA B 278 32.62 37.93 1.77
CA ALA B 278 31.31 38.56 1.59
C ALA B 278 30.86 38.51 0.15
N ASN B 279 29.55 38.32 -0.05
CA ASN B 279 28.87 38.64 -1.28
C ASN B 279 28.11 39.94 -1.05
N PHE B 280 28.25 40.90 -1.97
CA PHE B 280 27.53 42.19 -1.84
C PHE B 280 26.13 42.04 -2.41
N ASP B 281 25.28 43.04 -2.25
CA ASP B 281 23.93 42.96 -2.77
C ASP B 281 23.93 42.73 -4.28
N LEU B 282 23.05 41.85 -4.72
CA LEU B 282 22.85 41.63 -6.12
C LEU B 282 22.10 42.79 -6.77
N GLU B 283 22.43 43.06 -8.02
CA GLU B 283 21.76 44.04 -8.84
C GLU B 283 21.09 43.34 -10.02
N ARG B 284 19.83 43.68 -10.27
CA ARG B 284 19.07 43.16 -11.38
C ARG B 284 18.54 44.30 -12.20
N ASP B 285 18.90 44.32 -13.48
CA ASP B 285 18.55 45.42 -14.38
C ASP B 285 18.80 46.78 -13.78
N GLY B 286 19.98 46.96 -13.20
CA GLY B 286 20.38 48.23 -12.64
C GLY B 286 19.79 48.58 -11.28
N LYS B 287 19.01 47.69 -10.66
CA LYS B 287 18.40 47.96 -9.36
C LYS B 287 18.94 46.98 -8.31
N THR B 288 19.37 47.54 -7.19
CA THR B 288 19.91 46.75 -6.08
C THR B 288 18.76 46.02 -5.39
N LEU B 289 18.94 44.71 -5.19
CA LEU B 289 17.98 43.92 -4.41
C LEU B 289 18.45 43.97 -2.98
N SER B 290 17.65 44.57 -2.10
CA SER B 290 18.10 44.78 -0.73
C SER B 290 18.21 43.44 0.04
N ASN B 291 19.18 43.40 0.94
CA ASN B 291 19.43 42.27 1.80
C ASN B 291 19.71 40.98 1.05
N THR B 292 20.42 41.08 -0.07
CA THR B 292 20.87 39.93 -0.82
C THR B 292 22.35 39.62 -0.63
N SER B 293 22.98 40.33 0.29
CA SER B 293 24.37 40.08 0.68
C SER B 293 24.52 38.90 1.65
N ASP B 294 25.73 38.38 1.72
CA ASP B 294 26.12 37.38 2.71
C ASP B 294 27.48 37.76 3.28
N ASP B 295 27.77 37.36 4.50
CA ASP B 295 29.16 37.28 4.92
C ASP B 295 29.46 36.23 5.95
N VAL B 296 30.75 35.99 6.13
CA VAL B 296 31.27 34.99 7.04
C VAL B 296 32.57 35.49 7.64
N VAL B 297 32.71 35.27 8.95
CA VAL B 297 33.98 35.43 9.64
C VAL B 297 34.36 34.10 10.26
N SER B 298 35.65 33.78 10.21
CA SER B 298 36.15 32.50 10.68
C SER B 298 37.48 32.65 11.36
N ALA B 299 37.71 31.89 12.42
CA ALA B 299 38.97 31.84 13.11
C ALA B 299 39.40 30.38 13.25
N GLN B 300 40.71 30.14 13.14
CA GLN B 300 41.26 28.80 13.21
C GLN B 300 42.63 28.78 13.87
N ILE B 301 42.87 27.75 14.68
CA ILE B 301 44.20 27.41 15.17
C ILE B 301 44.51 26.02 14.64
N MSE B 302 45.69 25.88 14.04
CA MSE B 302 46.11 24.64 13.43
C MSE B 302 47.46 24.26 14.01
O MSE B 302 48.32 25.13 14.23
CB MSE B 302 46.13 24.80 11.92
CG MSE B 302 46.70 23.59 11.20
SE MSE B 302 46.26 23.67 9.26
CE MSE B 302 47.27 25.21 8.77
N TYR B 303 47.61 22.97 14.29
CA TYR B 303 48.82 22.41 14.83
C TYR B 303 49.43 21.42 13.86
N PHE B 304 50.71 21.62 13.53
CA PHE B 304 51.42 20.74 12.60
C PHE B 304 51.90 19.54 13.38
N VAL B 305 50.96 18.61 13.56
CA VAL B 305 51.18 17.45 14.44
C VAL B 305 52.21 16.44 13.87
N ASP B 306 52.42 16.50 12.56
CA ASP B 306 53.38 15.65 11.87
C ASP B 306 53.69 16.31 10.52
N PRO B 307 54.85 15.99 9.89
CA PRO B 307 54.99 16.49 8.51
C PRO B 307 53.86 16.08 7.57
N SER B 308 53.15 14.98 7.88
CA SER B 308 52.03 14.52 7.04
C SER B 308 50.65 14.87 7.51
N ALA B 309 50.52 15.62 8.59
CA ALA B 309 49.21 15.79 9.20
C ALA B 309 49.06 17.04 10.00
N VAL B 310 47.81 17.47 10.12
CA VAL B 310 47.45 18.61 10.95
C VAL B 310 46.25 18.29 11.84
N LEU B 311 46.24 18.97 12.98
CA LEU B 311 45.05 19.05 13.82
C LEU B 311 44.59 20.48 13.81
N TYR B 312 43.29 20.72 13.86
CA TYR B 312 42.80 22.10 13.94
C TYR B 312 41.55 22.26 14.78
N ALA B 313 41.32 23.49 15.21
CA ALA B 313 40.08 23.93 15.82
C ALA B 313 39.62 25.18 15.09
N ARG B 314 38.33 25.27 14.86
CA ARG B 314 37.77 26.30 14.00
C ARG B 314 36.42 26.81 14.52
N ALA B 315 36.21 28.12 14.42
CA ALA B 315 34.93 28.76 14.78
C ALA B 315 34.55 29.72 13.68
N ARG B 316 33.32 29.64 13.19
CA ARG B 316 32.86 30.56 12.14
C ARG B 316 31.41 30.97 12.33
N MSE B 317 31.07 32.12 11.76
CA MSE B 317 29.74 32.67 11.83
C MSE B 317 29.32 33.09 10.46
O MSE B 317 29.98 33.96 9.85
CB MSE B 317 29.69 33.90 12.73
CG MSE B 317 30.16 33.61 14.15
SE MSE B 317 30.13 35.26 15.26
CE MSE B 317 28.55 36.14 14.43
N ASN B 318 28.24 32.50 9.96
CA ASN B 318 27.67 32.83 8.64
C ASN B 318 26.41 33.66 8.78
N ASP B 319 26.37 34.79 8.10
CA ASP B 319 25.20 35.65 8.08
C ASP B 319 24.77 35.79 6.63
N PHE B 320 23.73 35.06 6.25
CA PHE B 320 23.29 34.99 4.87
C PHE B 320 22.20 35.98 4.52
N ASN B 321 22.02 36.14 3.21
CA ASN B 321 20.95 36.93 2.64
C ASN B 321 19.56 36.52 3.11
N GLU B 322 18.60 37.41 2.93
CA GLU B 322 17.21 37.19 3.35
C GLU B 322 16.29 36.71 2.22
N GLY B 323 16.85 36.26 1.11
CA GLY B 323 16.09 35.62 0.06
C GLY B 323 15.84 36.50 -1.16
N LEU B 324 15.63 35.86 -2.28
CA LEU B 324 15.19 36.54 -3.51
C LEU B 324 14.48 35.56 -4.40
N ASP B 325 13.69 36.09 -5.30
CA ASP B 325 13.06 35.29 -6.36
C ASP B 325 13.91 35.28 -7.60
N GLY B 326 13.83 34.18 -8.33
CA GLY B 326 14.42 34.07 -9.67
C GLY B 326 13.48 34.64 -10.71
N LEU B 327 13.81 34.44 -11.98
CA LEU B 327 13.03 35.05 -13.07
C LEU B 327 11.74 34.31 -13.39
N ASP B 328 11.49 33.19 -12.73
CA ASP B 328 10.24 32.45 -12.85
C ASP B 328 9.29 32.73 -11.69
N ASP B 329 9.54 33.79 -10.92
CA ASP B 329 8.71 34.17 -9.75
C ASP B 329 8.64 33.11 -8.63
N ALA B 330 9.63 32.25 -8.54
CA ALA B 330 9.76 31.34 -7.41
C ALA B 330 11.08 31.68 -6.72
N ALA B 331 11.19 31.29 -5.46
CA ALA B 331 12.40 31.52 -4.69
C ALA B 331 13.61 30.96 -5.42
N ARG B 332 14.70 31.72 -5.47
CA ARG B 332 15.94 31.21 -6.02
C ARG B 332 16.74 30.64 -4.87
N TRP B 333 17.14 29.39 -5.00
CA TRP B 333 17.89 28.73 -3.94
C TRP B 333 19.28 29.38 -3.80
N THR B 334 19.69 29.63 -2.56
CA THR B 334 21.06 30.03 -2.26
C THR B 334 21.56 29.26 -1.03
N SER B 335 22.84 29.44 -0.73
CA SER B 335 23.43 28.88 0.49
C SER B 335 22.84 29.47 1.78
N GLY B 336 22.07 30.54 1.66
CA GLY B 336 21.32 31.11 2.76
C GLY B 336 19.91 30.57 2.95
N THR B 337 19.41 29.76 2.03
CA THR B 337 18.02 29.30 2.09
C THR B 337 17.75 28.57 3.41
N ASN B 338 18.71 27.80 3.89
CA ASN B 338 18.55 27.06 5.15
C ASN B 338 18.77 27.87 6.44
N GLY B 339 19.21 29.13 6.32
CA GLY B 339 19.30 30.05 7.44
C GLY B 339 20.74 30.26 7.92
N ASP B 340 20.90 31.33 8.72
CA ASP B 340 22.18 31.68 9.35
C ASP B 340 22.62 30.59 10.33
N TYR B 341 23.92 30.38 10.46
CA TYR B 341 24.42 29.49 11.47
C TYR B 341 25.84 29.78 11.84
N ASN B 342 26.19 29.40 13.07
CA ASN B 342 27.55 29.36 13.58
C ASN B 342 27.99 27.93 13.74
N GLU B 343 29.29 27.69 13.64
CA GLU B 343 29.85 26.36 13.71
C GLU B 343 31.17 26.36 14.47
N TYR B 344 31.30 25.41 15.38
CA TYR B 344 32.52 25.12 16.12
C TYR B 344 32.95 23.75 15.69
N SER B 345 34.23 23.58 15.34
CA SER B 345 34.70 22.29 14.92
C SER B 345 36.14 22.00 15.31
N VAL B 346 36.47 20.71 15.34
CA VAL B 346 37.85 20.26 15.47
C VAL B 346 38.05 19.18 14.41
N GLY B 347 39.29 19.01 13.95
CA GLY B 347 39.56 18.06 12.90
C GLY B 347 40.99 17.63 12.79
N VAL B 348 41.17 16.60 11.97
CA VAL B 348 42.46 16.04 11.67
C VAL B 348 42.49 15.80 10.17
N GLU B 349 43.62 16.11 9.53
CA GLU B 349 43.84 15.70 8.14
C GLU B 349 45.23 15.09 8.03
N TYR B 350 45.31 13.92 7.38
CA TYR B 350 46.55 13.18 7.22
C TYR B 350 46.65 12.75 5.76
N TYR B 351 47.84 12.91 5.17
CA TYR B 351 48.09 12.65 3.73
C TYR B 351 49.08 11.51 3.62
N PHE B 352 48.82 10.56 2.71
CA PHE B 352 49.83 9.57 2.35
C PHE B 352 49.77 9.26 0.85
N GLU C 12 61.22 -9.45 5.74
CA GLU C 12 61.23 -7.96 5.76
C GLU C 12 61.06 -7.37 4.35
N TYR C 13 61.81 -7.88 3.37
CA TYR C 13 61.65 -7.46 1.96
C TYR C 13 60.50 -8.21 1.29
N LEU C 14 59.76 -7.53 0.43
CA LEU C 14 58.54 -8.09 -0.15
C LEU C 14 58.78 -8.78 -1.46
N THR C 15 58.00 -9.83 -1.72
CA THR C 15 57.91 -10.48 -3.04
C THR C 15 56.46 -10.44 -3.48
N LYS C 16 56.22 -10.89 -4.72
CA LYS C 16 54.88 -11.09 -5.25
C LYS C 16 54.00 -11.91 -4.29
N ASP C 17 54.62 -12.95 -3.71
CA ASP C 17 53.97 -13.82 -2.72
C ASP C 17 53.66 -13.17 -1.37
N SER C 18 54.20 -11.99 -1.09
CA SER C 18 53.80 -11.27 0.10
C SER C 18 52.33 -10.78 0.06
N PHE C 19 51.73 -10.67 -1.13
CA PHE C 19 50.40 -10.11 -1.28
C PHE C 19 49.39 -11.20 -1.62
N SER C 20 48.19 -11.07 -1.08
CA SER C 20 47.10 -11.98 -1.39
C SER C 20 46.13 -11.41 -2.42
N TYR C 21 46.49 -10.28 -3.04
CA TYR C 21 45.63 -9.67 -4.02
C TYR C 21 46.54 -8.98 -5.03
N GLU C 22 45.97 -8.66 -6.17
CA GLU C 22 46.60 -7.73 -7.08
C GLU C 22 45.57 -6.72 -7.59
N VAL C 23 46.05 -5.48 -7.71
CA VAL C 23 45.26 -4.43 -8.32
C VAL C 23 45.56 -4.48 -9.81
N TYR C 24 44.53 -4.32 -10.61
CA TYR C 24 44.70 -4.19 -12.03
C TYR C 24 43.78 -3.07 -12.51
N GLY C 25 44.01 -2.60 -13.72
CA GLY C 25 43.17 -1.56 -14.27
C GLY C 25 43.14 -1.48 -15.76
N ILE C 26 42.07 -0.88 -16.25
CA ILE C 26 41.97 -0.51 -17.63
C ILE C 26 41.67 0.97 -17.63
N ILE C 27 42.60 1.75 -18.16
CA ILE C 27 42.44 3.20 -18.22
C ILE C 27 41.99 3.50 -19.63
N ALA C 28 40.79 4.03 -19.77
CA ALA C 28 40.15 4.14 -21.07
C ALA C 28 39.40 5.45 -21.16
N MSE C 29 39.78 6.28 -22.13
CA MSE C 29 39.16 7.61 -22.31
C MSE C 29 38.88 7.78 -23.77
O MSE C 29 39.79 7.62 -24.62
CB MSE C 29 40.09 8.73 -21.84
CG MSE C 29 39.59 10.15 -22.15
SE MSE C 29 37.94 10.52 -21.17
CE MSE C 29 38.79 10.68 -19.43
N GLN C 30 37.64 8.16 -24.08
CA GLN C 30 37.20 8.44 -25.44
C GLN C 30 36.57 9.84 -25.50
N ALA C 31 37.04 10.68 -26.40
CA ALA C 31 36.37 11.95 -26.69
C ALA C 31 35.48 11.69 -27.88
N ALA C 32 34.17 11.85 -27.70
CA ALA C 32 33.19 11.45 -28.71
C ALA C 32 32.22 12.59 -29.01
N TYR C 33 32.15 12.95 -30.28
CA TYR C 33 31.25 13.96 -30.78
C TYR C 33 30.13 13.31 -31.55
N ARG C 34 28.90 13.52 -31.12
CA ARG C 34 27.72 12.94 -31.78
C ARG C 34 26.87 13.99 -32.47
N ASP C 35 26.39 13.63 -33.65
CA ASP C 35 25.51 14.48 -34.44
C ASP C 35 24.23 13.69 -34.72
N TYR C 36 23.16 14.09 -34.02
CA TYR C 36 21.86 13.42 -34.09
C TYR C 36 20.97 14.03 -35.15
N ASP C 37 20.10 13.20 -35.72
CA ASP C 37 19.05 13.68 -36.58
C ASP C 37 17.76 12.97 -36.20
N SER C 38 17.19 13.42 -35.09
CA SER C 38 16.05 12.76 -34.50
C SER C 38 14.72 13.24 -35.11
N GLY C 39 14.71 14.33 -35.85
CA GLY C 39 13.47 15.01 -36.22
C GLY C 39 13.07 16.15 -35.26
N ASP C 40 13.75 16.28 -34.12
CA ASP C 40 13.47 17.35 -33.14
C ASP C 40 14.81 18.04 -32.86
N ALA C 41 14.90 19.30 -33.27
CA ALA C 41 16.16 20.05 -33.24
C ALA C 41 16.70 20.23 -31.80
N LYS C 42 15.81 20.42 -30.84
CA LYS C 42 16.19 20.57 -29.43
C LYS C 42 16.75 19.25 -28.87
N GLN C 43 16.07 18.15 -29.16
CA GLN C 43 16.57 16.83 -28.78
C GLN C 43 17.95 16.57 -29.41
N ASP C 44 18.12 16.96 -30.67
CA ASP C 44 19.44 16.84 -31.32
C ASP C 44 20.54 17.62 -30.58
N ASP C 45 20.22 18.85 -30.19
CA ASP C 45 21.14 19.69 -29.43
C ASP C 45 21.47 19.04 -28.10
N ASN C 46 20.45 18.47 -27.45
CA ASN C 46 20.64 17.87 -26.14
C ASN C 46 21.48 16.59 -26.17
N LEU C 47 21.09 15.64 -27.02
CA LEU C 47 21.80 14.35 -27.10
C LEU C 47 23.18 14.46 -27.77
N GLY C 48 23.31 15.37 -28.73
CA GLY C 48 24.53 15.55 -29.50
C GLY C 48 25.56 16.46 -28.84
N GLY C 49 26.67 16.67 -29.53
CA GLY C 49 27.79 17.44 -29.02
C GLY C 49 28.92 16.54 -28.53
N MSE C 50 29.93 17.17 -27.93
CA MSE C 50 31.12 16.50 -27.43
C MSE C 50 30.90 16.09 -25.99
O MSE C 50 30.47 16.89 -25.17
CB MSE C 50 32.32 17.48 -27.50
CG MSE C 50 33.64 16.87 -26.98
SE MSE C 50 34.35 15.61 -28.35
CE MSE C 50 34.94 16.96 -29.58
N GLN C 51 31.23 14.82 -25.68
CA GLN C 51 31.41 14.38 -24.33
C GLN C 51 32.70 13.59 -24.20
N LEU C 52 33.15 13.44 -22.97
CA LEU C 52 34.19 12.50 -22.68
C LEU C 52 33.53 11.24 -22.12
N ASN C 53 34.01 10.10 -22.56
CA ASN C 53 33.52 8.83 -22.11
C ASN C 53 34.67 8.12 -21.40
N ASN C 54 34.73 8.28 -20.08
CA ASN C 54 35.76 7.70 -19.29
C ASN C 54 35.27 6.32 -18.80
N GLU C 55 35.79 5.29 -19.47
CA GLU C 55 35.50 3.91 -19.15
C GLU C 55 36.60 3.28 -18.29
N SER C 56 37.43 4.09 -17.66
CA SER C 56 38.45 3.56 -16.79
C SER C 56 37.80 2.78 -15.62
N ARG C 57 38.49 1.74 -15.18
CA ARG C 57 38.07 0.96 -14.02
C ARG C 57 39.27 0.32 -13.34
N ILE C 58 39.10 0.13 -12.02
CA ILE C 58 40.06 -0.51 -11.19
C ILE C 58 39.42 -1.81 -10.70
N GLY C 59 40.24 -2.84 -10.62
CA GLY C 59 39.82 -4.13 -10.05
C GLY C 59 40.83 -4.71 -9.09
N PHE C 60 40.34 -5.69 -8.33
CA PHE C 60 41.14 -6.49 -7.39
C PHE C 60 40.88 -7.93 -7.73
N ARG C 61 41.91 -8.75 -7.69
CA ARG C 61 41.76 -10.17 -7.90
C ARG C 61 42.83 -10.96 -7.19
N GLY C 62 42.58 -12.25 -7.02
CA GLY C 62 43.55 -13.11 -6.40
C GLY C 62 43.12 -14.55 -6.41
N LYS C 63 44.02 -15.39 -5.90
CA LYS C 63 43.81 -16.81 -5.79
C LYS C 63 44.27 -17.29 -4.42
N LYS C 64 43.81 -18.49 -4.04
CA LYS C 64 44.28 -19.11 -2.83
C LYS C 64 44.21 -20.63 -2.97
N GLN C 65 45.31 -21.29 -2.68
CA GLN C 65 45.31 -22.76 -2.58
C GLN C 65 44.90 -23.10 -1.15
N PHE C 66 43.66 -23.52 -0.96
CA PHE C 66 43.22 -23.93 0.38
C PHE C 66 43.93 -25.21 0.77
N ALA C 67 44.36 -25.31 2.02
CA ALA C 67 45.06 -26.49 2.50
C ALA C 67 44.27 -27.77 2.32
N ASN C 68 42.94 -27.70 2.42
CA ASN C 68 42.15 -28.91 2.40
C ASN C 68 41.26 -29.11 1.19
N PHE C 69 41.59 -28.47 0.07
CA PHE C 69 40.79 -28.62 -1.14
C PHE C 69 41.69 -28.41 -2.34
N GLU C 70 41.71 -29.35 -3.27
CA GLU C 70 42.66 -29.31 -4.38
C GLU C 70 42.38 -28.18 -5.38
N PRO C 71 41.13 -28.04 -5.88
CA PRO C 71 40.86 -26.94 -6.82
C PRO C 71 41.19 -25.58 -6.23
N THR C 72 42.00 -24.80 -6.95
CA THR C 72 42.43 -23.48 -6.47
C THR C 72 41.24 -22.54 -6.40
N PHE C 73 41.14 -21.82 -5.30
CA PHE C 73 40.13 -20.76 -5.13
C PHE C 73 40.54 -19.50 -5.89
N ILE C 74 39.59 -18.92 -6.60
CA ILE C 74 39.82 -17.67 -7.32
C ILE C 74 38.74 -16.65 -6.99
N TRP C 75 39.09 -15.36 -7.09
CA TRP C 75 38.13 -14.31 -6.86
C TRP C 75 38.54 -13.04 -7.61
N GLN C 76 37.54 -12.19 -7.85
CA GLN C 76 37.72 -10.91 -8.49
C GLN C 76 36.63 -9.96 -8.10
N ILE C 77 37.00 -8.69 -7.93
CA ILE C 77 36.04 -7.62 -7.68
C ILE C 77 36.43 -6.47 -8.59
N GLU C 78 35.62 -6.20 -9.60
CA GLU C 78 35.97 -5.18 -10.62
C GLU C 78 35.04 -3.99 -10.51
N GLY C 79 35.62 -2.80 -10.46
CA GLY C 79 34.85 -1.58 -10.44
C GLY C 79 34.16 -1.27 -11.76
N GLY C 80 33.16 -0.41 -11.69
CA GLY C 80 32.50 0.10 -12.88
C GLY C 80 33.24 1.24 -13.58
N TYR C 81 32.67 1.66 -14.70
CA TYR C 81 33.23 2.79 -15.46
C TYR C 81 33.16 4.05 -14.60
N VAL C 82 34.28 4.71 -14.41
CA VAL C 82 34.31 5.84 -13.48
C VAL C 82 33.57 7.09 -13.93
N ASP C 83 33.44 7.33 -15.25
CA ASP C 83 32.72 8.53 -15.73
C ASP C 83 32.34 8.43 -17.19
N PRO C 84 31.42 7.53 -17.48
CA PRO C 84 31.01 7.32 -18.83
C PRO C 84 30.26 8.53 -19.39
N SER C 85 30.22 8.66 -20.72
CA SER C 85 29.38 9.67 -21.33
C SER C 85 27.90 9.34 -21.01
N PHE C 86 27.07 10.39 -20.98
CA PHE C 86 25.66 10.29 -20.68
C PHE C 86 25.38 9.84 -19.26
N GLY C 87 26.37 9.87 -18.37
CA GLY C 87 26.19 9.39 -16.99
C GLY C 87 26.99 10.27 -16.05
N GLY C 88 26.72 10.14 -14.76
CA GLY C 88 27.40 10.90 -13.74
C GLY C 88 28.68 10.19 -13.30
N GLU C 89 29.45 10.89 -12.48
CA GLU C 89 30.74 10.41 -12.01
C GLU C 89 30.60 9.36 -10.91
N GLY C 90 31.55 8.45 -10.87
CA GLY C 90 31.72 7.57 -9.74
C GLY C 90 31.20 6.18 -10.01
N ALA C 91 31.95 5.18 -9.59
CA ALA C 91 31.52 3.80 -9.73
C ALA C 91 31.89 3.00 -8.47
N GLY C 92 31.00 2.10 -8.11
CA GLY C 92 31.25 1.20 -6.99
C GLY C 92 32.15 0.05 -7.40
N LEU C 93 32.74 -0.60 -6.39
CA LEU C 93 33.43 -1.84 -6.60
C LEU C 93 32.41 -2.93 -6.75
N GLY C 94 32.61 -3.80 -7.73
CA GLY C 94 31.67 -4.87 -7.96
C GLY C 94 30.63 -4.64 -9.03
N GLU C 95 30.76 -3.56 -9.79
CA GLU C 95 29.83 -3.31 -10.86
C GLU C 95 30.15 -4.10 -12.13
N ARG C 96 31.41 -4.44 -12.34
CA ARG C 96 31.83 -5.25 -13.50
C ARG C 96 32.09 -6.69 -13.00
N ASP C 97 32.81 -7.52 -13.75
CA ASP C 97 32.88 -8.94 -13.42
C ASP C 97 33.44 -9.13 -11.99
N THR C 98 32.66 -9.82 -11.17
CA THR C 98 32.88 -9.87 -9.73
C THR C 98 32.35 -11.23 -9.26
N PHE C 99 33.26 -12.07 -8.79
CA PHE C 99 32.94 -13.47 -8.60
C PHE C 99 33.89 -14.16 -7.65
N VAL C 100 33.52 -15.37 -7.27
CA VAL C 100 34.43 -16.33 -6.65
C VAL C 100 34.41 -17.56 -7.52
N GLY C 101 35.34 -18.47 -7.32
CA GLY C 101 35.32 -19.69 -8.09
C GLY C 101 36.41 -20.66 -7.72
N PHE C 102 36.49 -21.72 -8.50
CA PHE C 102 37.51 -22.73 -8.36
C PHE C 102 37.98 -23.14 -9.74
N GLU C 103 39.23 -23.59 -9.80
CA GLU C 103 39.81 -24.01 -11.04
C GLU C 103 40.74 -25.20 -10.84
N SER C 104 40.81 -26.02 -11.88
CA SER C 104 41.63 -27.21 -11.90
C SER C 104 41.94 -27.54 -13.37
N ALA C 105 43.15 -27.99 -13.63
CA ALA C 105 43.66 -28.23 -15.00
C ALA C 105 42.75 -29.10 -15.83
N SER C 106 42.24 -30.19 -15.27
CA SER C 106 41.49 -31.14 -16.06
C SER C 106 40.05 -30.69 -16.40
N TRP C 107 39.47 -29.78 -15.62
CA TRP C 107 38.08 -29.35 -15.92
C TRP C 107 37.83 -27.86 -16.09
N GLY C 108 38.88 -27.04 -16.05
CA GLY C 108 38.78 -25.63 -16.35
C GLY C 108 38.45 -24.82 -15.10
N GLN C 109 37.37 -24.04 -15.17
CA GLN C 109 36.97 -23.25 -14.03
C GLN C 109 35.48 -23.04 -13.91
N VAL C 110 35.06 -22.80 -12.67
CA VAL C 110 33.68 -22.51 -12.35
C VAL C 110 33.66 -21.25 -11.54
N ARG C 111 32.81 -20.33 -11.94
CA ARG C 111 32.67 -19.05 -11.29
C ARG C 111 31.23 -18.85 -10.84
N LEU C 112 31.07 -18.23 -9.68
CA LEU C 112 29.77 -17.84 -9.13
C LEU C 112 29.83 -16.34 -8.89
N GLY C 113 28.82 -15.65 -9.36
CA GLY C 113 28.65 -14.23 -9.10
C GLY C 113 28.17 -13.48 -10.32
N ARG C 114 28.93 -12.46 -10.70
CA ARG C 114 28.56 -11.54 -11.78
C ARG C 114 29.58 -11.68 -12.91
N VAL C 115 29.11 -12.24 -14.03
CA VAL C 115 29.97 -12.56 -15.17
C VAL C 115 29.19 -12.32 -16.46
N LEU C 116 29.89 -12.43 -17.58
CA LEU C 116 29.23 -12.36 -18.87
C LEU C 116 28.54 -13.69 -19.19
N THR C 117 27.38 -13.63 -19.84
CA THR C 117 26.78 -14.82 -20.37
C THR C 117 27.61 -15.33 -21.56
N PRO C 118 27.53 -16.64 -21.85
CA PRO C 118 28.27 -17.18 -22.99
C PRO C 118 27.92 -16.51 -24.32
N MSE C 119 26.63 -16.25 -24.55
CA MSE C 119 26.15 -15.55 -25.75
C MSE C 119 26.68 -14.14 -25.75
O MSE C 119 27.26 -13.68 -26.75
CB MSE C 119 24.62 -15.52 -25.72
CG MSE C 119 23.90 -14.55 -26.67
SE MSE C 119 24.14 -15.07 -28.53
CE MSE C 119 23.09 -16.73 -28.43
N TYR C 120 26.50 -13.42 -24.65
CA TYR C 120 26.87 -12.02 -24.61
C TYR C 120 28.35 -11.82 -24.88
N GLU C 121 29.18 -12.70 -24.34
CA GLU C 121 30.61 -12.56 -24.53
C GLU C 121 31.01 -12.51 -26.02
N LEU C 122 30.37 -13.36 -26.82
CA LEU C 122 30.57 -13.38 -28.28
C LEU C 122 29.95 -12.21 -29.02
N VAL C 123 28.77 -11.78 -28.58
CA VAL C 123 28.10 -10.61 -29.14
C VAL C 123 28.97 -9.36 -28.97
N ASP C 124 29.54 -9.20 -27.77
CA ASP C 124 30.41 -8.08 -27.46
C ASP C 124 31.74 -8.17 -28.20
N TRP C 125 32.42 -9.30 -28.10
CA TRP C 125 33.71 -9.47 -28.73
C TRP C 125 33.71 -10.79 -29.54
N PRO C 126 33.91 -10.75 -30.86
CA PRO C 126 34.40 -9.59 -31.63
C PRO C 126 33.33 -8.62 -32.13
N ALA C 127 32.06 -9.00 -32.01
CA ALA C 127 31.03 -8.51 -32.94
C ALA C 127 30.39 -7.17 -32.65
N SER C 128 30.72 -6.53 -31.53
CA SER C 128 30.23 -5.17 -31.27
C SER C 128 31.31 -4.11 -31.47
N ASN C 129 32.49 -4.52 -31.93
CA ASN C 129 33.60 -3.61 -32.09
C ASN C 129 33.89 -3.35 -33.59
N PRO C 130 34.01 -2.10 -34.04
CA PRO C 130 34.14 -0.87 -33.21
C PRO C 130 32.89 0.00 -33.27
N GLY C 131 32.23 0.17 -32.13
CA GLY C 131 31.03 1.01 -32.06
C GLY C 131 29.80 0.43 -32.75
N LEU C 132 29.74 -0.89 -32.85
CA LEU C 132 28.62 -1.56 -33.49
C LEU C 132 27.52 -1.93 -32.50
N GLY C 133 27.76 -1.62 -31.22
CA GLY C 133 26.93 -2.08 -30.13
C GLY C 133 25.52 -1.54 -30.09
N ASP C 134 25.29 -0.29 -30.50
CA ASP C 134 23.93 0.25 -30.50
C ASP C 134 23.02 -0.60 -31.38
N VAL C 135 23.59 -1.20 -32.42
CA VAL C 135 22.82 -2.08 -33.27
C VAL C 135 22.89 -3.51 -32.75
N TYR C 136 24.08 -4.05 -32.59
CA TYR C 136 24.23 -5.50 -32.43
C TYR C 136 24.27 -6.02 -30.98
N ASP C 137 24.56 -5.14 -30.02
CA ASP C 137 24.67 -5.53 -28.61
C ASP C 137 23.31 -5.36 -27.94
N TRP C 138 22.92 -4.14 -27.66
CA TRP C 138 21.62 -3.90 -26.98
C TRP C 138 20.60 -3.38 -27.95
N GLY C 139 20.95 -3.24 -29.23
CA GLY C 139 19.96 -2.89 -30.24
C GLY C 139 19.07 -4.09 -30.58
N GLY C 140 18.01 -3.81 -31.33
CA GLY C 140 17.04 -4.80 -31.75
C GLY C 140 15.67 -4.43 -31.20
N ALA C 141 14.66 -5.04 -31.77
CA ALA C 141 13.29 -4.67 -31.53
C ALA C 141 12.45 -5.78 -30.89
N ILE C 142 13.05 -6.93 -30.59
CA ILE C 142 12.28 -8.08 -30.17
C ILE C 142 11.81 -7.91 -28.73
N GLY C 143 10.63 -8.42 -28.40
CA GLY C 143 10.14 -8.37 -27.02
C GLY C 143 10.85 -9.34 -26.09
N GLY C 144 10.54 -9.24 -24.80
CA GLY C 144 11.13 -10.10 -23.79
C GLY C 144 12.57 -9.73 -23.55
N ALA C 145 13.43 -10.73 -23.40
CA ALA C 145 14.87 -10.49 -23.16
C ALA C 145 15.67 -11.37 -24.10
N LYS C 146 16.19 -10.78 -25.16
CA LYS C 146 16.93 -11.57 -26.17
C LYS C 146 18.12 -12.34 -25.55
N TYR C 147 18.77 -11.70 -24.58
CA TYR C 147 19.84 -12.31 -23.77
C TYR C 147 20.19 -11.34 -22.68
N GLN C 148 20.78 -11.84 -21.61
CA GLN C 148 21.37 -11.00 -20.60
C GLN C 148 22.78 -10.62 -21.09
N ASP C 149 23.44 -9.72 -20.38
CA ASP C 149 24.77 -9.32 -20.78
C ASP C 149 25.81 -9.65 -19.71
N ARG C 150 26.11 -8.71 -18.82
CA ARG C 150 26.82 -9.01 -17.59
C ARG C 150 25.74 -9.17 -16.53
N GLN C 151 25.74 -10.31 -15.86
CA GLN C 151 24.60 -10.68 -15.02
C GLN C 151 25.08 -11.25 -13.67
N SER C 152 24.47 -10.74 -12.61
CA SER C 152 24.68 -11.24 -11.25
C SER C 152 23.89 -12.53 -11.05
N ASN C 153 24.13 -13.21 -9.93
CA ASN C 153 23.41 -14.44 -9.61
C ASN C 153 23.59 -15.54 -10.67
N THR C 154 24.83 -15.68 -11.15
CA THR C 154 25.16 -16.59 -12.24
C THR C 154 26.20 -17.61 -11.79
N ILE C 155 26.05 -18.84 -12.28
CA ILE C 155 27.11 -19.83 -12.24
C ILE C 155 27.54 -20.12 -13.66
N ARG C 156 28.86 -20.09 -13.90
CA ARG C 156 29.41 -20.26 -15.23
C ARG C 156 30.61 -21.18 -15.19
N TRP C 157 30.60 -22.16 -16.09
CA TRP C 157 31.71 -23.07 -16.31
C TRP C 157 32.42 -22.70 -17.59
N ASP C 158 33.75 -22.59 -17.51
CA ASP C 158 34.62 -22.45 -18.71
C ASP C 158 35.50 -23.67 -18.77
N SER C 159 35.29 -24.47 -19.80
CA SER C 159 36.04 -25.69 -19.98
C SER C 159 37.51 -25.37 -20.27
N PRO C 160 38.39 -26.35 -20.10
CA PRO C 160 39.69 -26.21 -20.74
C PRO C 160 39.58 -26.19 -22.27
N MSE C 161 40.70 -25.86 -22.89
CA MSE C 161 40.89 -25.97 -24.32
C MSE C 161 41.20 -27.41 -24.65
O MSE C 161 42.34 -27.81 -24.60
CB MSE C 161 42.07 -25.06 -24.63
CG MSE C 161 42.37 -25.11 -26.11
SE MSE C 161 41.01 -23.98 -26.95
CE MSE C 161 42.30 -22.50 -27.14
N TYR C 162 40.18 -28.21 -24.98
CA TYR C 162 40.37 -29.62 -25.25
C TYR C 162 41.15 -29.82 -26.55
N ALA C 163 42.22 -30.62 -26.46
CA ALA C 163 43.11 -30.92 -27.60
C ALA C 163 43.64 -29.66 -28.26
N ASP C 164 43.85 -28.60 -27.47
CA ASP C 164 44.27 -27.28 -27.97
C ASP C 164 43.33 -26.62 -28.99
N LYS C 165 42.10 -27.11 -29.10
CA LYS C 165 41.19 -26.73 -30.20
C LYS C 165 39.80 -26.29 -29.78
N PHE C 166 39.19 -27.00 -28.84
CA PHE C 166 37.76 -26.93 -28.60
C PHE C 166 37.48 -26.53 -27.14
N SER C 167 36.63 -25.53 -26.94
CA SER C 167 36.23 -25.12 -25.62
C SER C 167 34.75 -24.81 -25.56
N ILE C 168 34.22 -24.86 -24.35
CA ILE C 168 32.80 -24.66 -24.07
C ILE C 168 32.68 -23.69 -22.89
N ASP C 169 31.69 -22.81 -22.98
CA ASP C 169 31.32 -21.91 -21.88
C ASP C 169 29.84 -22.19 -21.63
N ALA C 170 29.46 -22.48 -20.38
CA ALA C 170 28.07 -22.79 -20.07
C ALA C 170 27.68 -22.12 -18.76
N ALA C 171 26.46 -21.61 -18.69
CA ALA C 171 26.03 -20.85 -17.53
C ALA C 171 24.52 -20.89 -17.34
N VAL C 172 24.11 -20.73 -16.09
CA VAL C 172 22.72 -20.50 -15.76
C VAL C 172 22.71 -19.42 -14.70
N GLY C 173 21.63 -18.66 -14.66
CA GLY C 173 21.50 -17.63 -13.66
C GLY C 173 20.10 -17.11 -13.43
N ALA C 174 19.97 -16.32 -12.39
CA ALA C 174 18.72 -15.60 -12.12
C ALA C 174 18.59 -14.37 -12.99
N GLY C 175 17.34 -14.02 -13.29
CA GLY C 175 17.04 -12.85 -14.07
C GLY C 175 17.11 -11.57 -13.28
N ASP C 176 16.82 -10.46 -13.94
CA ASP C 176 16.90 -9.14 -13.33
C ASP C 176 15.92 -8.96 -12.18
N LYS C 177 14.69 -9.41 -12.34
CA LYS C 177 13.70 -9.24 -11.26
C LYS C 177 13.97 -10.17 -10.11
N ALA C 178 14.36 -11.41 -10.45
CA ALA C 178 14.68 -12.43 -9.45
C ALA C 178 15.80 -11.98 -8.51
N GLY C 179 16.75 -11.23 -9.04
CA GLY C 179 17.87 -10.72 -8.26
C GLY C 179 17.49 -9.67 -7.23
N LEU C 180 16.28 -9.13 -7.32
CA LEU C 180 15.75 -8.19 -6.35
C LEU C 180 14.61 -8.82 -5.56
N GLY C 181 14.36 -10.11 -5.72
CA GLY C 181 13.22 -10.72 -5.05
C GLY C 181 11.89 -10.25 -5.60
N ALA C 182 11.87 -9.87 -6.88
CA ALA C 182 10.71 -9.23 -7.49
C ALA C 182 10.19 -10.02 -8.69
N GLY C 183 10.65 -11.26 -8.87
CA GLY C 183 10.23 -12.06 -10.00
C GLY C 183 10.89 -13.42 -9.93
N ASP C 184 10.64 -14.22 -10.95
CA ASP C 184 11.18 -15.58 -11.05
C ASP C 184 11.76 -15.86 -12.43
N ASP C 185 12.29 -14.79 -13.04
CA ASP C 185 12.98 -14.89 -14.30
C ASP C 185 14.32 -15.61 -14.11
N TYR C 186 14.76 -16.28 -15.16
CA TYR C 186 16.00 -17.01 -15.17
C TYR C 186 16.41 -17.29 -16.62
N TRP C 187 17.63 -17.77 -16.77
CA TRP C 187 18.19 -18.00 -18.08
C TRP C 187 19.25 -19.10 -18.01
N GLY C 188 19.52 -19.68 -19.16
CA GLY C 188 20.64 -20.58 -19.33
C GLY C 188 21.25 -20.37 -20.70
N GLY C 189 22.55 -20.62 -20.81
CA GLY C 189 23.22 -20.40 -22.08
C GLY C 189 24.46 -21.23 -22.23
N ILE C 190 24.91 -21.35 -23.47
CA ILE C 190 26.09 -22.14 -23.77
C ILE C 190 26.73 -21.62 -25.05
N ALA C 191 28.06 -21.68 -25.11
CA ALA C 191 28.82 -21.35 -26.32
C ALA C 191 29.93 -22.36 -26.50
N ALA C 192 30.28 -22.59 -27.77
CA ALA C 192 31.37 -23.49 -28.13
C ALA C 192 32.26 -22.78 -29.14
N HIS C 193 33.53 -23.13 -29.09
CA HIS C 193 34.54 -22.50 -29.92
C HIS C 193 35.45 -23.58 -30.43
N TYR C 194 35.77 -23.53 -31.71
CA TYR C 194 36.64 -24.50 -32.30
C TYR C 194 37.72 -23.79 -33.13
N LYS C 195 38.96 -24.08 -32.81
CA LYS C 195 40.13 -23.43 -33.46
C LYS C 195 40.80 -24.26 -34.42
N LEU C 196 40.90 -23.82 -35.67
CA LEU C 196 41.58 -24.63 -36.67
C LEU C 196 42.33 -23.74 -37.67
N GLY C 197 43.65 -23.72 -37.48
CA GLY C 197 44.57 -23.04 -38.34
C GLY C 197 44.32 -21.59 -38.12
N PRO C 198 44.12 -20.87 -39.19
CA PRO C 198 43.85 -19.50 -38.89
C PRO C 198 42.42 -19.12 -38.48
N LEU C 199 41.50 -20.07 -38.31
CA LEU C 199 40.11 -19.75 -38.01
C LEU C 199 39.68 -20.20 -36.65
N GLN C 200 38.66 -19.53 -36.15
CA GLN C 200 37.90 -20.01 -35.02
C GLN C 200 36.45 -20.00 -35.47
N LEU C 201 35.76 -21.11 -35.22
CA LEU C 201 34.30 -21.20 -35.39
C LEU C 201 33.62 -21.06 -34.04
N ASP C 202 32.54 -20.28 -33.98
CA ASP C 202 31.79 -19.98 -32.75
C ASP C 202 30.32 -20.34 -32.92
N ALA C 203 29.71 -20.82 -31.85
CA ALA C 203 28.29 -21.03 -31.80
C ALA C 203 27.81 -20.77 -30.38
N ALA C 204 26.62 -20.18 -30.24
CA ALA C 204 26.06 -19.91 -28.93
C ALA C 204 24.55 -19.96 -28.92
N TYR C 205 24.02 -20.12 -27.69
CA TYR C 205 22.62 -20.17 -27.41
C TYR C 205 22.35 -19.52 -26.08
N GLU C 206 21.21 -18.84 -25.98
CA GLU C 206 20.70 -18.42 -24.69
C GLU C 206 19.18 -18.53 -24.68
N GLY C 207 18.66 -19.07 -23.58
CA GLY C 207 17.22 -19.15 -23.37
C GLY C 207 16.87 -18.39 -22.11
N ASN C 208 15.97 -17.42 -22.23
CA ASN C 208 15.44 -16.67 -21.11
C ASN C 208 14.00 -17.08 -20.86
N ARG C 209 13.64 -17.16 -19.58
CA ARG C 209 12.35 -17.69 -19.15
C ARG C 209 11.73 -16.82 -18.07
N ASN C 210 10.40 -16.82 -18.02
CA ASN C 210 9.62 -16.08 -17.03
C ASN C 210 9.90 -14.58 -17.06
N ILE C 211 10.14 -14.04 -18.25
CA ILE C 211 10.47 -12.62 -18.41
C ILE C 211 9.18 -11.83 -18.40
N GLU C 212 9.06 -10.84 -17.53
CA GLU C 212 7.84 -10.06 -17.44
C GLU C 212 8.00 -8.73 -18.16
N ALA C 213 7.19 -8.46 -19.18
CA ALA C 213 7.26 -7.20 -19.91
C ALA C 213 6.00 -7.03 -20.72
N GLU C 214 5.56 -5.78 -20.84
CA GLU C 214 4.43 -5.42 -21.70
C GLU C 214 3.14 -6.16 -21.32
N GLY C 215 3.00 -6.51 -20.03
CA GLY C 215 1.82 -7.22 -19.55
C GLY C 215 1.81 -8.72 -19.79
N GLN C 216 2.94 -9.27 -20.28
CA GLN C 216 3.02 -10.70 -20.62
C GLN C 216 4.19 -11.30 -19.89
N THR C 217 4.23 -12.61 -19.92
CA THR C 217 5.40 -13.38 -19.58
C THR C 217 5.97 -13.94 -20.91
N TRP C 218 7.29 -13.82 -21.07
CA TRP C 218 7.95 -14.18 -22.30
C TRP C 218 8.99 -15.29 -22.10
N GLU C 219 9.16 -16.08 -23.15
CA GLU C 219 10.32 -16.94 -23.30
C GLU C 219 11.08 -16.52 -24.55
N ASN C 220 12.38 -16.32 -24.40
CA ASN C 220 13.25 -16.01 -25.52
C ASN C 220 14.22 -17.14 -25.77
N ASN C 221 14.51 -17.35 -27.05
CA ASN C 221 15.57 -18.27 -27.51
C ASN C 221 16.39 -17.56 -28.59
N THR C 222 17.69 -17.43 -28.34
CA THR C 222 18.59 -16.74 -29.23
C THR C 222 19.75 -17.66 -29.59
N TYR C 223 20.09 -17.67 -30.89
CA TYR C 223 21.09 -18.56 -31.45
C TYR C 223 22.07 -17.72 -32.24
N LEU C 224 23.33 -18.11 -32.20
CA LEU C 224 24.39 -17.38 -32.86
C LEU C 224 25.39 -18.34 -33.49
N VAL C 225 25.84 -18.02 -34.70
CA VAL C 225 26.97 -18.71 -35.30
C VAL C 225 27.93 -17.65 -35.81
N GLY C 226 29.22 -17.97 -35.78
CA GLY C 226 30.24 -17.03 -36.18
C GLY C 226 31.56 -17.66 -36.60
N VAL C 227 32.35 -16.83 -37.26
CA VAL C 227 33.71 -17.17 -37.64
C VAL C 227 34.62 -15.98 -37.35
N GLN C 228 35.85 -16.29 -36.99
CA GLN C 228 36.90 -15.30 -36.82
C GLN C 228 38.11 -15.86 -37.54
N GLY C 229 38.84 -15.00 -38.22
CA GLY C 229 40.06 -15.41 -38.89
C GLY C 229 41.21 -14.43 -38.69
N TRP C 230 42.42 -14.97 -38.64
CA TRP C 230 43.64 -14.19 -38.49
C TRP C 230 44.68 -14.80 -39.38
N PHE C 231 45.15 -14.06 -40.38
CA PHE C 231 46.15 -14.55 -41.30
C PHE C 231 47.47 -13.82 -41.12
N GLU C 232 48.55 -14.48 -41.49
CA GLU C 232 49.88 -13.95 -41.31
C GLU C 232 50.20 -12.75 -42.19
N ASN C 233 49.49 -12.57 -43.30
CA ASN C 233 49.69 -11.37 -44.13
C ASN C 233 49.07 -10.06 -43.52
N GLY C 234 48.54 -10.15 -42.30
CA GLY C 234 47.98 -8.99 -41.64
C GLY C 234 46.47 -8.81 -41.77
N ILE C 235 45.80 -9.63 -42.58
CA ILE C 235 44.34 -9.57 -42.69
C ILE C 235 43.70 -10.42 -41.60
N SER C 236 42.72 -9.84 -40.92
CA SER C 236 41.87 -10.57 -39.99
C SER C 236 40.42 -10.12 -40.18
N PHE C 237 39.49 -10.94 -39.71
CA PHE C 237 38.09 -10.64 -39.91
C PHE C 237 37.23 -11.41 -38.92
N PHE C 238 35.98 -11.01 -38.85
CA PHE C 238 34.94 -11.78 -38.17
C PHE C 238 33.62 -11.60 -38.93
N ALA C 239 32.73 -12.56 -38.72
CA ALA C 239 31.35 -12.49 -39.20
C ALA C 239 30.46 -13.34 -38.31
N GLN C 240 29.29 -12.81 -37.98
CA GLN C 240 28.31 -13.53 -37.17
C GLN C 240 26.90 -13.34 -37.72
N TYR C 241 26.08 -14.35 -37.48
CA TYR C 241 24.65 -14.33 -37.71
C TYR C 241 23.96 -14.69 -36.40
N LYS C 242 22.92 -13.93 -36.07
CA LYS C 242 22.23 -14.04 -34.79
C LYS C 242 20.73 -14.12 -35.06
N TYR C 243 20.07 -15.15 -34.52
CA TYR C 243 18.64 -15.41 -34.74
C TYR C 243 17.93 -15.35 -33.39
N MSE C 244 16.92 -14.48 -33.29
CA MSE C 244 16.21 -14.21 -32.00
C MSE C 244 14.75 -14.57 -32.17
O MSE C 244 14.10 -14.15 -33.15
CB MSE C 244 16.34 -12.75 -31.59
CG MSE C 244 17.81 -12.43 -31.30
SE MSE C 244 18.17 -10.51 -31.26
CE MSE C 244 18.27 -10.17 -33.18
N GLU C 245 14.24 -15.38 -31.25
CA GLU C 245 12.85 -15.73 -31.22
C GLU C 245 12.27 -15.45 -29.85
N ALA C 246 11.01 -15.07 -29.81
CA ALA C 246 10.33 -14.77 -28.56
C ALA C 246 8.89 -15.18 -28.62
N ASP C 247 8.40 -15.75 -27.53
CA ASP C 247 7.00 -16.16 -27.43
C ASP C 247 6.41 -15.60 -26.15
N ALA C 248 5.29 -14.89 -26.29
CA ALA C 248 4.62 -14.26 -25.15
C ALA C 248 3.48 -15.17 -24.66
N SER C 249 3.12 -15.02 -23.40
CA SER C 249 2.09 -15.85 -22.78
C SER C 249 0.70 -15.68 -23.42
N ASN C 250 0.46 -14.58 -24.13
CA ASN C 250 -0.79 -14.44 -24.91
C ASN C 250 -0.78 -15.14 -26.27
N GLY C 251 0.31 -15.84 -26.62
CA GLY C 251 0.38 -16.60 -27.86
C GLY C 251 1.15 -15.89 -28.98
N VAL C 252 1.49 -14.63 -28.80
CA VAL C 252 2.22 -13.89 -29.83
C VAL C 252 3.65 -14.44 -29.98
N ASN C 253 4.05 -14.62 -31.24
CA ASN C 253 5.39 -15.02 -31.61
C ASN C 253 6.11 -13.86 -32.30
N GLU C 254 7.37 -13.65 -31.97
CA GLU C 254 8.18 -12.67 -32.66
C GLU C 254 9.51 -13.29 -33.07
N LYS C 255 10.04 -12.83 -34.21
CA LYS C 255 11.34 -13.26 -34.73
C LYS C 255 12.07 -12.08 -35.33
N GLN C 256 13.36 -12.02 -35.06
CA GLN C 256 14.22 -11.03 -35.68
C GLN C 256 15.60 -11.63 -35.81
N ASP C 257 16.25 -11.38 -36.93
CA ASP C 257 17.65 -11.77 -37.05
C ASP C 257 18.56 -10.57 -37.33
N ALA C 258 19.86 -10.84 -37.29
CA ALA C 258 20.86 -9.82 -37.32
C ALA C 258 22.18 -10.42 -37.78
N MSE C 259 23.11 -9.54 -38.12
CA MSE C 259 24.46 -9.96 -38.45
C MSE C 259 25.44 -8.88 -38.07
O MSE C 259 25.05 -7.71 -37.89
CB MSE C 259 24.53 -10.26 -39.93
CG MSE C 259 24.08 -9.00 -40.61
SE MSE C 259 25.62 -8.03 -41.31
CE MSE C 259 24.95 -8.52 -43.03
N SER C 260 26.70 -9.25 -38.02
CA SER C 260 27.78 -8.33 -37.78
C SER C 260 29.02 -8.87 -38.47
N ALA C 261 29.81 -7.98 -39.05
CA ALA C 261 31.05 -8.38 -39.70
C ALA C 261 32.09 -7.27 -39.57
N GLY C 262 33.35 -7.66 -39.61
CA GLY C 262 34.45 -6.73 -39.54
C GLY C 262 35.64 -7.24 -40.34
N LEU C 263 36.39 -6.29 -40.90
CA LEU C 263 37.58 -6.56 -41.64
C LEU C 263 38.70 -5.69 -41.10
N MSE C 264 39.86 -6.30 -40.84
CA MSE C 264 41.00 -5.60 -40.32
C MSE C 264 42.22 -5.83 -41.14
O MSE C 264 42.45 -6.94 -41.70
CB MSE C 264 41.26 -6.07 -38.91
CG MSE C 264 40.24 -5.54 -37.91
SE MSE C 264 40.15 -6.63 -36.29
CE MSE C 264 39.08 -8.04 -37.19
N TYR C 265 43.06 -4.79 -41.23
CA TYR C 265 44.37 -4.93 -41.81
C TYR C 265 45.38 -4.34 -40.81
N THR C 266 46.31 -5.18 -40.37
CA THR C 266 47.34 -4.82 -39.42
C THR C 266 48.68 -4.80 -40.12
N THR C 267 49.37 -3.69 -40.04
CA THR C 267 50.70 -3.53 -40.62
C THR C 267 51.55 -2.65 -39.67
N GLY C 268 52.71 -3.19 -39.25
CA GLY C 268 53.57 -2.59 -38.23
C GLY C 268 52.75 -2.24 -36.98
N ASP C 269 52.73 -0.97 -36.61
CA ASP C 269 52.03 -0.56 -35.39
C ASP C 269 50.61 -0.05 -35.64
N TRP C 270 50.01 -0.36 -36.79
CA TRP C 270 48.72 0.18 -37.17
C TRP C 270 47.72 -0.94 -37.43
N GLN C 271 46.47 -0.71 -37.03
CA GLN C 271 45.37 -1.53 -37.48
C GLN C 271 44.24 -0.66 -38.06
N TYR C 272 43.88 -0.98 -39.30
CA TYR C 272 42.75 -0.38 -39.98
C TYR C 272 41.57 -1.33 -39.83
N LYS C 273 40.38 -0.79 -39.59
CA LYS C 273 39.21 -1.63 -39.37
C LYS C 273 37.95 -1.04 -39.93
N LEU C 274 37.15 -1.91 -40.57
CA LEU C 274 35.81 -1.58 -41.03
C LEU C 274 34.86 -2.53 -40.39
N GLY C 275 33.75 -2.01 -39.89
CA GLY C 275 32.70 -2.81 -39.26
C GLY C 275 31.33 -2.47 -39.83
N TYR C 276 30.47 -3.49 -39.89
CA TYR C 276 29.09 -3.32 -40.28
C TYR C 276 28.22 -4.27 -39.47
N ALA C 277 27.08 -3.79 -38.94
CA ALA C 277 26.10 -4.65 -38.32
C ALA C 277 24.70 -4.19 -38.65
N ALA C 278 23.78 -5.14 -38.65
CA ALA C 278 22.39 -4.87 -39.01
C ALA C 278 21.45 -5.76 -38.23
N ASN C 279 20.29 -5.20 -37.85
CA ASN C 279 19.12 -5.95 -37.44
C ASN C 279 18.14 -5.87 -38.58
N PHE C 280 17.58 -6.99 -39.00
CA PHE C 280 16.62 -7.01 -40.09
C PHE C 280 15.23 -6.75 -39.55
N ASP C 281 14.24 -6.58 -40.42
CA ASP C 281 12.88 -6.27 -39.95
C ASP C 281 12.33 -7.37 -39.04
N LEU C 282 11.68 -6.94 -37.98
CA LEU C 282 11.07 -7.85 -37.05
C LEU C 282 9.79 -8.42 -37.68
N GLU C 283 9.51 -9.67 -37.33
CA GLU C 283 8.29 -10.35 -37.71
C GLU C 283 7.50 -10.66 -36.44
N ARG C 284 6.21 -10.33 -36.47
CA ARG C 284 5.29 -10.63 -35.38
C ARG C 284 4.12 -11.45 -35.93
N ASP C 285 3.93 -12.63 -35.36
CA ASP C 285 2.91 -13.59 -35.84
C ASP C 285 2.93 -13.77 -37.35
N GLY C 286 4.12 -13.96 -37.90
CA GLY C 286 4.25 -14.21 -39.33
C GLY C 286 4.15 -12.98 -40.23
N LYS C 287 4.00 -11.78 -39.68
CA LYS C 287 3.92 -10.55 -40.48
C LYS C 287 5.11 -9.64 -40.20
N THR C 288 5.73 -9.18 -41.27
CA THR C 288 6.86 -8.27 -41.18
C THR C 288 6.40 -6.90 -40.75
N LEU C 289 7.07 -6.33 -39.75
CA LEU C 289 6.82 -4.96 -39.33
C LEU C 289 7.78 -4.06 -40.11
N SER C 290 7.22 -3.22 -40.97
CA SER C 290 8.07 -2.45 -41.88
C SER C 290 8.89 -1.41 -41.12
N ASN C 291 10.09 -1.18 -41.63
CA ASN C 291 11.02 -0.19 -41.10
C ASN C 291 11.40 -0.43 -39.64
N THR C 292 11.54 -1.70 -39.26
CA THR C 292 12.01 -2.07 -37.94
C THR C 292 13.46 -2.55 -37.94
N SER C 293 14.14 -2.40 -39.06
CA SER C 293 15.57 -2.70 -39.16
C SER C 293 16.46 -1.56 -38.61
N ASP C 294 17.71 -1.91 -38.32
CA ASP C 294 18.76 -0.96 -37.97
C ASP C 294 20.03 -1.34 -38.74
N ASP C 295 20.88 -0.37 -39.03
CA ASP C 295 22.28 -0.72 -39.29
C ASP C 295 23.29 0.34 -38.88
N VAL C 296 24.55 -0.08 -38.88
CA VAL C 296 25.68 0.75 -38.52
C VAL C 296 26.88 0.37 -39.38
N VAL C 297 27.57 1.41 -39.85
CA VAL C 297 28.86 1.25 -40.47
C VAL C 297 29.86 2.05 -39.68
N SER C 298 31.06 1.47 -39.52
CA SER C 298 32.08 2.07 -38.68
C SER C 298 33.47 1.87 -39.31
N ALA C 299 34.32 2.88 -39.16
CA ALA C 299 35.69 2.82 -39.61
C ALA C 299 36.60 3.29 -38.46
N GLN C 300 37.74 2.62 -38.33
CA GLN C 300 38.67 2.90 -37.25
C GLN C 300 40.11 2.73 -37.71
N ILE C 301 40.97 3.62 -37.21
CA ILE C 301 42.42 3.47 -37.30
C ILE C 301 42.93 3.43 -35.87
N MSE C 302 43.75 2.42 -35.59
CA MSE C 302 44.28 2.21 -34.27
C MSE C 302 45.79 2.15 -34.36
O MSE C 302 46.35 1.55 -35.31
CB MSE C 302 43.66 0.95 -33.67
CG MSE C 302 44.28 0.55 -32.34
SE MSE C 302 43.08 -0.76 -31.43
CE MSE C 302 43.27 -2.22 -32.63
N TYR C 303 46.45 2.78 -33.40
CA TYR C 303 47.91 2.81 -33.31
C TYR C 303 48.35 2.10 -32.04
N PHE C 304 49.27 1.15 -32.20
CA PHE C 304 49.79 0.38 -31.07
C PHE C 304 50.90 1.21 -30.46
N VAL C 305 50.47 2.17 -29.63
CA VAL C 305 51.37 3.16 -29.07
C VAL C 305 52.37 2.57 -28.04
N ASP C 306 52.03 1.42 -27.49
CA ASP C 306 52.85 0.72 -26.54
C ASP C 306 52.38 -0.74 -26.50
N PRO C 307 53.23 -1.68 -26.04
CA PRO C 307 52.66 -3.03 -25.79
C PRO C 307 51.45 -3.06 -24.82
N SER C 308 51.33 -2.09 -23.93
CA SER C 308 50.24 -2.01 -22.96
C SER C 308 49.09 -1.05 -23.37
N ALA C 309 49.14 -0.44 -24.55
CA ALA C 309 48.18 0.63 -24.85
C ALA C 309 47.95 0.87 -26.34
N VAL C 310 46.79 1.43 -26.63
CA VAL C 310 46.43 1.83 -27.99
C VAL C 310 45.85 3.25 -28.02
N LEU C 311 46.05 3.90 -29.16
CA LEU C 311 45.33 5.13 -29.50
C LEU C 311 44.47 4.81 -30.69
N TYR C 312 43.30 5.43 -30.79
CA TYR C 312 42.46 5.22 -31.96
C TYR C 312 41.65 6.44 -32.37
N ALA C 313 41.23 6.41 -33.63
CA ALA C 313 40.26 7.35 -34.18
C ALA C 313 39.18 6.53 -34.86
N ARG C 314 37.93 6.97 -34.69
CA ARG C 314 36.78 6.19 -35.09
C ARG C 314 35.64 7.07 -35.62
N ALA C 315 35.00 6.62 -36.69
CA ALA C 315 33.86 7.31 -37.29
C ALA C 315 32.79 6.27 -37.55
N ARG C 316 31.56 6.52 -37.10
CA ARG C 316 30.45 5.60 -37.35
C ARG C 316 29.12 6.31 -37.62
N MSE C 317 28.24 5.61 -38.33
CA MSE C 317 26.95 6.11 -38.69
C MSE C 317 25.93 5.07 -38.34
O MSE C 317 25.98 3.96 -38.89
CB MSE C 317 26.86 6.39 -40.21
CG MSE C 317 27.90 7.37 -40.69
SE MSE C 317 27.72 7.68 -42.66
CE MSE C 317 25.78 7.42 -42.87
N ASN C 318 24.99 5.45 -37.47
CA ASN C 318 23.88 4.61 -37.06
C ASN C 318 22.59 5.04 -37.72
N ASP C 319 21.92 4.10 -38.38
CA ASP C 319 20.62 4.34 -38.99
C ASP C 319 19.63 3.36 -38.35
N PHE C 320 18.82 3.86 -37.42
CA PHE C 320 17.93 3.02 -36.65
C PHE C 320 16.54 2.90 -37.24
N ASN C 321 15.82 1.92 -36.72
CA ASN C 321 14.42 1.71 -37.03
C ASN C 321 13.53 2.93 -36.77
N GLU C 322 12.34 2.93 -37.35
CA GLU C 322 11.39 4.03 -37.23
C GLU C 322 10.31 3.79 -36.16
N GLY C 323 10.52 2.82 -35.27
CA GLY C 323 9.64 2.62 -34.12
C GLY C 323 8.66 1.48 -34.28
N LEU C 324 8.24 0.93 -33.15
CA LEU C 324 7.17 -0.06 -33.10
C LEU C 324 6.53 -0.04 -31.73
N ASP C 325 5.32 -0.55 -31.67
CA ASP C 325 4.63 -0.78 -30.41
C ASP C 325 4.90 -2.16 -29.88
N GLY C 326 4.89 -2.28 -28.55
CA GLY C 326 4.92 -3.56 -27.87
C GLY C 326 3.52 -4.12 -27.76
N LEU C 327 3.38 -5.20 -27.00
CA LEU C 327 2.10 -5.91 -26.92
C LEU C 327 1.10 -5.25 -25.97
N ASP C 328 1.51 -4.18 -25.29
CA ASP C 328 0.61 -3.36 -24.46
C ASP C 328 0.15 -2.10 -25.18
N ASP C 329 0.31 -2.02 -26.51
CA ASP C 329 -0.06 -0.85 -27.32
C ASP C 329 0.65 0.47 -26.97
N ALA C 330 1.82 0.39 -26.35
CA ALA C 330 2.65 1.55 -26.12
C ALA C 330 3.95 1.30 -26.90
N ALA C 331 4.68 2.38 -27.18
CA ALA C 331 5.95 2.30 -27.90
C ALA C 331 6.88 1.34 -27.17
N ARG C 332 7.53 0.45 -27.92
CA ARG C 332 8.55 -0.40 -27.34
C ARG C 332 9.88 0.34 -27.47
N TRP C 333 10.58 0.50 -26.36
CA TRP C 333 11.86 1.19 -26.38
C TRP C 333 12.89 0.36 -27.16
N THR C 334 13.65 1.03 -28.02
CA THR C 334 14.82 0.44 -28.65
C THR C 334 15.97 1.43 -28.64
N SER C 335 17.12 0.96 -29.09
CA SER C 335 18.30 1.84 -29.27
C SER C 335 18.10 2.91 -30.33
N GLY C 336 17.05 2.80 -31.14
CA GLY C 336 16.64 3.83 -32.07
C GLY C 336 15.68 4.88 -31.55
N THR C 337 15.14 4.71 -30.35
CA THR C 337 14.13 5.62 -29.80
C THR C 337 14.65 7.06 -29.77
N ASN C 338 15.91 7.26 -29.42
CA ASN C 338 16.50 8.59 -29.40
C ASN C 338 16.89 9.19 -30.77
N GLY C 339 16.84 8.41 -31.85
CA GLY C 339 17.08 8.89 -33.20
C GLY C 339 18.42 8.45 -33.76
N ASP C 340 18.53 8.59 -35.07
CA ASP C 340 19.78 8.31 -35.81
C ASP C 340 20.90 9.27 -35.38
N TYR C 341 22.13 8.80 -35.40
CA TYR C 341 23.25 9.68 -35.20
C TYR C 341 24.54 9.16 -35.80
N ASN C 342 25.43 10.09 -36.08
CA ASN C 342 26.81 9.81 -36.44
C ASN C 342 27.70 10.24 -35.31
N GLU C 343 28.86 9.60 -35.21
CA GLU C 343 29.82 9.87 -34.14
C GLU C 343 31.27 9.80 -34.65
N TYR C 344 32.04 10.84 -34.30
CA TYR C 344 33.47 10.92 -34.53
C TYR C 344 34.12 10.88 -33.16
N SER C 345 35.16 10.05 -33.01
CA SER C 345 35.81 9.92 -31.71
C SER C 345 37.29 9.60 -31.81
N VAL C 346 38.00 9.94 -30.74
CA VAL C 346 39.39 9.54 -30.56
C VAL C 346 39.48 9.00 -29.14
N GLY C 347 40.41 8.07 -28.92
CA GLY C 347 40.55 7.50 -27.60
C GLY C 347 41.87 6.83 -27.32
N VAL C 348 42.04 6.51 -26.05
CA VAL C 348 43.22 5.84 -25.54
C VAL C 348 42.74 4.73 -24.63
N GLU C 349 43.38 3.57 -24.70
CA GLU C 349 43.16 2.52 -23.70
C GLU C 349 44.52 1.95 -23.28
N TYR C 350 44.69 1.80 -21.97
CA TYR C 350 45.95 1.35 -21.37
C TYR C 350 45.59 0.32 -20.28
N TYR C 351 46.35 -0.78 -20.26
CA TYR C 351 46.09 -1.93 -19.37
C TYR C 351 47.26 -2.09 -18.45
N PHE C 352 46.97 -2.30 -17.17
CA PHE C 352 48.02 -2.73 -16.24
C PHE C 352 47.47 -3.75 -15.24
N GLU D 12 -63.29 2.40 -5.50
CA GLU D 12 -62.45 3.62 -5.64
C GLU D 12 -61.95 4.13 -4.27
N TYR D 13 -62.85 4.23 -3.29
CA TYR D 13 -62.46 4.60 -1.92
C TYR D 13 -61.94 3.39 -1.15
N LEU D 14 -60.92 3.60 -0.33
CA LEU D 14 -60.23 2.51 0.35
C LEU D 14 -60.82 2.19 1.72
N THR D 15 -60.77 0.92 2.09
CA THR D 15 -61.02 0.46 3.47
C THR D 15 -59.78 -0.30 3.96
N LYS D 16 -59.80 -0.67 5.22
CA LYS D 16 -58.78 -1.56 5.82
C LYS D 16 -58.56 -2.80 4.96
N ASP D 17 -59.66 -3.35 4.44
CA ASP D 17 -59.65 -4.52 3.56
C ASP D 17 -59.07 -4.31 2.19
N SER D 18 -58.85 -3.06 1.77
CA SER D 18 -58.14 -2.79 0.55
C SER D 18 -56.66 -3.21 0.60
N PHE D 19 -56.07 -3.35 1.79
CA PHE D 19 -54.63 -3.64 1.92
C PHE D 19 -54.44 -5.07 2.36
N SER D 20 -53.38 -5.69 1.87
CA SER D 20 -52.97 -7.03 2.29
C SER D 20 -51.82 -7.02 3.31
N TYR D 21 -51.47 -5.85 3.83
CA TYR D 21 -50.39 -5.73 4.78
C TYR D 21 -50.74 -4.57 5.69
N GLU D 22 -50.04 -4.52 6.80
CA GLU D 22 -50.01 -3.32 7.60
C GLU D 22 -48.58 -3.02 8.03
N VAL D 23 -48.26 -1.73 8.01
CA VAL D 23 -47.02 -1.24 8.57
C VAL D 23 -47.25 -0.96 10.05
N TYR D 24 -46.29 -1.36 10.86
CA TYR D 24 -46.33 -1.02 12.29
C TYR D 24 -44.90 -0.58 12.67
N GLY D 25 -44.79 0.04 13.81
CA GLY D 25 -43.50 0.47 14.30
C GLY D 25 -43.40 0.66 15.78
N ILE D 26 -42.17 0.60 16.24
CA ILE D 26 -41.84 0.96 17.59
C ILE D 26 -40.75 2.02 17.45
N ILE D 27 -41.07 3.22 17.88
CA ILE D 27 -40.12 4.33 17.82
C ILE D 27 -39.54 4.45 19.22
N ALA D 28 -38.23 4.21 19.35
CA ALA D 28 -37.62 4.07 20.66
C ALA D 28 -36.27 4.75 20.63
N MSE D 29 -36.08 5.74 21.51
CA MSE D 29 -34.81 6.49 21.59
C MSE D 29 -34.44 6.62 23.05
O MSE D 29 -35.26 7.04 23.87
CB MSE D 29 -34.96 7.90 20.99
CG MSE D 29 -33.76 8.82 21.19
SE MSE D 29 -32.22 8.09 20.20
CE MSE D 29 -32.88 8.53 18.46
N GLN D 30 -33.21 6.22 23.36
CA GLN D 30 -32.66 6.33 24.69
C GLN D 30 -31.34 7.13 24.63
N ALA D 31 -31.22 8.18 25.44
CA ALA D 31 -29.94 8.85 25.62
C ALA D 31 -29.33 8.22 26.85
N ALA D 32 -28.18 7.59 26.68
CA ALA D 32 -27.55 6.82 27.75
C ALA D 32 -26.10 7.26 27.96
N TYR D 33 -25.79 7.59 29.22
CA TYR D 33 -24.46 7.94 29.65
C TYR D 33 -23.89 6.84 30.50
N ARG D 34 -22.76 6.27 30.07
CA ARG D 34 -22.09 5.21 30.80
C ARG D 34 -20.79 5.65 31.40
N ASP D 35 -20.54 5.18 32.61
CA ASP D 35 -19.32 5.46 33.34
C ASP D 35 -18.69 4.12 33.72
N TYR D 36 -17.60 3.80 33.04
CA TYR D 36 -16.91 2.52 33.19
C TYR D 36 -15.81 2.61 34.22
N ASP D 37 -15.53 1.49 34.88
CA ASP D 37 -14.36 1.38 35.72
C ASP D 37 -13.72 0.03 35.44
N SER D 38 -13.06 -0.04 34.30
CA SER D 38 -12.49 -1.29 33.80
C SER D 38 -11.12 -1.58 34.39
N GLY D 39 -10.47 -0.61 35.02
CA GLY D 39 -9.03 -0.72 35.33
C GLY D 39 -8.09 -0.12 34.27
N ASP D 40 -8.61 0.26 33.10
CA ASP D 40 -7.81 0.88 32.03
C ASP D 40 -8.54 2.19 31.66
N ALA D 41 -7.91 3.31 31.95
CA ALA D 41 -8.51 4.63 31.82
C ALA D 41 -8.93 4.94 30.34
N LYS D 42 -8.12 4.50 29.39
CA LYS D 42 -8.40 4.71 27.99
C LYS D 42 -9.63 3.92 27.55
N GLN D 43 -9.68 2.66 27.94
CA GLN D 43 -10.84 1.81 27.68
C GLN D 43 -12.09 2.44 28.32
N ASP D 44 -11.96 2.98 29.52
CA ASP D 44 -13.10 3.68 30.16
C ASP D 44 -13.59 4.90 29.32
N ASP D 45 -12.65 5.68 28.83
CA ASP D 45 -12.96 6.83 27.97
C ASP D 45 -13.64 6.36 26.70
N ASN D 46 -13.15 5.26 26.13
CA ASN D 46 -13.71 4.75 24.89
C ASN D 46 -15.11 4.20 25.03
N LEU D 47 -15.30 3.27 25.96
CA LEU D 47 -16.59 2.63 26.14
C LEU D 47 -17.64 3.54 26.78
N GLY D 48 -17.20 4.45 27.64
CA GLY D 48 -18.08 5.36 28.36
C GLY D 48 -18.43 6.62 27.60
N GLY D 49 -19.19 7.48 28.26
CA GLY D 49 -19.71 8.71 27.64
C GLY D 49 -21.17 8.57 27.22
N MSE D 50 -21.65 9.59 26.54
CA MSE D 50 -23.03 9.69 26.10
C MSE D 50 -23.15 9.11 24.71
O MSE D 50 -22.34 9.45 23.81
CB MSE D 50 -23.46 11.17 26.05
CG MSE D 50 -24.89 11.37 25.55
SE MSE D 50 -26.16 10.87 27.00
CE MSE D 50 -25.86 12.40 28.14
N GLN D 51 -24.14 8.25 24.51
CA GLN D 51 -24.57 7.87 23.16
C GLN D 51 -26.07 7.93 23.09
N LEU D 52 -26.57 7.97 21.87
CA LEU D 52 -27.96 7.75 21.64
C LEU D 52 -28.12 6.27 21.24
N ASN D 53 -29.15 5.64 21.77
CA ASN D 53 -29.47 4.29 21.43
C ASN D 53 -30.84 4.28 20.76
N ASN D 54 -30.83 4.31 19.42
CA ASN D 54 -32.04 4.36 18.65
C ASN D 54 -32.44 2.92 18.31
N GLU D 55 -33.43 2.43 19.05
CA GLU D 55 -33.95 1.10 18.87
C GLU D 55 -35.25 1.13 18.05
N SER D 56 -35.49 2.21 17.34
CA SER D 56 -36.65 2.27 16.47
C SER D 56 -36.59 1.17 15.39
N ARG D 57 -37.75 0.65 15.03
CA ARG D 57 -37.89 -0.35 13.98
C ARG D 57 -39.26 -0.27 13.33
N ILE D 58 -39.27 -0.63 12.05
CA ILE D 58 -40.47 -0.70 11.24
C ILE D 58 -40.67 -2.18 10.90
N GLY D 59 -41.93 -2.58 10.89
CA GLY D 59 -42.31 -3.90 10.45
C GLY D 59 -43.50 -3.89 9.50
N PHE D 60 -43.66 -5.04 8.83
CA PHE D 60 -44.79 -5.34 7.97
C PHE D 60 -45.39 -6.66 8.45
N ARG D 61 -46.70 -6.74 8.46
CA ARG D 61 -47.37 -7.98 8.82
C ARG D 61 -48.73 -8.08 8.14
N GLY D 62 -49.26 -9.30 8.10
CA GLY D 62 -50.56 -9.51 7.54
C GLY D 62 -51.02 -10.94 7.71
N LYS D 63 -52.23 -11.16 7.25
CA LYS D 63 -52.88 -12.46 7.28
C LYS D 63 -53.56 -12.71 5.97
N LYS D 64 -53.85 -13.97 5.69
CA LYS D 64 -54.64 -14.33 4.53
C LYS D 64 -55.43 -15.60 4.80
N GLN D 65 -56.75 -15.55 4.55
CA GLN D 65 -57.57 -16.75 4.58
C GLN D 65 -57.47 -17.38 3.19
N PHE D 66 -56.68 -18.45 3.07
CA PHE D 66 -56.59 -19.16 1.78
C PHE D 66 -57.92 -19.83 1.50
N ALA D 67 -58.38 -19.78 0.25
CA ALA D 67 -59.63 -20.38 -0.14
C ALA D 67 -59.69 -21.88 0.18
N ASN D 68 -58.56 -22.57 0.10
CA ASN D 68 -58.57 -24.03 0.24
C ASN D 68 -57.89 -24.57 1.47
N PHE D 69 -57.78 -23.78 2.53
CA PHE D 69 -57.18 -24.25 3.78
C PHE D 69 -57.76 -23.45 4.93
N GLU D 70 -58.28 -24.13 5.94
CA GLU D 70 -59.02 -23.47 7.02
C GLU D 70 -58.11 -22.62 7.92
N PRO D 71 -56.98 -23.16 8.42
CA PRO D 71 -56.12 -22.33 9.28
C PRO D 71 -55.63 -21.08 8.56
N THR D 72 -55.84 -19.93 9.18
CA THR D 72 -55.46 -18.64 8.60
C THR D 72 -53.95 -18.55 8.46
N PHE D 73 -53.49 -18.10 7.31
CA PHE D 73 -52.09 -17.83 7.06
C PHE D 73 -51.70 -16.50 7.72
N ILE D 74 -50.56 -16.50 8.38
CA ILE D 74 -50.02 -15.26 8.97
C ILE D 74 -48.56 -15.07 8.57
N TRP D 75 -48.13 -13.82 8.54
CA TRP D 75 -46.73 -13.50 8.24
C TRP D 75 -46.33 -12.17 8.88
N GLN D 76 -45.03 -12.02 9.07
CA GLN D 76 -44.46 -10.81 9.59
C GLN D 76 -43.04 -10.69 9.11
N ILE D 77 -42.63 -9.45 8.84
CA ILE D 77 -41.23 -9.13 8.53
C ILE D 77 -40.85 -7.89 9.31
N GLU D 78 -40.01 -8.02 10.33
CA GLU D 78 -39.72 -6.90 11.23
C GLU D 78 -38.27 -6.44 11.05
N GLY D 79 -38.10 -5.14 10.85
CA GLY D 79 -36.76 -4.57 10.73
C GLY D 79 -35.98 -4.59 12.03
N GLY D 80 -34.67 -4.45 11.90
CA GLY D 80 -33.80 -4.28 13.06
C GLY D 80 -33.78 -2.87 13.66
N TYR D 81 -33.05 -2.74 14.77
CA TYR D 81 -32.84 -1.44 15.39
C TYR D 81 -32.11 -0.52 14.40
N VAL D 82 -32.66 0.64 14.13
CA VAL D 82 -32.07 1.50 13.08
C VAL D 82 -30.75 2.17 13.43
N ASP D 83 -30.47 2.41 14.71
CA ASP D 83 -29.17 3.05 15.09
C ASP D 83 -28.88 2.88 16.57
N PRO D 84 -28.61 1.64 16.97
CA PRO D 84 -28.36 1.37 18.36
C PRO D 84 -27.03 1.98 18.82
N SER D 85 -26.89 2.19 20.12
CA SER D 85 -25.61 2.59 20.66
C SER D 85 -24.59 1.47 20.40
N PHE D 86 -23.33 1.86 20.28
CA PHE D 86 -22.22 0.95 20.03
C PHE D 86 -22.28 0.29 18.65
N GLY D 87 -23.10 0.81 17.73
CA GLY D 87 -23.28 0.21 16.41
C GLY D 87 -23.45 1.31 15.41
N GLY D 88 -23.32 0.94 14.15
CA GLY D 88 -23.50 1.86 13.03
C GLY D 88 -24.97 1.95 12.62
N GLU D 89 -25.24 2.88 11.74
CA GLU D 89 -26.58 3.18 11.30
C GLU D 89 -27.10 2.15 10.29
N GLY D 90 -28.41 1.94 10.30
CA GLY D 90 -29.07 1.19 9.26
C GLY D 90 -29.42 -0.23 9.69
N ALA D 91 -30.64 -0.68 9.36
CA ALA D 91 -31.03 -2.07 9.61
C ALA D 91 -31.79 -2.62 8.42
N GLY D 92 -31.59 -3.90 8.17
CA GLY D 92 -32.33 -4.59 7.16
C GLY D 92 -33.72 -5.00 7.63
N LEU D 93 -34.59 -5.30 6.67
CA LEU D 93 -35.86 -5.93 6.97
C LEU D 93 -35.60 -7.38 7.26
N GLY D 94 -36.23 -7.89 8.31
CA GLY D 94 -36.05 -9.29 8.66
C GLY D 94 -35.04 -9.58 9.73
N GLU D 95 -34.53 -8.53 10.40
CA GLU D 95 -33.58 -8.78 11.48
C GLU D 95 -34.25 -9.15 12.78
N ARG D 96 -35.47 -8.68 12.99
CA ARG D 96 -36.20 -9.00 14.22
C ARG D 96 -37.25 -10.10 13.86
N ASP D 97 -38.28 -10.30 14.64
CA ASP D 97 -39.17 -11.48 14.45
C ASP D 97 -39.78 -11.44 13.04
N THR D 98 -39.55 -12.51 12.30
CA THR D 98 -39.80 -12.56 10.85
C THR D 98 -40.14 -14.00 10.50
N PHE D 99 -41.39 -14.24 10.08
CA PHE D 99 -41.92 -15.59 10.05
C PHE D 99 -43.13 -15.70 9.14
N VAL D 100 -43.53 -16.95 8.90
CA VAL D 100 -44.82 -17.27 8.32
C VAL D 100 -45.46 -18.23 9.29
N GLY D 101 -46.76 -18.46 9.14
CA GLY D 101 -47.40 -19.40 10.04
C GLY D 101 -48.86 -19.62 9.73
N PHE D 102 -49.48 -20.39 10.59
CA PHE D 102 -50.92 -20.65 10.52
C PHE D 102 -51.50 -20.60 11.91
N GLU D 103 -52.79 -20.26 11.97
CA GLU D 103 -53.46 -20.18 13.24
C GLU D 103 -54.90 -20.67 13.13
N SER D 104 -55.39 -21.20 14.26
CA SER D 104 -56.75 -21.68 14.36
C SER D 104 -57.13 -21.66 15.85
N ALA D 105 -58.39 -21.31 16.11
CA ALA D 105 -58.89 -21.10 17.48
C ALA D 105 -58.59 -22.27 18.41
N SER D 106 -58.77 -23.49 17.95
CA SER D 106 -58.69 -24.64 18.85
C SER D 106 -57.25 -25.06 19.18
N TRP D 107 -56.27 -24.71 18.34
CA TRP D 107 -54.88 -25.10 18.61
C TRP D 107 -53.82 -24.00 18.64
N GLY D 108 -54.24 -22.75 18.50
CA GLY D 108 -53.35 -21.62 18.70
C GLY D 108 -52.66 -21.23 17.39
N GLN D 109 -51.33 -21.20 17.42
CA GLN D 109 -50.59 -20.86 16.24
C GLN D 109 -49.24 -21.53 16.13
N VAL D 110 -48.80 -21.69 14.88
CA VAL D 110 -47.51 -22.27 14.58
C VAL D 110 -46.83 -21.30 13.65
N ARG D 111 -45.57 -21.01 13.97
CA ARG D 111 -44.77 -20.10 13.22
C ARG D 111 -43.48 -20.81 12.78
N LEU D 112 -43.03 -20.49 11.58
CA LEU D 112 -41.75 -20.91 11.05
C LEU D 112 -40.96 -19.68 10.68
N GLY D 113 -39.73 -19.63 11.13
CA GLY D 113 -38.80 -18.57 10.73
C GLY D 113 -37.94 -18.13 11.89
N ARG D 114 -37.98 -16.84 12.15
CA ARG D 114 -37.13 -16.19 13.14
C ARG D 114 -38.02 -15.65 14.26
N VAL D 115 -37.91 -16.26 15.42
CA VAL D 115 -38.77 -15.95 16.58
C VAL D 115 -37.98 -16.10 17.86
N LEU D 116 -38.57 -15.68 18.96
CA LEU D 116 -37.93 -15.88 20.26
C LEU D 116 -38.09 -17.33 20.72
N THR D 117 -37.06 -17.87 21.39
CA THR D 117 -37.22 -19.17 22.03
C THR D 117 -38.15 -19.01 23.26
N PRO D 118 -38.84 -20.09 23.66
CA PRO D 118 -39.73 -20.02 24.82
C PRO D 118 -39.02 -19.56 26.11
N MSE D 119 -37.79 -20.05 26.32
CA MSE D 119 -36.99 -19.66 27.47
C MSE D 119 -36.63 -18.18 27.34
O MSE D 119 -36.80 -17.40 28.27
CB MSE D 119 -35.70 -20.49 27.48
CG MSE D 119 -34.54 -20.01 28.35
SE MSE D 119 -34.96 -20.15 30.26
CE MSE D 119 -35.04 -22.11 30.31
N TYR D 120 -36.11 -17.81 26.17
CA TYR D 120 -35.61 -16.44 26.00
C TYR D 120 -36.72 -15.40 26.22
N GLU D 121 -37.91 -15.69 25.72
CA GLU D 121 -38.99 -14.77 25.89
C GLU D 121 -39.22 -14.38 27.37
N LEU D 122 -39.16 -15.37 28.25
CA LEU D 122 -39.31 -15.15 29.69
C LEU D 122 -38.12 -14.47 30.33
N VAL D 123 -36.92 -14.83 29.86
CA VAL D 123 -35.71 -14.20 30.33
C VAL D 123 -35.73 -12.68 30.03
N ASP D 124 -36.16 -12.36 28.82
CA ASP D 124 -36.25 -10.97 28.39
C ASP D 124 -37.36 -10.22 29.12
N TRP D 125 -38.56 -10.78 29.10
CA TRP D 125 -39.72 -10.12 29.72
C TRP D 125 -40.44 -11.13 30.63
N PRO D 126 -40.56 -10.87 31.93
CA PRO D 126 -40.26 -9.58 32.59
C PRO D 126 -38.81 -9.35 33.03
N ALA D 127 -37.99 -10.38 32.97
CA ALA D 127 -36.84 -10.45 33.86
C ALA D 127 -35.56 -9.72 33.49
N SER D 128 -35.50 -9.14 32.30
CA SER D 128 -34.34 -8.34 31.93
C SER D 128 -34.61 -6.83 32.04
N ASN D 129 -35.81 -6.47 32.49
CA ASN D 129 -36.23 -5.08 32.51
C ASN D 129 -36.28 -4.56 33.94
N PRO D 130 -35.67 -3.41 34.27
CA PRO D 130 -35.11 -2.41 33.33
C PRO D 130 -33.57 -2.40 33.34
N GLY D 131 -32.98 -2.73 32.23
CA GLY D 131 -31.52 -2.74 32.11
C GLY D 131 -30.80 -3.83 32.88
N LEU D 132 -31.49 -4.95 33.11
CA LEU D 132 -30.92 -6.07 33.84
C LEU D 132 -30.26 -7.08 32.90
N GLY D 133 -30.33 -6.81 31.60
CA GLY D 133 -29.92 -7.75 30.57
C GLY D 133 -28.44 -8.12 30.52
N ASP D 134 -27.54 -7.17 30.80
CA ASP D 134 -26.12 -7.50 30.78
C ASP D 134 -25.84 -8.65 31.74
N VAL D 135 -26.58 -8.71 32.86
CA VAL D 135 -26.42 -9.80 33.81
C VAL D 135 -27.28 -10.98 33.41
N TYR D 136 -28.58 -10.76 33.25
CA TYR D 136 -29.53 -11.88 33.23
C TYR D 136 -29.88 -12.42 31.83
N ASP D 137 -29.67 -11.62 30.79
CA ASP D 137 -30.04 -11.99 29.43
C ASP D 137 -28.83 -12.69 28.79
N TRP D 138 -27.82 -11.92 28.40
CA TRP D 138 -26.65 -12.52 27.75
C TRP D 138 -25.46 -12.57 28.68
N GLY D 139 -25.64 -12.16 29.93
CA GLY D 139 -24.59 -12.35 30.92
C GLY D 139 -24.53 -13.80 31.39
N GLY D 140 -23.47 -14.09 32.12
CA GLY D 140 -23.21 -15.42 32.66
C GLY D 140 -21.90 -15.95 32.11
N ALA D 141 -21.41 -16.98 32.76
CA ALA D 141 -20.07 -17.45 32.52
C ALA D 141 -20.01 -18.89 31.99
N ILE D 142 -21.16 -19.52 31.81
CA ILE D 142 -21.18 -20.96 31.51
C ILE D 142 -20.74 -21.22 30.07
N GLY D 143 -20.05 -22.33 29.82
CA GLY D 143 -19.66 -22.69 28.46
C GLY D 143 -20.83 -23.17 27.61
N GLY D 144 -20.54 -23.35 26.33
CA GLY D 144 -21.54 -23.84 25.40
C GLY D 144 -22.53 -22.74 25.06
N ALA D 145 -23.80 -23.08 25.00
CA ALA D 145 -24.86 -22.11 24.72
C ALA D 145 -25.99 -22.30 25.71
N LYS D 146 -26.06 -21.42 26.69
CA LYS D 146 -27.11 -21.56 27.75
C LYS D 146 -28.53 -21.57 27.17
N TYR D 147 -28.74 -20.75 26.12
CA TYR D 147 -29.99 -20.72 25.35
C TYR D 147 -29.75 -19.82 24.16
N GLN D 148 -30.57 -19.98 23.13
CA GLN D 148 -30.62 -19.04 22.06
C GLN D 148 -31.55 -17.92 22.47
N ASP D 149 -31.61 -16.87 21.65
CA ASP D 149 -32.48 -15.75 22.00
C ASP D 149 -33.56 -15.51 20.94
N ARG D 150 -33.31 -14.65 19.96
CA ARG D 150 -34.10 -14.57 18.75
C ARG D 150 -33.32 -15.41 17.75
N GLN D 151 -33.97 -16.40 17.18
CA GLN D 151 -33.29 -17.44 16.40
C GLN D 151 -34.02 -17.75 15.10
N SER D 152 -33.26 -17.77 14.01
CA SER D 152 -33.77 -18.18 12.69
C SER D 152 -33.85 -19.69 12.65
N ASN D 153 -34.46 -20.21 11.60
CA ASN D 153 -34.57 -21.67 11.39
C ASN D 153 -35.30 -22.36 12.53
N THR D 154 -36.39 -21.74 12.99
CA THR D 154 -37.15 -22.20 14.16
C THR D 154 -38.61 -22.49 13.79
N ILE D 155 -39.14 -23.54 14.38
CA ILE D 155 -40.57 -23.78 14.38
C ILE D 155 -41.05 -23.63 15.82
N ARG D 156 -42.11 -22.84 16.01
CA ARG D 156 -42.63 -22.57 17.34
C ARG D 156 -44.15 -22.67 17.35
N TRP D 157 -44.66 -23.38 18.36
CA TRP D 157 -46.08 -23.50 18.61
C TRP D 157 -46.44 -22.70 19.85
N ASP D 158 -47.46 -21.86 19.73
CA ASP D 158 -48.06 -21.16 20.87
C ASP D 158 -49.46 -21.66 21.01
N SER D 159 -49.72 -22.33 22.14
CA SER D 159 -51.04 -22.90 22.41
C SER D 159 -52.04 -21.79 22.65
N PRO D 160 -53.32 -22.10 22.52
CA PRO D 160 -54.29 -21.19 23.09
C PRO D 160 -54.16 -21.11 24.64
N MSE D 161 -54.88 -20.16 25.21
CA MSE D 161 -55.06 -20.02 26.64
C MSE D 161 -56.10 -20.98 27.10
O MSE D 161 -57.27 -20.67 27.04
CB MSE D 161 -55.50 -18.57 26.83
CG MSE D 161 -55.72 -18.32 28.29
SE MSE D 161 -53.96 -18.09 29.07
CE MSE D 161 -54.17 -16.12 29.09
N TYR D 162 -55.70 -22.18 27.52
CA TYR D 162 -56.65 -23.21 27.89
C TYR D 162 -57.37 -22.82 29.18
N ALA D 163 -58.70 -22.89 29.14
CA ALA D 163 -59.59 -22.52 30.26
C ALA D 163 -59.29 -21.13 30.81
N ASP D 164 -58.88 -20.22 29.92
CA ASP D 164 -58.48 -18.87 30.30
C ASP D 164 -57.31 -18.77 31.30
N LYS D 165 -56.55 -19.86 31.47
CA LYS D 165 -55.55 -19.97 32.54
C LYS D 165 -54.17 -20.45 32.13
N PHE D 166 -54.09 -21.46 31.27
CA PHE D 166 -52.87 -22.23 31.07
C PHE D 166 -52.46 -22.18 29.58
N SER D 167 -51.20 -21.86 29.31
CA SER D 167 -50.69 -21.84 27.95
C SER D 167 -49.28 -22.42 27.90
N ILE D 168 -48.90 -22.86 26.71
CA ILE D 168 -47.64 -23.51 26.45
C ILE D 168 -47.03 -22.87 25.20
N ASP D 169 -45.72 -22.70 25.22
CA ASP D 169 -44.94 -22.28 24.06
C ASP D 169 -43.88 -23.37 23.88
N ALA D 170 -43.78 -23.93 22.68
CA ALA D 170 -42.79 -24.98 22.42
C ALA D 170 -42.12 -24.74 21.07
N ALA D 171 -40.84 -25.03 20.97
CA ALA D 171 -40.11 -24.78 19.76
C ALA D 171 -38.89 -25.69 19.62
N VAL D 172 -38.50 -25.88 18.37
CA VAL D 172 -37.22 -26.49 18.05
C VAL D 172 -36.63 -25.72 16.91
N GLY D 173 -35.31 -25.71 16.83
CA GLY D 173 -34.66 -25.01 15.75
C GLY D 173 -33.22 -25.40 15.50
N ALA D 174 -32.70 -24.91 14.41
CA ALA D 174 -31.28 -25.06 14.12
C ALA D 174 -30.46 -24.06 14.92
N GLY D 175 -29.23 -24.46 15.20
CA GLY D 175 -28.27 -23.59 15.88
C GLY D 175 -27.62 -22.56 14.95
N ASP D 176 -26.72 -21.77 15.52
CA ASP D 176 -26.07 -20.67 14.79
C ASP D 176 -25.19 -21.18 13.65
N LYS D 177 -24.43 -22.23 13.89
CA LYS D 177 -23.56 -22.75 12.83
C LYS D 177 -24.35 -23.46 11.75
N ALA D 178 -25.34 -24.24 12.18
CA ALA D 178 -26.22 -24.98 11.29
C ALA D 178 -26.93 -24.05 10.29
N GLY D 179 -27.33 -22.86 10.74
CA GLY D 179 -27.94 -21.86 9.87
C GLY D 179 -27.06 -21.29 8.77
N LEU D 180 -25.74 -21.54 8.84
CA LEU D 180 -24.79 -21.18 7.79
C LEU D 180 -24.23 -22.39 7.09
N GLY D 181 -24.75 -23.59 7.36
CA GLY D 181 -24.20 -24.79 6.80
C GLY D 181 -22.82 -25.10 7.32
N ALA D 182 -22.52 -24.68 8.56
CA ALA D 182 -21.19 -24.78 9.15
C ALA D 182 -21.18 -25.61 10.42
N GLY D 183 -22.25 -26.35 10.70
CA GLY D 183 -22.33 -27.15 11.91
C GLY D 183 -23.64 -27.90 11.95
N ASP D 184 -23.85 -28.61 13.04
CA ASP D 184 -25.05 -29.42 13.24
C ASP D 184 -25.65 -29.19 14.62
N ASP D 185 -25.42 -27.98 15.14
CA ASP D 185 -26.04 -27.54 16.37
C ASP D 185 -27.57 -27.39 16.20
N TYR D 186 -28.28 -27.62 17.29
CA TYR D 186 -29.74 -27.50 17.33
C TYR D 186 -30.19 -27.37 18.79
N TRP D 187 -31.46 -27.05 18.95
CA TRP D 187 -32.01 -26.81 20.27
C TRP D 187 -33.50 -27.11 20.26
N GLY D 188 -34.03 -27.36 21.46
CA GLY D 188 -35.45 -27.43 21.67
C GLY D 188 -35.79 -26.79 23.00
N GLY D 189 -37.01 -26.27 23.09
CA GLY D 189 -37.40 -25.61 24.33
C GLY D 189 -38.89 -25.56 24.52
N ILE D 190 -39.28 -25.30 25.77
CA ILE D 190 -40.68 -25.26 26.10
C ILE D 190 -40.90 -24.38 27.31
N ALA D 191 -42.02 -23.67 27.34
CA ALA D 191 -42.43 -22.87 28.50
C ALA D 191 -43.89 -23.07 28.75
N ALA D 192 -44.28 -22.95 30.02
CA ALA D 192 -45.68 -23.04 30.43
C ALA D 192 -45.99 -21.87 31.37
N HIS D 193 -47.24 -21.44 31.33
CA HIS D 193 -47.68 -20.27 32.08
C HIS D 193 -49.04 -20.60 32.65
N TYR D 194 -49.23 -20.27 33.91
CA TYR D 194 -50.48 -20.51 34.54
C TYR D 194 -50.93 -19.24 35.27
N LYS D 195 -52.13 -18.79 34.94
CA LYS D 195 -52.71 -17.54 35.48
C LYS D 195 -53.72 -17.72 36.48
N LEU D 196 -53.52 -17.20 37.69
CA LEU D 196 -54.51 -17.40 38.74
C LEU D 196 -54.56 -16.12 39.57
N GLY D 197 -55.63 -15.35 39.33
CA GLY D 197 -56.00 -14.22 40.14
C GLY D 197 -54.98 -13.20 39.83
N PRO D 198 -54.38 -12.64 40.86
CA PRO D 198 -53.39 -11.71 40.46
C PRO D 198 -52.01 -12.26 40.09
N LEU D 199 -51.81 -13.57 39.99
CA LEU D 199 -50.48 -14.14 39.71
C LEU D 199 -50.43 -14.86 38.41
N GLN D 200 -49.22 -14.96 37.89
CA GLN D 200 -48.90 -15.88 36.85
C GLN D 200 -47.68 -16.67 37.32
N LEU D 201 -47.74 -17.98 37.20
CA LEU D 201 -46.58 -18.85 37.40
C LEU D 201 -45.99 -19.24 36.05
N ASP D 202 -44.66 -19.22 35.97
CA ASP D 202 -43.92 -19.51 34.75
C ASP D 202 -42.89 -20.63 34.97
N ALA D 203 -42.71 -21.47 33.96
CA ALA D 203 -41.63 -22.45 33.94
C ALA D 203 -41.14 -22.63 32.53
N ALA D 204 -39.82 -22.82 32.38
CA ALA D 204 -39.27 -23.02 31.05
C ALA D 204 -38.04 -23.94 31.06
N TYR D 205 -37.73 -24.46 29.88
CA TYR D 205 -36.61 -25.31 29.63
C TYR D 205 -36.05 -25.01 28.26
N GLU D 206 -34.73 -25.10 28.14
CA GLU D 206 -34.11 -25.17 26.81
C GLU D 206 -32.92 -26.12 26.86
N GLY D 207 -32.83 -26.94 25.82
CA GLY D 207 -31.70 -27.84 25.64
C GLY D 207 -31.02 -27.51 24.33
N ASN D 208 -29.73 -27.22 24.40
CA ASN D 208 -28.91 -27.03 23.24
C ASN D 208 -27.95 -28.18 23.06
N ARG D 209 -27.73 -28.57 21.81
CA ARG D 209 -26.97 -29.77 21.45
C ARG D 209 -26.00 -29.49 20.30
N ASN D 210 -24.92 -30.26 20.29
CA ASN D 210 -23.88 -30.19 19.25
C ASN D 210 -23.27 -28.79 19.14
N ILE D 211 -23.13 -28.11 20.28
CA ILE D 211 -22.59 -26.75 20.31
C ILE D 211 -21.07 -26.83 20.27
N GLU D 212 -20.44 -26.18 19.31
CA GLU D 212 -18.97 -26.23 19.18
C GLU D 212 -18.34 -24.98 19.76
N ALA D 213 -17.51 -25.13 20.78
CA ALA D 213 -16.83 -23.99 21.39
C ALA D 213 -15.66 -24.48 22.20
N GLU D 214 -14.58 -23.71 22.19
CA GLU D 214 -13.42 -23.97 23.04
C GLU D 214 -12.76 -25.33 22.77
N GLY D 215 -12.90 -25.80 21.53
CA GLY D 215 -12.34 -27.11 21.15
C GLY D 215 -13.17 -28.31 21.55
N GLN D 216 -14.39 -28.09 22.06
CA GLN D 216 -15.25 -29.19 22.52
C GLN D 216 -16.59 -29.08 21.82
N THR D 217 -17.37 -30.14 21.96
CA THR D 217 -18.79 -30.15 21.67
C THR D 217 -19.52 -30.18 23.00
N TRP D 218 -20.54 -29.34 23.12
CA TRP D 218 -21.26 -29.14 24.36
C TRP D 218 -22.73 -29.49 24.24
N GLU D 219 -23.30 -29.94 25.36
CA GLU D 219 -24.73 -29.96 25.56
C GLU D 219 -25.08 -29.08 26.75
N ASN D 220 -26.07 -28.20 26.56
CA ASN D 220 -26.57 -27.33 27.61
C ASN D 220 -28.01 -27.67 27.94
N ASN D 221 -28.33 -27.59 29.23
CA ASN D 221 -29.70 -27.70 29.72
C ASN D 221 -29.94 -26.57 30.70
N THR D 222 -30.95 -25.75 30.41
CA THR D 222 -31.28 -24.61 31.22
C THR D 222 -32.75 -24.70 31.65
N TYR D 223 -33.00 -24.38 32.92
CA TYR D 223 -34.31 -24.49 33.54
C TYR D 223 -34.63 -23.16 34.23
N LEU D 224 -35.90 -22.79 34.22
CA LEU D 224 -36.33 -21.53 34.79
C LEU D 224 -37.67 -21.70 35.46
N VAL D 225 -37.83 -21.10 36.64
CA VAL D 225 -39.13 -20.96 37.29
C VAL D 225 -39.33 -19.50 37.68
N GLY D 226 -40.57 -19.04 37.62
CA GLY D 226 -40.86 -17.65 37.89
C GLY D 226 -42.29 -17.37 38.37
N VAL D 227 -42.45 -16.19 38.94
CA VAL D 227 -43.77 -15.68 39.30
C VAL D 227 -43.86 -14.22 38.90
N GLN D 228 -45.06 -13.80 38.54
CA GLN D 228 -45.38 -12.41 38.25
C GLN D 228 -46.66 -12.14 38.98
N GLY D 229 -46.75 -10.94 39.54
CA GLY D 229 -47.95 -10.53 40.22
C GLY D 229 -48.35 -9.12 39.92
N TRP D 230 -49.66 -8.87 39.88
CA TRP D 230 -50.22 -7.55 39.62
C TRP D 230 -51.40 -7.38 40.52
N PHE D 231 -51.35 -6.42 41.43
CA PHE D 231 -52.42 -6.18 42.36
C PHE D 231 -53.09 -4.85 42.07
N GLU D 232 -54.34 -4.76 42.47
CA GLU D 232 -55.15 -3.57 42.22
C GLU D 232 -54.69 -2.32 42.98
N ASN D 233 -53.98 -2.47 44.08
CA ASN D 233 -53.45 -1.32 44.81
C ASN D 233 -52.25 -0.63 44.10
N GLY D 234 -51.88 -1.12 42.93
CA GLY D 234 -50.80 -0.56 42.15
C GLY D 234 -49.44 -1.25 42.31
N ILE D 235 -49.32 -2.24 43.20
CA ILE D 235 -48.08 -3.00 43.34
C ILE D 235 -48.06 -4.16 42.37
N SER D 236 -46.94 -4.31 41.66
CA SER D 236 -46.69 -5.45 40.83
C SER D 236 -45.24 -5.89 41.03
N PHE D 237 -44.94 -7.12 40.64
CA PHE D 237 -43.63 -7.66 40.84
C PHE D 237 -43.38 -8.87 39.96
N PHE D 238 -42.11 -9.25 39.86
CA PHE D 238 -41.70 -10.50 39.29
C PHE D 238 -40.50 -11.05 40.06
N ALA D 239 -40.30 -12.36 39.97
CA ALA D 239 -39.12 -13.02 40.47
C ALA D 239 -38.90 -14.30 39.67
N GLN D 240 -37.64 -14.59 39.34
CA GLN D 240 -37.26 -15.79 38.63
C GLN D 240 -35.99 -16.37 39.18
N TYR D 241 -35.89 -17.70 39.06
CA TYR D 241 -34.68 -18.46 39.33
C TYR D 241 -34.35 -19.27 38.08
N LYS D 242 -33.07 -19.25 37.70
CA LYS D 242 -32.61 -19.83 36.43
C LYS D 242 -31.39 -20.72 36.73
N TYR D 243 -31.44 -21.97 36.28
CA TYR D 243 -30.41 -22.95 36.57
C TYR D 243 -29.83 -23.44 35.26
N MSE D 244 -28.51 -23.32 35.10
CA MSE D 244 -27.82 -23.62 33.82
C MSE D 244 -26.82 -24.73 34.07
O MSE D 244 -26.00 -24.64 35.01
CB MSE D 244 -27.12 -22.39 33.26
CG MSE D 244 -28.18 -21.32 32.91
SE MSE D 244 -27.39 -19.54 32.67
CE MSE D 244 -27.20 -19.02 34.56
N GLU D 245 -26.88 -25.76 33.24
CA GLU D 245 -25.92 -26.85 33.28
C GLU D 245 -25.32 -27.06 31.88
N ALA D 246 -24.06 -27.46 31.84
CA ALA D 246 -23.37 -27.70 30.58
C ALA D 246 -22.40 -28.84 30.72
N ASP D 247 -22.35 -29.70 29.69
CA ASP D 247 -21.42 -30.82 29.67
C ASP D 247 -20.63 -30.81 28.35
N ALA D 248 -19.31 -30.89 28.46
CA ALA D 248 -18.43 -30.82 27.30
C ALA D 248 -17.99 -32.24 26.94
N SER D 249 -17.66 -32.44 25.67
CA SER D 249 -17.28 -33.76 25.16
C SER D 249 -16.02 -34.33 25.80
N ASN D 250 -15.19 -33.50 26.43
CA ASN D 250 -14.05 -34.03 27.21
C ASN D 250 -14.43 -34.49 28.63
N GLY D 251 -15.71 -34.42 29.00
CA GLY D 251 -16.16 -34.87 30.33
C GLY D 251 -16.37 -33.76 31.36
N VAL D 252 -15.94 -32.54 31.06
CA VAL D 252 -16.11 -31.43 31.99
C VAL D 252 -17.62 -31.07 32.14
N ASN D 253 -18.00 -30.84 33.39
CA ASN D 253 -19.33 -30.39 33.76
C ASN D 253 -19.25 -28.98 34.32
N GLU D 254 -20.20 -28.13 33.96
CA GLU D 254 -20.30 -26.79 34.54
C GLU D 254 -21.73 -26.52 34.96
N LYS D 255 -21.87 -25.75 36.04
CA LYS D 255 -23.17 -25.32 36.53
C LYS D 255 -23.10 -23.89 37.01
N GLN D 256 -24.13 -23.13 36.70
CA GLN D 256 -24.26 -21.78 37.21
C GLN D 256 -25.74 -21.50 37.36
N ASP D 257 -26.10 -20.82 38.45
CA ASP D 257 -27.47 -20.34 38.56
C ASP D 257 -27.54 -18.82 38.71
N ALA D 258 -28.76 -18.32 38.69
CA ALA D 258 -29.02 -16.90 38.59
C ALA D 258 -30.44 -16.60 39.07
N MSE D 259 -30.69 -15.34 39.33
CA MSE D 259 -32.02 -14.86 39.69
C MSE D 259 -32.24 -13.47 39.15
O MSE D 259 -31.28 -12.75 38.86
CB MSE D 259 -32.17 -14.90 41.23
CG MSE D 259 -31.10 -13.98 41.90
SE MSE D 259 -31.44 -13.16 43.69
CE MSE D 259 -32.77 -12.23 42.62
N SER D 260 -33.49 -13.08 39.10
CA SER D 260 -33.88 -11.75 38.74
C SER D 260 -35.20 -11.42 39.45
N ALA D 261 -35.35 -10.19 39.90
CA ALA D 261 -36.56 -9.76 40.57
C ALA D 261 -36.79 -8.29 40.32
N GLY D 262 -38.06 -7.91 40.37
CA GLY D 262 -38.46 -6.52 40.18
C GLY D 262 -39.69 -6.17 40.97
N LEU D 263 -39.75 -4.94 41.44
CA LEU D 263 -40.85 -4.43 42.20
C LEU D 263 -41.30 -3.14 41.53
N MSE D 264 -42.61 -3.01 41.33
CA MSE D 264 -43.18 -1.83 40.70
C MSE D 264 -44.28 -1.26 41.52
O MSE D 264 -45.08 -1.99 42.17
CB MSE D 264 -43.71 -2.19 39.34
CG MSE D 264 -42.60 -2.41 38.32
SE MSE D 264 -43.19 -3.49 36.80
CE MSE D 264 -43.06 -5.18 37.87
N TYR D 265 -44.40 0.07 41.50
CA TYR D 265 -45.54 0.76 42.04
C TYR D 265 -46.08 1.71 40.97
N THR D 266 -47.33 1.52 40.59
CA THR D 266 -48.00 2.30 39.57
C THR D 266 -49.06 3.14 40.25
N THR D 267 -49.03 4.44 40.02
CA THR D 267 -50.01 5.37 40.57
C THR D 267 -50.25 6.50 39.52
N GLY D 268 -51.52 6.66 39.12
CA GLY D 268 -51.93 7.53 38.03
C GLY D 268 -51.11 7.25 36.78
N ASP D 269 -50.39 8.26 36.30
CA ASP D 269 -49.61 8.10 35.07
C ASP D 269 -48.14 7.76 35.30
N TRP D 270 -47.80 7.27 36.48
CA TRP D 270 -46.42 7.00 36.84
C TRP D 270 -46.21 5.54 37.22
N GLN D 271 -45.08 4.98 36.82
CA GLN D 271 -44.59 3.72 37.38
C GLN D 271 -43.17 3.87 37.91
N TYR D 272 -43.01 3.54 39.18
CA TYR D 272 -41.71 3.43 39.83
C TYR D 272 -41.28 1.97 39.77
N LYS D 273 -40.01 1.71 39.51
CA LYS D 273 -39.54 0.35 39.42
C LYS D 273 -38.12 0.20 40.01
N LEU D 274 -37.91 -0.91 40.71
CA LEU D 274 -36.61 -1.37 41.16
C LEU D 274 -36.38 -2.76 40.63
N GLY D 275 -35.17 -3.00 40.10
CA GLY D 275 -34.79 -4.29 39.57
C GLY D 275 -33.45 -4.74 40.14
N TYR D 276 -33.30 -6.05 40.31
CA TYR D 276 -32.06 -6.65 40.72
C TYR D 276 -31.90 -7.99 40.01
N ALA D 277 -30.72 -8.26 39.46
CA ALA D 277 -30.42 -9.59 38.95
C ALA D 277 -29.00 -9.98 39.28
N ALA D 278 -28.78 -11.29 39.43
CA ALA D 278 -27.46 -11.82 39.78
C ALA D 278 -27.20 -13.16 39.11
N ASN D 279 -25.95 -13.37 38.70
CA ASN D 279 -25.42 -14.68 38.40
C ASN D 279 -24.53 -15.07 39.56
N PHE D 280 -24.70 -16.28 40.09
CA PHE D 280 -23.88 -16.73 41.22
C PHE D 280 -22.58 -17.33 40.67
N ASP D 281 -21.65 -17.66 41.54
CA ASP D 281 -20.38 -18.22 41.07
C ASP D 281 -20.58 -19.50 40.28
N LEU D 282 -19.86 -19.60 39.18
CA LEU D 282 -19.86 -20.80 38.38
C LEU D 282 -19.10 -21.92 39.07
N GLU D 283 -19.57 -23.13 38.85
CA GLU D 283 -18.93 -24.34 39.32
C GLU D 283 -18.48 -25.16 38.12
N ARG D 284 -17.24 -25.64 38.17
CA ARG D 284 -16.69 -26.51 37.14
C ARG D 284 -16.16 -27.77 37.78
N ASP D 285 -16.67 -28.91 37.32
CA ASP D 285 -16.36 -30.22 37.91
C ASP D 285 -16.43 -30.19 39.44
N GLY D 286 -17.51 -29.65 39.97
CA GLY D 286 -17.73 -29.64 41.42
C GLY D 286 -16.95 -28.61 42.20
N LYS D 287 -16.16 -27.75 41.55
CA LYS D 287 -15.38 -26.73 42.24
C LYS D 287 -15.86 -25.34 41.84
N THR D 288 -16.09 -24.51 42.86
CA THR D 288 -16.51 -23.14 42.65
C THR D 288 -15.35 -22.31 42.11
N LEU D 289 -15.60 -21.57 41.04
CA LEU D 289 -14.63 -20.62 40.50
C LEU D 289 -14.91 -19.27 41.17
N SER D 290 -13.97 -18.81 41.97
CA SER D 290 -14.21 -17.62 42.77
C SER D 290 -14.32 -16.37 41.89
N ASN D 291 -15.18 -15.45 42.35
CA ASN D 291 -15.39 -14.17 41.70
C ASN D 291 -15.89 -14.28 40.26
N THR D 292 -16.71 -15.28 40.00
CA THR D 292 -17.35 -15.44 38.70
C THR D 292 -18.82 -15.02 38.70
N SER D 293 -19.26 -14.41 39.79
CA SER D 293 -20.61 -13.85 39.90
C SER D 293 -20.72 -12.46 39.25
N ASP D 294 -21.95 -12.08 38.95
CA ASP D 294 -22.29 -10.73 38.47
C ASP D 294 -23.54 -10.27 39.23
N ASP D 295 -23.69 -8.97 39.41
CA ASP D 295 -25.02 -8.44 39.68
C ASP D 295 -25.28 -7.04 39.13
N VAL D 296 -26.56 -6.68 39.13
CA VAL D 296 -27.02 -5.40 38.68
C VAL D 296 -28.20 -4.94 39.55
N VAL D 297 -28.19 -3.66 39.90
CA VAL D 297 -29.32 -3.01 40.50
C VAL D 297 -29.73 -1.86 39.61
N SER D 298 -31.02 -1.68 39.46
CA SER D 298 -31.56 -0.67 38.57
C SER D 298 -32.79 0.01 39.18
N ALA D 299 -32.94 1.29 38.91
CA ALA D 299 -34.10 2.05 39.32
C ALA D 299 -34.63 2.82 38.12
N GLN D 300 -35.95 2.91 38.03
CA GLN D 300 -36.59 3.59 36.90
C GLN D 300 -37.87 4.31 37.35
N ILE D 301 -38.09 5.48 36.76
CA ILE D 301 -39.36 6.18 36.82
C ILE D 301 -39.86 6.30 35.39
N MSE D 302 -41.12 5.92 35.18
CA MSE D 302 -41.73 5.92 33.86
C MSE D 302 -43.00 6.73 33.92
O MSE D 302 -43.76 6.64 34.92
CB MSE D 302 -41.92 4.49 33.40
CG MSE D 302 -42.70 4.40 32.10
SE MSE D 302 -42.48 2.54 31.33
CE MSE D 302 -43.41 1.57 32.66
N TYR D 303 -43.22 7.54 32.89
CA TYR D 303 -44.39 8.38 32.78
C TYR D 303 -45.20 7.94 31.56
N PHE D 304 -46.49 7.69 31.78
CA PHE D 304 -47.40 7.23 30.70
C PHE D 304 -47.87 8.49 29.98
N VAL D 305 -47.01 8.96 29.09
CA VAL D 305 -47.21 10.24 28.42
C VAL D 305 -48.38 10.23 27.44
N ASP D 306 -48.76 9.03 27.00
CA ASP D 306 -49.87 8.83 26.08
C ASP D 306 -50.31 7.38 26.17
N PRO D 307 -51.55 7.04 25.76
CA PRO D 307 -51.82 5.58 25.67
C PRO D 307 -50.85 4.80 24.77
N SER D 308 -50.23 5.46 23.80
CA SER D 308 -49.28 4.83 22.90
C SER D 308 -47.81 4.99 23.23
N ALA D 309 -47.48 5.66 24.31
CA ALA D 309 -46.09 6.02 24.54
C ALA D 309 -45.72 6.22 25.99
N VAL D 310 -44.43 6.04 26.26
CA VAL D 310 -43.88 6.29 27.59
C VAL D 310 -42.61 7.14 27.49
N LEU D 311 -42.37 7.90 28.56
CA LEU D 311 -41.09 8.52 28.82
C LEU D 311 -40.52 7.86 30.06
N TYR D 312 -39.21 7.72 30.13
CA TYR D 312 -38.58 7.16 31.34
C TYR D 312 -37.22 7.74 31.66
N ALA D 313 -36.85 7.60 32.92
CA ALA D 313 -35.51 7.87 33.41
C ALA D 313 -35.05 6.65 34.17
N ARG D 314 -33.78 6.30 34.01
CA ARG D 314 -33.25 5.06 34.52
C ARG D 314 -31.82 5.21 35.01
N ALA D 315 -31.50 4.55 36.13
CA ALA D 315 -30.14 4.52 36.67
C ALA D 315 -29.83 3.08 37.05
N ARG D 316 -28.67 2.57 36.63
CA ARG D 316 -28.28 1.20 36.96
C ARG D 316 -26.79 1.05 37.20
N MSE D 317 -26.45 0.05 37.98
CA MSE D 317 -25.07 -0.24 38.33
C MSE D 317 -24.81 -1.69 38.11
O MSE D 317 -25.46 -2.54 38.77
CB MSE D 317 -24.79 0.08 39.83
CG MSE D 317 -25.11 1.52 40.18
SE MSE D 317 -24.75 1.85 42.12
CE MSE D 317 -23.26 0.59 42.41
N ASN D 318 -23.85 -2.00 37.24
CA ASN D 318 -23.43 -3.36 36.92
C ASN D 318 -22.10 -3.67 37.57
N ASP D 319 -22.05 -4.77 38.32
CA ASP D 319 -20.83 -5.25 38.95
C ASP D 319 -20.59 -6.66 38.42
N PHE D 320 -19.66 -6.78 37.47
CA PHE D 320 -19.42 -8.03 36.80
C PHE D 320 -18.30 -8.86 37.42
N ASN D 321 -18.29 -10.12 37.04
CA ASN D 321 -17.25 -11.07 37.39
C ASN D 321 -15.83 -10.60 37.03
N GLU D 322 -14.84 -11.22 37.64
CA GLU D 322 -13.44 -10.86 37.43
C GLU D 322 -12.72 -11.75 36.43
N GLY D 323 -13.46 -12.54 35.64
CA GLY D 323 -12.88 -13.28 34.53
C GLY D 323 -12.71 -14.76 34.83
N LEU D 324 -12.71 -15.55 33.76
CA LEU D 324 -12.37 -16.97 33.83
C LEU D 324 -11.86 -17.42 32.47
N ASP D 325 -11.15 -18.54 32.49
CA ASP D 325 -10.73 -19.22 31.29
C ASP D 325 -11.75 -20.27 30.87
N GLY D 326 -11.85 -20.50 29.56
CA GLY D 326 -12.62 -21.60 29.02
C GLY D 326 -11.77 -22.84 28.97
N LEU D 327 -12.26 -23.88 28.32
CA LEU D 327 -11.61 -25.18 28.35
C LEU D 327 -10.43 -25.29 27.40
N ASP D 328 -10.21 -24.25 26.61
CA ASP D 328 -9.05 -24.16 25.74
C ASP D 328 -7.94 -23.29 26.34
N ASP D 329 -7.99 -23.03 27.64
CA ASP D 329 -7.00 -22.20 28.35
C ASP D 329 -6.86 -20.76 27.86
N ALA D 330 -7.90 -20.23 27.24
CA ALA D 330 -7.94 -18.83 26.87
C ALA D 330 -9.12 -18.23 27.62
N ALA D 331 -9.09 -16.90 27.77
CA ALA D 331 -10.17 -16.19 28.45
C ALA D 331 -11.51 -16.52 27.80
N ARG D 332 -12.52 -16.81 28.60
CA ARG D 332 -13.86 -16.98 28.09
C ARG D 332 -14.53 -15.62 28.12
N TRP D 333 -15.03 -15.17 26.99
CA TRP D 333 -15.71 -13.90 26.92
C TRP D 333 -17.02 -13.92 27.74
N THR D 334 -17.25 -12.87 28.51
CA THR D 334 -18.54 -12.64 29.17
C THR D 334 -18.93 -11.18 29.04
N SER D 335 -20.15 -10.86 29.49
CA SER D 335 -20.63 -9.47 29.53
C SER D 335 -19.82 -8.60 30.51
N GLY D 336 -18.98 -9.22 31.34
CA GLY D 336 -18.05 -8.53 32.21
C GLY D 336 -16.68 -8.23 31.62
N THR D 337 -16.38 -8.78 30.47
CA THR D 337 -15.03 -8.65 29.88
C THR D 337 -14.65 -7.17 29.67
N ASN D 338 -15.60 -6.33 29.27
CA ASN D 338 -15.35 -4.90 29.12
C ASN D 338 -15.31 -4.06 30.40
N GLY D 339 -15.65 -4.66 31.55
CA GLY D 339 -15.55 -4.00 32.86
C GLY D 339 -16.89 -3.53 33.42
N ASP D 340 -16.86 -3.22 34.70
CA ASP D 340 -18.02 -2.72 35.43
C ASP D 340 -18.41 -1.34 34.91
N TYR D 341 -19.70 -1.04 34.93
CA TYR D 341 -20.13 0.31 34.62
C TYR D 341 -21.46 0.66 35.24
N ASN D 342 -21.66 1.96 35.40
CA ASN D 342 -22.95 2.53 35.75
C ASN D 342 -23.49 3.26 34.54
N GLU D 343 -24.81 3.40 34.47
CA GLU D 343 -25.47 4.07 33.38
C GLU D 343 -26.70 4.86 33.85
N TYR D 344 -26.78 6.10 33.36
CA TYR D 344 -27.90 7.01 33.59
C TYR D 344 -28.51 7.23 32.23
N SER D 345 -29.83 7.13 32.13
CA SER D 345 -30.47 7.29 30.84
C SER D 345 -31.86 7.87 30.94
N VAL D 346 -32.28 8.46 29.83
CA VAL D 346 -33.66 8.87 29.65
C VAL D 346 -34.09 8.37 28.27
N GLY D 347 -35.39 8.12 28.11
CA GLY D 347 -35.87 7.62 26.84
C GLY D 347 -37.33 7.80 26.59
N VAL D 348 -37.70 7.52 25.35
CA VAL D 348 -39.07 7.58 24.88
C VAL D 348 -39.33 6.31 24.07
N GLU D 349 -40.51 5.72 24.23
CA GLU D 349 -40.95 4.64 23.33
C GLU D 349 -42.38 4.89 22.94
N TYR D 350 -42.66 4.78 21.64
CA TYR D 350 -43.96 5.05 21.05
C TYR D 350 -44.27 3.92 20.07
N TYR D 351 -45.52 3.43 20.13
CA TYR D 351 -45.98 2.25 19.36
C TYR D 351 -47.07 2.68 18.43
N PHE D 352 -47.00 2.25 17.17
CA PHE D 352 -48.12 2.41 16.25
C PHE D 352 -48.27 1.18 15.36
N GLU E 12 -60.44 14.35 1.96
CA GLU E 12 -60.35 13.74 3.31
C GLU E 12 -60.34 12.20 3.25
N TYR E 13 -61.25 11.61 2.49
CA TYR E 13 -61.25 10.16 2.26
C TYR E 13 -60.27 9.77 1.16
N LEU E 14 -59.59 8.64 1.34
CA LEU E 14 -58.51 8.23 0.44
C LEU E 14 -59.02 7.35 -0.71
N THR E 15 -58.38 7.51 -1.87
CA THR E 15 -58.51 6.57 -2.99
C THR E 15 -57.13 6.02 -3.34
N LYS E 16 -57.10 5.07 -4.27
CA LYS E 16 -55.85 4.56 -4.85
C LYS E 16 -54.93 5.69 -5.31
N ASP E 17 -55.54 6.71 -5.92
CA ASP E 17 -54.85 7.93 -6.38
C ASP E 17 -54.30 8.84 -5.31
N SER E 18 -54.69 8.64 -4.04
CA SER E 18 -54.09 9.38 -2.95
C SER E 18 -52.62 8.99 -2.71
N PHE E 19 -52.18 7.83 -3.19
CA PHE E 19 -50.82 7.35 -2.93
C PHE E 19 -49.97 7.42 -4.18
N SER E 20 -48.70 7.73 -4.02
CA SER E 20 -47.74 7.75 -5.13
C SER E 20 -46.87 6.48 -5.17
N TYR E 21 -47.19 5.49 -4.34
CA TYR E 21 -46.43 4.26 -4.30
C TYR E 21 -47.40 3.14 -3.98
N GLU E 22 -46.95 1.92 -4.19
CA GLU E 22 -47.63 0.79 -3.65
C GLU E 22 -46.60 -0.19 -3.07
N VAL E 23 -46.97 -0.75 -1.92
CA VAL E 23 -46.20 -1.81 -1.33
C VAL E 23 -46.67 -3.11 -1.93
N TYR E 24 -45.74 -3.99 -2.25
CA TYR E 24 -46.09 -5.34 -2.69
C TYR E 24 -45.11 -6.31 -2.01
N GLY E 25 -45.44 -7.60 -2.07
CA GLY E 25 -44.59 -8.57 -1.44
C GLY E 25 -44.78 -9.96 -1.96
N ILE E 26 -43.75 -10.76 -1.72
CA ILE E 26 -43.79 -12.18 -1.96
C ILE E 26 -43.36 -12.81 -0.65
N ILE E 27 -44.28 -13.54 -0.04
CA ILE E 27 -44.01 -14.20 1.23
C ILE E 27 -43.73 -15.64 0.86
N ALA E 28 -42.50 -16.10 1.10
CA ALA E 28 -42.05 -17.38 0.60
C ALA E 28 -41.21 -18.07 1.70
N MSE E 29 -41.64 -19.25 2.11
CA MSE E 29 -40.93 -20.03 3.13
C MSE E 29 -40.83 -21.45 2.66
O MSE E 29 -41.86 -22.06 2.29
CB MSE E 29 -41.69 -19.99 4.46
CG MSE E 29 -41.11 -20.90 5.55
SE MSE E 29 -39.34 -20.28 6.08
CE MSE E 29 -39.93 -18.70 7.02
N GLN E 30 -39.62 -21.98 2.69
CA GLN E 30 -39.33 -23.36 2.35
C GLN E 30 -38.61 -24.04 3.52
N ALA E 31 -39.11 -25.18 3.99
CA ALA E 31 -38.37 -26.02 4.94
C ALA E 31 -37.68 -27.07 4.11
N ALA E 32 -36.35 -27.07 4.16
CA ALA E 32 -35.53 -27.90 3.26
C ALA E 32 -34.53 -28.72 4.07
N TYR E 33 -34.57 -30.03 3.86
CA TYR E 33 -33.67 -30.99 4.47
C TYR E 33 -32.72 -31.50 3.40
N ARG E 34 -31.41 -31.28 3.62
CA ARG E 34 -30.39 -31.74 2.67
C ARG E 34 -29.56 -32.87 3.24
N ASP E 35 -29.27 -33.84 2.38
CA ASP E 35 -28.44 -34.96 2.72
C ASP E 35 -27.27 -34.97 1.73
N TYR E 36 -26.09 -34.61 2.24
CA TYR E 36 -24.86 -34.50 1.44
C TYR E 36 -24.07 -35.80 1.45
N ASP E 37 -23.33 -36.02 0.36
CA ASP E 37 -22.39 -37.12 0.31
C ASP E 37 -21.11 -36.59 -0.36
N SER E 38 -20.37 -35.80 0.41
CA SER E 38 -19.21 -35.09 -0.10
C SER E 38 -17.95 -35.94 -0.07
N GLY E 39 -17.95 -37.07 0.62
CA GLY E 39 -16.71 -37.78 0.93
C GLY E 39 -16.09 -37.43 2.29
N ASP E 40 -16.60 -36.41 2.97
CA ASP E 40 -16.13 -36.00 4.29
C ASP E 40 -17.36 -35.93 5.19
N ALA E 41 -17.42 -36.81 6.18
CA ALA E 41 -18.58 -36.96 7.05
C ALA E 41 -18.91 -35.68 7.84
N LYS E 42 -17.89 -34.98 8.29
CA LYS E 42 -18.08 -33.75 9.06
C LYS E 42 -18.67 -32.65 8.17
N GLN E 43 -18.12 -32.49 6.96
CA GLN E 43 -18.68 -31.57 6.00
C GLN E 43 -20.14 -31.91 5.69
N ASP E 44 -20.45 -33.19 5.55
CA ASP E 44 -21.85 -33.62 5.33
C ASP E 44 -22.76 -33.17 6.49
N ASP E 45 -22.30 -33.36 7.72
CA ASP E 45 -23.04 -32.95 8.90
C ASP E 45 -23.26 -31.44 8.90
N ASN E 46 -22.22 -30.70 8.49
CA ASN E 46 -22.27 -29.26 8.50
C ASN E 46 -23.23 -28.70 7.44
N LEU E 47 -23.05 -29.12 6.20
CA LEU E 47 -23.84 -28.60 5.11
C LEU E 47 -25.27 -29.13 5.10
N GLY E 48 -25.45 -30.35 5.54
CA GLY E 48 -26.74 -31.03 5.58
C GLY E 48 -27.57 -30.72 6.80
N GLY E 49 -28.75 -31.34 6.86
CA GLY E 49 -29.74 -31.09 7.91
C GLY E 49 -30.85 -30.18 7.42
N MSE E 50 -31.71 -29.80 8.35
CA MSE E 50 -32.89 -28.99 8.08
C MSE E 50 -32.53 -27.53 8.24
O MSE E 50 -31.94 -27.15 9.25
CB MSE E 50 -33.99 -29.38 9.10
CG MSE E 50 -35.28 -28.55 8.96
SE MSE E 50 -36.28 -29.21 7.34
CE MSE E 50 -36.91 -30.84 8.16
N GLN E 51 -32.95 -26.72 7.28
CA GLN E 51 -33.00 -25.27 7.47
C GLN E 51 -34.31 -24.74 6.96
N LEU E 52 -34.61 -23.51 7.37
CA LEU E 52 -35.66 -22.76 6.77
C LEU E 52 -35.05 -21.79 5.77
N ASN E 53 -35.66 -21.70 4.61
CA ASN E 53 -35.22 -20.81 3.57
C ASN E 53 -36.34 -19.78 3.37
N ASN E 54 -36.20 -18.65 4.05
CA ASN E 54 -37.16 -17.59 3.98
C ASN E 54 -36.75 -16.63 2.88
N GLU E 55 -37.43 -16.77 1.74
CA GLU E 55 -37.22 -15.91 0.59
C GLU E 55 -38.27 -14.81 0.49
N SER E 56 -38.92 -14.50 1.60
CA SER E 56 -39.86 -13.39 1.62
C SER E 56 -39.14 -12.05 1.31
N ARG E 57 -39.85 -11.17 0.62
CA ARG E 57 -39.35 -9.84 0.32
C ARG E 57 -40.50 -8.85 0.15
N ILE E 58 -40.17 -7.60 0.45
CA ILE E 58 -41.09 -6.49 0.36
C ILE E 58 -40.50 -5.57 -0.71
N GLY E 59 -41.39 -4.98 -1.51
CA GLY E 59 -41.02 -3.97 -2.49
C GLY E 59 -41.95 -2.78 -2.49
N PHE E 60 -41.46 -1.71 -3.11
CA PHE E 60 -42.19 -0.48 -3.35
C PHE E 60 -42.10 -0.21 -4.84
N ARG E 61 -43.19 0.25 -5.42
CA ARG E 61 -43.18 0.64 -6.84
C ARG E 61 -44.23 1.69 -7.12
N GLY E 62 -44.06 2.38 -8.25
CA GLY E 62 -45.02 3.36 -8.65
C GLY E 62 -44.70 3.91 -10.03
N LYS E 63 -45.59 4.79 -10.48
CA LYS E 63 -45.50 5.46 -11.75
C LYS E 63 -45.83 6.93 -11.56
N LYS E 64 -45.44 7.74 -12.54
CA LYS E 64 -45.78 9.14 -12.56
C LYS E 64 -45.86 9.63 -14.00
N GLN E 65 -46.97 10.27 -14.35
CA GLN E 65 -47.07 10.96 -15.60
C GLN E 65 -46.51 12.36 -15.36
N PHE E 66 -45.31 12.61 -15.85
CA PHE E 66 -44.74 13.97 -15.77
C PHE E 66 -45.50 14.90 -16.68
N ALA E 67 -45.78 16.11 -16.21
CA ALA E 67 -46.52 17.09 -16.98
C ALA E 67 -45.86 17.40 -18.34
N ASN E 68 -44.53 17.36 -18.40
CA ASN E 68 -43.84 17.80 -19.60
C ASN E 68 -43.13 16.71 -20.37
N PHE E 69 -43.54 15.45 -20.20
CA PHE E 69 -42.93 14.36 -20.95
C PHE E 69 -43.97 13.24 -21.12
N GLU E 70 -44.19 12.80 -22.35
CA GLU E 70 -45.28 11.86 -22.62
C GLU E 70 -45.02 10.45 -22.02
N PRO E 71 -43.84 9.84 -22.25
CA PRO E 71 -43.63 8.50 -21.70
C PRO E 71 -43.74 8.50 -20.18
N THR E 72 -44.57 7.60 -19.66
CA THR E 72 -44.81 7.51 -18.24
C THR E 72 -43.55 7.07 -17.51
N PHE E 73 -43.24 7.76 -16.41
CA PHE E 73 -42.14 7.40 -15.54
C PHE E 73 -42.53 6.20 -14.67
N ILE E 74 -41.63 5.26 -14.52
CA ILE E 74 -41.85 4.10 -13.64
C ILE E 74 -40.64 3.91 -12.73
N TRP E 75 -40.91 3.32 -11.56
CA TRP E 75 -39.82 3.00 -10.63
C TRP E 75 -40.21 1.83 -9.74
N GLN E 76 -39.18 1.19 -9.21
CA GLN E 76 -39.33 0.09 -8.29
C GLN E 76 -38.11 -0.03 -7.42
N ILE E 77 -38.34 -0.38 -6.15
CA ILE E 77 -37.28 -0.68 -5.21
C ILE E 77 -37.68 -1.95 -4.46
N GLU E 78 -36.97 -3.05 -4.72
CA GLU E 78 -37.36 -4.34 -4.14
C GLU E 78 -36.33 -4.83 -3.15
N GLY E 79 -36.82 -5.23 -1.98
CA GLY E 79 -35.94 -5.78 -0.97
C GLY E 79 -35.40 -7.17 -1.30
N GLY E 80 -34.33 -7.56 -0.62
CA GLY E 80 -33.78 -8.89 -0.73
C GLY E 80 -34.51 -9.94 0.11
N TYR E 81 -34.07 -11.18 -0.05
CA TYR E 81 -34.61 -12.29 0.76
C TYR E 81 -34.31 -12.05 2.24
N VAL E 82 -35.34 -12.08 3.07
CA VAL E 82 -35.16 -11.67 4.45
C VAL E 82 -34.38 -12.65 5.32
N ASP E 83 -34.40 -13.95 5.00
CA ASP E 83 -33.63 -14.95 5.81
C ASP E 83 -33.44 -16.27 5.09
N PRO E 84 -32.62 -16.24 4.05
CA PRO E 84 -32.43 -17.41 3.22
C PRO E 84 -31.66 -18.48 3.98
N SER E 85 -31.79 -19.73 3.58
CA SER E 85 -30.95 -20.79 4.13
C SER E 85 -29.49 -20.50 3.77
N PHE E 86 -28.58 -20.96 4.65
CA PHE E 86 -27.15 -20.77 4.50
C PHE E 86 -26.72 -19.29 4.63
N GLY E 87 -27.58 -18.41 5.14
CA GLY E 87 -27.31 -16.97 5.21
C GLY E 87 -27.91 -16.43 6.50
N GLY E 88 -27.46 -15.23 6.87
CA GLY E 88 -27.93 -14.55 8.07
C GLY E 88 -29.20 -13.77 7.75
N GLU E 89 -29.81 -13.27 8.81
CA GLU E 89 -31.06 -12.53 8.73
C GLU E 89 -30.87 -11.11 8.20
N GLY E 90 -31.90 -10.60 7.54
CA GLY E 90 -31.99 -9.20 7.21
C GLY E 90 -31.61 -8.92 5.78
N ALA E 91 -32.39 -8.08 5.13
CA ALA E 91 -32.09 -7.66 3.76
C ALA E 91 -32.35 -6.16 3.62
N GLY E 92 -31.51 -5.51 2.82
CA GLY E 92 -31.70 -4.12 2.47
C GLY E 92 -32.72 -3.94 1.38
N LEU E 93 -33.24 -2.71 1.29
CA LEU E 93 -34.06 -2.31 0.15
C LEU E 93 -33.17 -2.06 -1.03
N GLY E 94 -33.56 -2.57 -2.19
CA GLY E 94 -32.75 -2.41 -3.37
C GLY E 94 -31.85 -3.56 -3.72
N GLU E 95 -31.98 -4.70 -3.03
CA GLU E 95 -31.18 -5.87 -3.36
C GLU E 95 -31.74 -6.64 -4.55
N ARG E 96 -33.04 -6.59 -4.78
CA ARG E 96 -33.66 -7.28 -5.92
C ARG E 96 -33.98 -6.21 -6.97
N ASP E 97 -34.84 -6.49 -7.93
CA ASP E 97 -34.99 -5.58 -9.11
C ASP E 97 -35.38 -4.19 -8.64
N THR E 98 -34.56 -3.22 -9.01
CA THR E 98 -34.61 -1.87 -8.45
C THR E 98 -34.16 -0.92 -9.56
N PHE E 99 -35.07 -0.07 -10.01
CA PHE E 99 -34.83 0.66 -11.26
C PHE E 99 -35.72 1.88 -11.38
N VAL E 100 -35.41 2.70 -12.39
CA VAL E 100 -36.31 3.74 -12.87
C VAL E 100 -36.49 3.46 -14.36
N GLY E 101 -37.47 4.10 -14.96
CA GLY E 101 -37.66 3.89 -16.38
C GLY E 101 -38.77 4.70 -16.98
N PHE E 102 -39.03 4.45 -18.26
CA PHE E 102 -40.11 5.06 -18.97
C PHE E 102 -40.80 4.04 -19.83
N GLU E 103 -42.07 4.28 -20.10
CA GLU E 103 -42.84 3.37 -20.91
C GLU E 103 -43.82 4.11 -21.79
N SER E 104 -44.08 3.49 -22.94
CA SER E 104 -45.02 4.04 -23.92
C SER E 104 -45.53 2.85 -24.76
N ALA E 105 -46.81 2.90 -25.13
CA ALA E 105 -47.49 1.79 -25.81
C ALA E 105 -46.76 1.33 -27.06
N SER E 106 -46.28 2.25 -27.87
CA SER E 106 -45.73 1.88 -29.17
C SER E 106 -44.32 1.28 -29.08
N TRP E 107 -43.55 1.56 -28.01
CA TRP E 107 -42.19 1.00 -27.91
C TRP E 107 -41.84 0.21 -26.66
N GLY E 108 -42.80 0.00 -25.76
CA GLY E 108 -42.64 -0.87 -24.63
C GLY E 108 -42.08 -0.10 -23.44
N GLN E 109 -40.95 -0.57 -22.92
CA GLN E 109 -40.35 0.10 -21.77
C GLN E 109 -38.84 0.01 -21.71
N VAL E 110 -38.26 1.01 -21.08
CA VAL E 110 -36.82 1.05 -20.88
C VAL E 110 -36.63 1.24 -19.40
N ARG E 111 -35.73 0.44 -18.83
CA ARG E 111 -35.38 0.50 -17.42
C ARG E 111 -33.88 0.72 -17.26
N LEU E 112 -33.53 1.51 -16.25
CA LEU E 112 -32.16 1.74 -15.85
C LEU E 112 -32.05 1.33 -14.39
N GLY E 113 -31.05 0.52 -14.09
CA GLY E 113 -30.75 0.17 -12.72
C GLY E 113 -30.35 -1.29 -12.60
N ARG E 114 -31.07 -2.00 -11.73
CA ARG E 114 -30.75 -3.40 -11.36
C ARG E 114 -31.89 -4.29 -11.80
N VAL E 115 -31.63 -5.09 -12.83
CA VAL E 115 -32.64 -5.92 -13.47
C VAL E 115 -32.02 -7.25 -13.88
N LEU E 116 -32.87 -8.16 -14.33
CA LEU E 116 -32.37 -9.42 -14.86
C LEU E 116 -31.84 -9.22 -16.28
N THR E 117 -30.78 -9.93 -16.62
CA THR E 117 -30.35 -9.95 -18.03
C THR E 117 -31.34 -10.77 -18.86
N PRO E 118 -31.42 -10.50 -20.17
CA PRO E 118 -32.36 -11.23 -21.02
C PRO E 118 -32.11 -12.76 -21.00
N MSE E 119 -30.85 -13.16 -20.97
CA MSE E 119 -30.45 -14.57 -20.92
C MSE E 119 -30.87 -15.12 -19.57
O MSE E 119 -31.52 -16.17 -19.48
CB MSE E 119 -28.95 -14.69 -21.08
CG MSE E 119 -28.28 -15.99 -20.65
SE MSE E 119 -28.78 -17.47 -21.86
CE MSE E 119 -27.88 -16.76 -23.45
N TYR E 120 -30.50 -14.41 -18.51
CA TYR E 120 -30.73 -14.95 -17.17
C TYR E 120 -32.23 -15.15 -16.90
N GLU E 121 -33.05 -14.25 -17.39
CA GLU E 121 -34.47 -14.36 -17.15
C GLU E 121 -35.03 -15.73 -17.65
N LEU E 122 -34.59 -16.14 -18.83
CA LEU E 122 -34.95 -17.42 -19.41
C LEU E 122 -34.33 -18.62 -18.72
N VAL E 123 -33.07 -18.48 -18.30
CA VAL E 123 -32.38 -19.53 -17.55
C VAL E 123 -33.13 -19.83 -16.23
N ASP E 124 -33.53 -18.77 -15.55
CA ASP E 124 -34.26 -18.88 -14.29
C ASP E 124 -35.66 -19.43 -14.52
N TRP E 125 -36.42 -18.81 -15.42
CA TRP E 125 -37.80 -19.21 -15.65
C TRP E 125 -38.00 -19.39 -17.17
N PRO E 126 -38.37 -20.58 -17.65
CA PRO E 126 -38.87 -21.72 -16.83
C PRO E 126 -37.78 -22.67 -16.29
N ALA E 127 -36.54 -22.51 -16.76
CA ALA E 127 -35.62 -23.64 -16.81
C ALA E 127 -34.82 -23.97 -15.54
N SER E 128 -34.94 -23.18 -14.47
CA SER E 128 -34.32 -23.55 -13.22
C SER E 128 -35.32 -24.12 -12.20
N ASN E 129 -36.58 -24.25 -12.61
CA ASN E 129 -37.62 -24.66 -11.70
C ASN E 129 -38.07 -26.10 -12.03
N PRO E 130 -38.17 -27.03 -11.05
CA PRO E 130 -38.08 -26.78 -9.59
C PRO E 130 -36.76 -27.27 -9.01
N GLY E 131 -35.95 -26.36 -8.47
CA GLY E 131 -34.70 -26.75 -7.84
C GLY E 131 -33.62 -27.23 -8.78
N LEU E 132 -33.70 -26.81 -10.04
CA LEU E 132 -32.72 -27.20 -11.05
C LEU E 132 -31.53 -26.23 -11.12
N GLY E 133 -31.57 -25.19 -10.28
CA GLY E 133 -30.65 -24.07 -10.35
C GLY E 133 -29.21 -24.37 -10.04
N ASP E 134 -28.95 -25.28 -9.11
CA ASP E 134 -27.54 -25.62 -8.78
C ASP E 134 -26.81 -26.13 -10.03
N VAL E 135 -27.54 -26.79 -10.92
CA VAL E 135 -26.98 -27.26 -12.19
C VAL E 135 -27.09 -26.17 -13.26
N TYR E 136 -28.30 -25.70 -13.52
CA TYR E 136 -28.55 -24.95 -14.75
C TYR E 136 -28.44 -23.42 -14.62
N ASP E 137 -28.54 -22.89 -13.39
CA ASP E 137 -28.52 -21.44 -13.15
C ASP E 137 -27.09 -21.01 -12.91
N TRP E 138 -26.55 -21.31 -11.74
CA TRP E 138 -25.17 -20.90 -11.42
C TRP E 138 -24.23 -22.08 -11.44
N GLY E 139 -24.71 -23.27 -11.78
CA GLY E 139 -23.83 -24.38 -12.01
C GLY E 139 -23.10 -24.27 -13.35
N GLY E 140 -22.13 -25.16 -13.52
CA GLY E 140 -21.30 -25.20 -14.70
C GLY E 140 -19.84 -24.95 -14.32
N ALA E 141 -18.96 -25.31 -15.24
CA ALA E 141 -17.54 -25.34 -14.97
C ALA E 141 -16.73 -24.36 -15.81
N ILE E 142 -17.39 -23.57 -16.66
CA ILE E 142 -16.65 -22.77 -17.64
C ILE E 142 -15.99 -21.55 -16.96
N GLY E 143 -14.83 -21.13 -17.44
CA GLY E 143 -14.17 -19.94 -16.92
C GLY E 143 -14.83 -18.64 -17.36
N GLY E 144 -14.39 -17.55 -16.77
CA GLY E 144 -14.91 -16.23 -17.06
C GLY E 144 -16.27 -16.03 -16.46
N ALA E 145 -17.19 -15.44 -17.21
CA ALA E 145 -18.54 -15.20 -16.71
C ALA E 145 -19.53 -15.64 -17.79
N LYS E 146 -20.13 -16.81 -17.61
CA LYS E 146 -21.05 -17.33 -18.63
C LYS E 146 -22.21 -16.36 -18.93
N TYR E 147 -22.72 -15.70 -17.87
CA TYR E 147 -23.71 -14.64 -17.98
C TYR E 147 -23.84 -14.01 -16.62
N GLN E 148 -24.34 -12.79 -16.58
CA GLN E 148 -24.72 -12.17 -15.32
C GLN E 148 -26.14 -12.65 -15.01
N ASP E 149 -26.62 -12.34 -13.82
CA ASP E 149 -27.95 -12.76 -13.44
C ASP E 149 -28.86 -11.57 -13.19
N ARG E 150 -28.97 -11.13 -11.94
CA ARG E 150 -29.55 -9.84 -11.62
C ARG E 150 -28.38 -8.89 -11.48
N GLN E 151 -28.39 -7.81 -12.24
CA GLN E 151 -27.19 -6.98 -12.39
C GLN E 151 -27.53 -5.50 -12.30
N SER E 152 -26.74 -4.79 -11.51
CA SER E 152 -26.83 -3.33 -11.38
C SER E 152 -26.14 -2.67 -12.58
N ASN E 153 -26.29 -1.37 -12.71
CA ASN E 153 -25.65 -0.61 -13.79
C ASN E 153 -26.05 -1.11 -15.19
N THR E 154 -27.35 -1.37 -15.34
CA THR E 154 -27.89 -1.98 -16.56
C THR E 154 -28.94 -1.07 -17.18
N ILE E 155 -28.95 -1.04 -18.50
CA ILE E 155 -30.07 -0.49 -19.25
C ILE E 155 -30.71 -1.61 -20.03
N ARG E 156 -32.04 -1.73 -19.93
CA ARG E 156 -32.77 -2.82 -20.53
C ARG E 156 -34.03 -2.31 -21.19
N TRP E 157 -34.22 -2.73 -22.43
CA TRP E 157 -35.41 -2.46 -23.20
C TRP E 157 -36.26 -3.73 -23.29
N ASP E 158 -37.55 -3.61 -23.00
CA ASP E 158 -38.53 -4.65 -23.26
C ASP E 158 -39.49 -4.12 -24.28
N SER E 159 -39.50 -4.74 -25.46
CA SER E 159 -40.38 -4.36 -26.54
C SER E 159 -41.83 -4.64 -26.18
N PRO E 160 -42.76 -4.04 -26.90
CA PRO E 160 -44.12 -4.56 -26.86
C PRO E 160 -44.22 -5.96 -27.49
N MSE E 161 -45.36 -6.59 -27.31
CA MSE E 161 -45.74 -7.80 -28.04
C MSE E 161 -46.17 -7.48 -29.44
O MSE E 161 -47.34 -7.20 -29.67
CB MSE E 161 -46.89 -8.40 -27.24
CG MSE E 161 -47.36 -9.70 -27.87
SE MSE E 161 -46.03 -11.03 -27.34
CE MSE E 161 -47.22 -11.73 -25.93
N TYR E 162 -45.26 -7.53 -30.40
CA TYR E 162 -45.57 -7.17 -31.78
C TYR E 162 -46.50 -8.22 -32.43
N ALA E 163 -47.58 -7.74 -33.03
CA ALA E 163 -48.62 -8.57 -33.67
C ALA E 163 -49.15 -9.66 -32.74
N ASP E 164 -49.22 -9.36 -31.45
CA ASP E 164 -49.61 -10.34 -30.41
C ASP E 164 -48.76 -11.63 -30.36
N LYS E 165 -47.58 -11.62 -30.99
CA LYS E 165 -46.77 -12.82 -31.16
C LYS E 165 -45.31 -12.74 -30.72
N PHE E 166 -44.65 -11.64 -31.03
CA PHE E 166 -43.22 -11.56 -30.98
C PHE E 166 -42.76 -10.43 -30.05
N SER E 167 -41.82 -10.72 -29.15
CA SER E 167 -41.23 -9.71 -28.30
C SER E 167 -39.72 -9.90 -28.15
N ILE E 168 -39.06 -8.81 -27.78
CA ILE E 168 -37.60 -8.74 -27.65
C ILE E 168 -37.26 -8.11 -26.32
N ASP E 169 -36.23 -8.63 -25.66
CA ASP E 169 -35.64 -8.04 -24.47
C ASP E 169 -34.17 -7.81 -24.83
N ALA E 170 -33.67 -6.59 -24.62
CA ALA E 170 -32.27 -6.29 -24.93
C ALA E 170 -31.67 -5.41 -23.85
N ALA E 171 -30.41 -5.65 -23.54
CA ALA E 171 -29.77 -4.94 -22.46
C ALA E 171 -28.26 -4.88 -22.61
N VAL E 172 -27.68 -3.85 -22.02
CA VAL E 172 -26.25 -3.76 -21.84
C VAL E 172 -26.01 -3.24 -20.43
N GLY E 173 -24.87 -3.59 -19.88
CA GLY E 173 -24.54 -3.14 -18.54
C GLY E 173 -23.08 -3.24 -18.18
N ALA E 174 -22.76 -2.63 -17.05
CA ALA E 174 -21.44 -2.79 -16.46
C ALA E 174 -21.31 -4.13 -15.74
N GLY E 175 -20.08 -4.62 -15.69
CA GLY E 175 -19.77 -5.83 -14.96
C GLY E 175 -19.65 -5.61 -13.46
N ASP E 176 -19.32 -6.70 -12.77
CA ASP E 176 -19.22 -6.69 -11.29
C ASP E 176 -18.09 -5.81 -10.79
N LYS E 177 -16.94 -5.85 -11.43
CA LYS E 177 -15.82 -5.04 -10.99
C LYS E 177 -16.01 -3.58 -11.33
N ALA E 178 -16.55 -3.34 -12.53
CA ALA E 178 -16.83 -1.99 -13.03
C ALA E 178 -17.79 -1.24 -12.12
N GLY E 179 -18.75 -1.96 -11.54
CA GLY E 179 -19.70 -1.37 -10.58
C GLY E 179 -19.08 -0.89 -9.26
N LEU E 180 -17.85 -1.30 -8.97
CA LEU E 180 -17.12 -0.84 -7.79
C LEU E 180 -15.94 0.04 -8.20
N GLY E 181 -15.84 0.41 -9.48
CA GLY E 181 -14.69 1.17 -9.92
C GLY E 181 -13.38 0.39 -9.90
N ALA E 182 -13.50 -0.94 -10.05
CA ALA E 182 -12.37 -1.85 -9.86
C ALA E 182 -12.09 -2.67 -11.13
N GLY E 183 -12.67 -2.28 -12.26
CA GLY E 183 -12.46 -3.00 -13.49
C GLY E 183 -13.22 -2.31 -14.62
N ASP E 184 -13.15 -2.91 -15.79
CA ASP E 184 -13.83 -2.39 -16.97
C ASP E 184 -14.61 -3.50 -17.70
N ASP E 185 -15.09 -4.46 -16.91
CA ASP E 185 -15.96 -5.51 -17.42
C ASP E 185 -17.32 -4.94 -17.84
N TYR E 186 -17.92 -5.55 -18.83
CA TYR E 186 -19.24 -5.17 -19.33
C TYR E 186 -19.84 -6.34 -20.10
N TRP E 187 -21.11 -6.20 -20.44
CA TRP E 187 -21.84 -7.25 -21.10
C TRP E 187 -22.99 -6.66 -21.91
N GLY E 188 -23.44 -7.45 -22.87
CA GLY E 188 -24.65 -7.13 -23.62
C GLY E 188 -25.41 -8.42 -23.89
N GLY E 189 -26.72 -8.31 -24.00
CA GLY E 189 -27.52 -9.48 -24.24
C GLY E 189 -28.83 -9.17 -24.91
N ILE E 190 -29.43 -10.20 -25.46
CA ILE E 190 -30.70 -10.06 -26.13
C ILE E 190 -31.46 -11.39 -26.09
N ALA E 191 -32.78 -11.30 -26.00
CA ALA E 191 -33.65 -12.47 -26.08
C ALA E 191 -34.85 -12.14 -26.94
N ALA E 192 -35.39 -13.16 -27.59
CA ALA E 192 -36.59 -13.04 -28.40
C ALA E 192 -37.53 -14.18 -28.06
N HIS E 193 -38.82 -13.91 -28.22
CA HIS E 193 -39.88 -14.84 -27.84
C HIS E 193 -40.94 -14.78 -28.91
N TYR E 194 -41.38 -15.94 -29.36
CA TYR E 194 -42.35 -16.01 -30.41
C TYR E 194 -43.46 -17.01 -30.05
N LYS E 195 -44.70 -16.54 -30.13
CA LYS E 195 -45.85 -17.34 -29.78
C LYS E 195 -46.31 -18.02 -31.06
N LEU E 196 -46.54 -19.31 -30.95
CA LEU E 196 -46.98 -20.10 -32.06
C LEU E 196 -47.97 -21.17 -31.59
N GLY E 197 -49.26 -20.87 -31.72
CA GLY E 197 -50.35 -21.72 -31.18
C GLY E 197 -50.15 -21.94 -29.68
N PRO E 198 -50.06 -23.19 -29.18
CA PRO E 198 -49.81 -23.49 -27.76
C PRO E 198 -48.34 -23.42 -27.34
N LEU E 199 -47.46 -22.94 -28.23
CA LEU E 199 -46.02 -22.91 -27.95
C LEU E 199 -45.49 -21.50 -27.84
N GLN E 200 -44.41 -21.37 -27.11
CA GLN E 200 -43.56 -20.22 -27.20
C GLN E 200 -42.17 -20.70 -27.53
N LEU E 201 -41.55 -20.08 -28.54
CA LEU E 201 -40.17 -20.33 -28.87
C LEU E 201 -39.31 -19.22 -28.30
N ASP E 202 -38.18 -19.59 -27.71
CA ASP E 202 -37.28 -18.65 -27.04
C ASP E 202 -35.88 -18.77 -27.62
N ALA E 203 -35.19 -17.65 -27.72
CA ALA E 203 -33.77 -17.64 -28.05
C ALA E 203 -33.11 -16.51 -27.27
N ALA E 204 -31.87 -16.72 -26.84
CA ALA E 204 -31.13 -15.68 -26.14
C ALA E 204 -29.63 -15.77 -26.35
N TYR E 205 -28.99 -14.64 -26.10
CA TYR E 205 -27.57 -14.46 -26.22
C TYR E 205 -27.09 -13.54 -25.10
N GLU E 206 -25.89 -13.82 -24.58
CA GLU E 206 -25.18 -12.86 -23.78
C GLU E 206 -23.70 -12.94 -24.07
N GLY E 207 -23.09 -11.76 -24.19
CA GLY E 207 -21.64 -11.64 -24.36
C GLY E 207 -21.08 -10.84 -23.21
N ASN E 208 -20.11 -11.43 -22.49
CA ASN E 208 -19.38 -10.76 -21.42
C ASN E 208 -17.95 -10.49 -21.87
N ARG E 209 -17.45 -9.33 -21.51
CA ARG E 209 -16.17 -8.82 -21.97
C ARG E 209 -15.37 -8.26 -20.83
N ASN E 210 -14.05 -8.31 -20.98
CA ASN E 210 -13.09 -7.74 -20.02
C ASN E 210 -13.28 -8.37 -18.62
N ILE E 211 -13.59 -9.66 -18.58
CA ILE E 211 -13.80 -10.37 -17.32
C ILE E 211 -12.45 -10.78 -16.76
N GLU E 212 -12.14 -10.39 -15.53
CA GLU E 212 -10.85 -10.73 -14.94
C GLU E 212 -11.00 -11.93 -13.98
N ALA E 213 -10.32 -13.02 -14.27
CA ALA E 213 -10.37 -14.21 -13.40
C ALA E 213 -9.21 -15.12 -13.72
N GLU E 214 -8.67 -15.78 -12.68
CA GLU E 214 -7.62 -16.79 -12.83
C GLU E 214 -6.36 -16.24 -13.51
N GLY E 215 -6.10 -14.94 -13.32
CA GLY E 215 -4.95 -14.30 -13.93
C GLY E 215 -5.09 -13.92 -15.39
N GLN E 216 -6.29 -14.05 -15.96
CA GLN E 216 -6.54 -13.75 -17.37
C GLN E 216 -7.67 -12.76 -17.47
N THR E 217 -7.82 -12.25 -18.68
CA THR E 217 -9.00 -11.52 -19.09
C THR E 217 -9.76 -12.43 -20.04
N TRP E 218 -11.06 -12.51 -19.85
CA TRP E 218 -11.91 -13.42 -20.60
C TRP E 218 -13.00 -12.71 -21.41
N GLU E 219 -13.37 -13.35 -22.52
CA GLU E 219 -14.62 -13.05 -23.23
C GLU E 219 -15.48 -14.29 -23.26
N ASN E 220 -16.74 -14.14 -22.86
CA ASN E 220 -17.71 -15.21 -22.86
C ASN E 220 -18.82 -14.91 -23.85
N ASN E 221 -19.29 -15.95 -24.52
CA ASN E 221 -20.45 -15.90 -25.38
C ASN E 221 -21.31 -17.10 -25.05
N THR E 222 -22.56 -16.82 -24.68
CA THR E 222 -23.51 -17.86 -24.33
C THR E 222 -24.78 -17.70 -25.19
N TYR E 223 -25.27 -18.84 -25.68
CA TYR E 223 -26.40 -18.91 -26.57
C TYR E 223 -27.41 -19.89 -26.01
N LEU E 224 -28.69 -19.61 -26.19
CA LEU E 224 -29.74 -20.44 -25.66
C LEU E 224 -30.91 -20.50 -26.63
N VAL E 225 -31.46 -21.70 -26.81
CA VAL E 225 -32.70 -21.88 -27.55
C VAL E 225 -33.64 -22.72 -26.69
N GLY E 226 -34.93 -22.44 -26.79
CA GLY E 226 -35.90 -23.10 -25.93
C GLY E 226 -37.29 -23.12 -26.47
N VAL E 227 -38.10 -23.98 -25.86
CA VAL E 227 -39.50 -24.07 -26.17
C VAL E 227 -40.27 -24.22 -24.87
N GLN E 228 -41.48 -23.67 -24.86
CA GLN E 228 -42.44 -23.87 -23.78
C GLN E 228 -43.77 -24.18 -24.44
N GLY E 229 -44.51 -25.11 -23.85
CA GLY E 229 -45.81 -25.48 -24.38
C GLY E 229 -46.86 -25.65 -23.28
N TRP E 230 -48.09 -25.30 -23.61
CA TRP E 230 -49.23 -25.41 -22.71
C TRP E 230 -50.40 -25.91 -23.50
N PHE E 231 -50.90 -27.11 -23.17
CA PHE E 231 -51.99 -27.76 -23.90
C PHE E 231 -53.25 -27.82 -23.07
N GLU E 232 -54.38 -27.90 -23.75
CA GLU E 232 -55.68 -27.87 -23.09
C GLU E 232 -56.01 -29.09 -22.26
N ASN E 233 -55.36 -30.23 -22.52
CA ASN E 233 -55.54 -31.42 -21.68
C ASN E 233 -54.78 -31.37 -20.32
N GLY E 234 -54.15 -30.24 -19.98
CA GLY E 234 -53.47 -30.10 -18.70
C GLY E 234 -51.97 -30.38 -18.74
N ILE E 235 -51.44 -30.84 -19.88
CA ILE E 235 -50.01 -31.05 -20.02
C ILE E 235 -49.34 -29.74 -20.42
N SER E 236 -48.24 -29.42 -19.77
CA SER E 236 -47.36 -28.36 -20.19
C SER E 236 -45.91 -28.81 -20.02
N PHE E 237 -45.00 -28.10 -20.68
CA PHE E 237 -43.59 -28.49 -20.66
C PHE E 237 -42.69 -27.35 -21.05
N PHE E 238 -41.40 -27.55 -20.80
CA PHE E 238 -40.36 -26.72 -21.37
C PHE E 238 -39.13 -27.57 -21.68
N ALA E 239 -38.29 -27.05 -22.58
CA ALA E 239 -36.99 -27.64 -22.88
C ALA E 239 -36.08 -26.56 -23.43
N GLN E 240 -34.82 -26.56 -22.96
CA GLN E 240 -33.83 -25.60 -23.41
C GLN E 240 -32.51 -26.29 -23.65
N TYR E 241 -31.75 -25.71 -24.58
CA TYR E 241 -30.36 -26.05 -24.82
C TYR E 241 -29.54 -24.77 -24.69
N LYS E 242 -28.40 -24.87 -24.02
CA LYS E 242 -27.58 -23.73 -23.68
C LYS E 242 -26.12 -24.05 -24.04
N TYR E 243 -25.50 -23.17 -24.82
CA TYR E 243 -24.14 -23.38 -25.29
C TYR E 243 -23.28 -22.25 -24.76
N MSE E 244 -22.18 -22.59 -24.08
CA MSE E 244 -21.29 -21.60 -23.42
C MSE E 244 -19.90 -21.72 -23.97
O MSE E 244 -19.34 -22.83 -24.11
CB MSE E 244 -21.26 -21.80 -21.91
CG MSE E 244 -22.65 -21.56 -21.33
SE MSE E 244 -22.83 -22.28 -19.51
CE MSE E 244 -23.12 -24.16 -19.98
N GLU E 245 -19.36 -20.59 -24.40
CA GLU E 245 -17.99 -20.53 -24.90
C GLU E 245 -17.23 -19.45 -24.15
N ALA E 246 -15.94 -19.67 -23.97
CA ALA E 246 -15.08 -18.69 -23.30
C ALA E 246 -13.70 -18.70 -23.88
N ASP E 247 -13.12 -17.51 -24.02
CA ASP E 247 -11.77 -17.36 -24.53
C ASP E 247 -10.98 -16.48 -23.58
N ALA E 248 -9.82 -16.98 -23.16
CA ALA E 248 -8.96 -16.26 -22.22
C ALA E 248 -7.87 -15.54 -23.00
N SER E 249 -7.34 -14.48 -22.40
CA SER E 249 -6.30 -13.65 -23.01
C SER E 249 -5.01 -14.40 -23.30
N ASN E 250 -4.77 -15.54 -22.63
CA ASN E 250 -3.60 -16.38 -22.96
C ASN E 250 -3.86 -17.35 -24.15
N GLY E 251 -5.02 -17.28 -24.79
CA GLY E 251 -5.31 -18.09 -25.97
C GLY E 251 -6.16 -19.33 -25.69
N VAL E 252 -6.38 -19.66 -24.41
CA VAL E 252 -7.16 -20.84 -24.07
C VAL E 252 -8.62 -20.64 -24.45
N ASN E 253 -9.19 -21.69 -25.04
CA ASN E 253 -10.60 -21.74 -25.38
C ASN E 253 -11.30 -22.79 -24.51
N GLU E 254 -12.48 -22.48 -24.02
CA GLU E 254 -13.30 -23.45 -23.31
C GLU E 254 -14.71 -23.47 -23.88
N LYS E 255 -15.33 -24.65 -23.83
CA LYS E 255 -16.72 -24.82 -24.25
C LYS E 255 -17.41 -25.79 -23.32
N GLN E 256 -18.66 -25.48 -23.00
CA GLN E 256 -19.49 -26.39 -22.27
C GLN E 256 -20.93 -26.14 -22.66
N ASP E 257 -21.68 -27.20 -22.81
CA ASP E 257 -23.11 -27.06 -23.08
C ASP E 257 -23.95 -27.75 -22.01
N ALA E 258 -25.26 -27.52 -22.09
CA ALA E 258 -26.18 -27.86 -21.05
C ALA E 258 -27.60 -27.92 -21.60
N MSE E 259 -28.48 -28.51 -20.84
CA MSE E 259 -29.90 -28.58 -21.18
C MSE E 259 -30.73 -28.59 -19.92
O MSE E 259 -30.23 -28.92 -18.84
CB MSE E 259 -30.18 -29.79 -22.06
CG MSE E 259 -29.73 -31.00 -21.29
SE MSE E 259 -31.21 -31.84 -20.33
CE MSE E 259 -32.93 -31.72 -21.29
N SER E 260 -32.00 -28.26 -20.08
CA SER E 260 -32.95 -28.34 -19.00
C SER E 260 -34.31 -28.63 -19.60
N ALA E 261 -35.10 -29.45 -18.92
CA ALA E 261 -36.45 -29.79 -19.39
C ALA E 261 -37.35 -30.03 -18.21
N GLY E 262 -38.65 -29.81 -18.42
CA GLY E 262 -39.65 -30.05 -17.41
C GLY E 262 -40.95 -30.46 -18.03
N LEU E 263 -41.68 -31.30 -17.30
CA LEU E 263 -42.97 -31.80 -17.72
C LEU E 263 -43.94 -31.59 -16.57
N MSE E 264 -45.11 -31.04 -16.89
CA MSE E 264 -46.11 -30.74 -15.88
C MSE E 264 -47.45 -31.29 -16.27
O MSE E 264 -47.82 -31.33 -17.46
CB MSE E 264 -46.25 -29.23 -15.71
CG MSE E 264 -45.06 -28.64 -14.97
SE MSE E 264 -44.87 -26.72 -15.31
CE MSE E 264 -44.05 -27.05 -17.09
N TYR E 265 -48.20 -31.73 -15.26
CA TYR E 265 -49.60 -32.11 -15.45
C TYR E 265 -50.41 -31.35 -14.40
N THR E 266 -51.36 -30.54 -14.88
CA THR E 266 -52.21 -29.71 -14.04
C THR E 266 -53.62 -30.24 -14.13
N THR E 267 -54.21 -30.54 -12.98
CA THR E 267 -55.58 -31.04 -12.89
C THR E 267 -56.22 -30.45 -11.62
N GLY E 268 -57.35 -29.76 -11.81
CA GLY E 268 -58.02 -29.00 -10.74
C GLY E 268 -57.04 -28.08 -10.03
N ASP E 269 -56.88 -28.25 -8.72
CA ASP E 269 -56.00 -27.40 -7.94
C ASP E 269 -54.58 -27.96 -7.76
N TRP E 270 -54.17 -28.93 -8.57
CA TRP E 270 -52.90 -29.60 -8.40
C TRP E 270 -52.03 -29.44 -9.65
N GLN E 271 -50.73 -29.26 -9.44
CA GLN E 271 -49.74 -29.44 -10.51
C GLN E 271 -48.65 -30.42 -10.10
N TYR E 272 -48.48 -31.45 -10.91
CA TYR E 272 -47.39 -32.41 -10.78
C TYR E 272 -46.29 -31.97 -11.74
N LYS E 273 -45.04 -32.07 -11.31
CA LYS E 273 -43.93 -31.63 -12.12
C LYS E 273 -42.70 -32.51 -11.97
N LEU E 274 -42.06 -32.81 -13.11
CA LEU E 274 -40.76 -33.47 -13.17
C LEU E 274 -39.80 -32.57 -13.90
N GLY E 275 -38.61 -32.40 -13.36
CA GLY E 275 -37.56 -31.57 -13.96
C GLY E 275 -36.24 -32.32 -14.06
N TYR E 276 -35.49 -32.01 -15.11
CA TYR E 276 -34.15 -32.56 -15.30
C TYR E 276 -33.27 -31.51 -15.94
N ALA E 277 -32.05 -31.34 -15.45
CA ALA E 277 -31.08 -30.50 -16.11
C ALA E 277 -29.70 -31.15 -16.03
N ALA E 278 -28.87 -30.83 -17.01
CA ALA E 278 -27.50 -31.36 -17.07
C ALA E 278 -26.53 -30.38 -17.70
N ASN E 279 -25.33 -30.33 -17.15
CA ASN E 279 -24.15 -29.73 -17.80
C ASN E 279 -23.33 -30.88 -18.32
N PHE E 280 -22.92 -30.82 -19.60
CA PHE E 280 -22.11 -31.88 -20.18
C PHE E 280 -20.65 -31.60 -19.88
N ASP E 281 -19.76 -32.54 -20.18
CA ASP E 281 -18.34 -32.35 -19.88
C ASP E 281 -17.80 -31.08 -20.56
N LEU E 282 -16.98 -30.34 -19.82
CA LEU E 282 -16.32 -29.20 -20.36
C LEU E 282 -15.16 -29.64 -21.28
N GLU E 283 -14.94 -28.83 -22.31
CA GLU E 283 -13.83 -28.99 -23.23
C GLU E 283 -12.91 -27.77 -23.10
N ARG E 284 -11.62 -28.04 -23.00
CA ARG E 284 -10.59 -26.99 -22.96
C ARG E 284 -9.58 -27.24 -24.06
N ASP E 285 -9.40 -26.25 -24.92
CA ASP E 285 -8.55 -26.36 -26.10
C ASP E 285 -8.77 -27.66 -26.87
N GLY E 286 -10.03 -27.99 -27.12
CA GLY E 286 -10.36 -29.18 -27.91
C GLY E 286 -10.27 -30.51 -27.17
N LYS E 287 -9.98 -30.53 -25.86
CA LYS E 287 -9.88 -31.76 -25.09
C LYS E 287 -10.94 -31.79 -24.02
N THR E 288 -11.65 -32.91 -23.95
CA THR E 288 -12.70 -33.09 -22.95
C THR E 288 -12.07 -33.31 -21.58
N LEU E 289 -12.54 -32.58 -20.58
CA LEU E 289 -12.13 -32.79 -19.19
C LEU E 289 -13.09 -33.79 -18.59
N SER E 290 -12.59 -34.95 -18.23
CA SER E 290 -13.46 -36.01 -17.77
C SER E 290 -14.12 -35.66 -16.45
N ASN E 291 -15.34 -36.16 -16.31
CA ASN E 291 -16.11 -36.04 -15.08
C ASN E 291 -16.34 -34.60 -14.66
N THR E 292 -16.53 -33.72 -15.65
CA THR E 292 -16.86 -32.33 -15.38
C THR E 292 -18.34 -32.01 -15.62
N SER E 293 -19.14 -33.05 -15.87
CA SER E 293 -20.59 -32.90 -16.01
C SER E 293 -21.31 -32.81 -14.65
N ASP E 294 -22.54 -32.31 -14.70
CA ASP E 294 -23.45 -32.30 -13.55
C ASP E 294 -24.83 -32.73 -14.04
N ASP E 295 -25.64 -33.30 -13.16
CA ASP E 295 -27.07 -33.29 -13.43
C ASP E 295 -27.93 -33.26 -12.16
N VAL E 296 -29.21 -32.98 -12.39
CA VAL E 296 -30.22 -32.92 -11.35
C VAL E 296 -31.55 -33.46 -11.88
N VAL E 297 -32.21 -34.25 -11.05
CA VAL E 297 -33.58 -34.65 -11.29
C VAL E 297 -34.42 -34.18 -10.10
N SER E 298 -35.61 -33.69 -10.40
CA SER E 298 -36.48 -33.11 -9.39
C SER E 298 -37.94 -33.49 -9.64
N ALA E 299 -38.67 -33.72 -8.57
CA ALA E 299 -40.10 -33.97 -8.62
C ALA E 299 -40.81 -33.03 -7.65
N GLN E 300 -41.98 -32.55 -8.04
CA GLN E 300 -42.74 -31.63 -7.23
C GLN E 300 -44.24 -31.85 -7.39
N ILE E 301 -44.95 -31.69 -6.26
CA ILE E 301 -46.40 -31.60 -6.25
C ILE E 301 -46.71 -30.24 -5.67
N MSE E 302 -47.58 -29.51 -6.36
CA MSE E 302 -47.98 -28.18 -5.95
C MSE E 302 -49.48 -28.12 -5.86
O MSE E 302 -50.20 -28.68 -6.70
CB MSE E 302 -47.38 -27.17 -6.94
CG MSE E 302 -47.85 -25.73 -6.68
SE MSE E 302 -46.66 -24.47 -7.65
CE MSE E 302 -47.13 -24.94 -9.45
N TYR E 303 -49.95 -27.45 -4.82
CA TYR E 303 -51.38 -27.26 -4.58
C TYR E 303 -51.71 -25.78 -4.64
N PHE E 304 -52.72 -25.45 -5.44
CA PHE E 304 -53.16 -24.06 -5.62
C PHE E 304 -54.11 -23.74 -4.47
N VAL E 305 -53.50 -23.41 -3.34
CA VAL E 305 -54.25 -23.26 -2.07
C VAL E 305 -55.14 -22.02 -2.06
N ASP E 306 -54.82 -21.06 -2.93
CA ASP E 306 -55.58 -19.84 -3.07
C ASP E 306 -55.25 -19.24 -4.44
N PRO E 307 -56.10 -18.35 -4.99
CA PRO E 307 -55.61 -17.60 -6.17
C PRO E 307 -54.30 -16.84 -5.97
N SER E 308 -53.98 -16.45 -4.74
CA SER E 308 -52.71 -15.76 -4.44
C SER E 308 -51.56 -16.60 -3.92
N ALA E 309 -51.73 -17.89 -3.79
CA ALA E 309 -50.74 -18.69 -3.06
C ALA E 309 -50.68 -20.13 -3.49
N VAL E 310 -49.53 -20.74 -3.24
CA VAL E 310 -49.32 -22.16 -3.45
C VAL E 310 -48.65 -22.80 -2.25
N LEU E 311 -48.93 -24.10 -2.09
CA LEU E 311 -48.16 -24.98 -1.24
C LEU E 311 -47.48 -25.99 -2.13
N TYR E 312 -46.28 -26.44 -1.75
CA TYR E 312 -45.61 -27.48 -2.53
C TYR E 312 -44.75 -28.41 -1.69
N ALA E 313 -44.52 -29.58 -2.25
CA ALA E 313 -43.56 -30.55 -1.75
C ALA E 313 -42.64 -30.91 -2.91
N ARG E 314 -41.36 -31.05 -2.61
CA ARG E 314 -40.34 -31.22 -3.62
C ARG E 314 -39.23 -32.16 -3.17
N ALA E 315 -38.74 -32.99 -4.09
CA ALA E 315 -37.63 -33.90 -3.86
C ALA E 315 -36.69 -33.83 -5.06
N ARG E 316 -35.40 -33.63 -4.79
CA ARG E 316 -34.42 -33.52 -5.87
C ARG E 316 -33.08 -34.17 -5.50
N MSE E 317 -32.35 -34.57 -6.54
CA MSE E 317 -31.08 -35.22 -6.39
C MSE E 317 -30.10 -34.56 -7.33
O MSE E 317 -30.32 -34.59 -8.55
CB MSE E 317 -31.15 -36.71 -6.77
CG MSE E 317 -32.17 -37.47 -5.95
SE MSE E 317 -32.24 -39.39 -6.49
CE MSE E 317 -30.37 -39.64 -7.05
N ASN E 318 -29.04 -34.00 -6.75
CA ASN E 318 -27.95 -33.36 -7.50
C ASN E 318 -26.71 -34.25 -7.53
N ASP E 319 -26.22 -34.50 -8.74
CA ASP E 319 -24.98 -35.26 -8.93
C ASP E 319 -24.01 -34.36 -9.69
N PHE E 320 -23.05 -33.80 -8.95
CA PHE E 320 -22.15 -32.81 -9.51
C PHE E 320 -20.84 -33.41 -10.04
N ASN E 321 -20.14 -32.58 -10.80
CA ASN E 321 -18.82 -32.86 -11.29
C ASN E 321 -17.81 -33.18 -10.19
N GLU E 322 -16.71 -33.83 -10.58
CA GLU E 322 -15.66 -34.26 -9.65
C GLU E 322 -14.47 -33.29 -9.60
N GLY E 323 -14.64 -32.07 -10.11
CA GLY E 323 -13.67 -31.01 -9.91
C GLY E 323 -12.82 -30.74 -11.12
N LEU E 324 -12.32 -29.51 -11.20
CA LEU E 324 -11.32 -29.16 -12.21
C LEU E 324 -10.50 -27.97 -11.70
N ASP E 325 -9.34 -27.80 -12.31
CA ASP E 325 -8.51 -26.61 -12.09
C ASP E 325 -8.80 -25.52 -13.11
N GLY E 326 -8.63 -24.28 -12.68
CA GLY E 326 -8.71 -23.12 -13.57
C GLY E 326 -7.35 -22.89 -14.19
N LEU E 327 -7.22 -21.75 -14.87
CA LEU E 327 -5.99 -21.51 -15.66
C LEU E 327 -4.84 -21.00 -14.82
N ASP E 328 -5.08 -20.77 -13.53
CA ASP E 328 -4.02 -20.44 -12.56
C ASP E 328 -3.55 -21.67 -11.76
N ASP E 329 -3.89 -22.88 -12.20
CA ASP E 329 -3.51 -24.13 -11.51
C ASP E 329 -4.07 -24.29 -10.10
N ALA E 330 -5.15 -23.61 -9.78
CA ALA E 330 -5.85 -23.81 -8.51
C ALA E 330 -7.25 -24.32 -8.87
N ALA E 331 -7.89 -24.98 -7.92
CA ALA E 331 -9.24 -25.50 -8.13
C ALA E 331 -10.16 -24.36 -8.60
N ARG E 332 -10.97 -24.62 -9.61
CA ARG E 332 -11.99 -23.67 -10.02
C ARG E 332 -13.27 -23.99 -9.26
N TRP E 333 -13.81 -23.00 -8.57
CA TRP E 333 -15.01 -23.22 -7.77
C TRP E 333 -16.18 -23.51 -8.72
N THR E 334 -17.00 -24.51 -8.35
CA THR E 334 -18.27 -24.73 -9.00
C THR E 334 -19.33 -25.03 -7.96
N SER E 335 -20.58 -25.14 -8.42
CA SER E 335 -21.68 -25.57 -7.54
C SER E 335 -21.53 -27.01 -7.00
N GLY E 336 -20.61 -27.79 -7.57
CA GLY E 336 -20.24 -29.09 -7.09
C GLY E 336 -19.13 -29.15 -6.05
N THR E 337 -18.48 -28.01 -5.78
CA THR E 337 -17.32 -28.01 -4.89
C THR E 337 -17.71 -28.55 -3.49
N ASN E 338 -18.89 -28.24 -3.02
CA ASN E 338 -19.36 -28.71 -1.72
C ASN E 338 -19.88 -30.17 -1.68
N GLY E 339 -20.03 -30.80 -2.84
CA GLY E 339 -20.41 -32.21 -2.93
C GLY E 339 -21.85 -32.43 -3.37
N ASP E 340 -22.12 -33.67 -3.75
CA ASP E 340 -23.45 -34.12 -4.15
C ASP E 340 -24.41 -34.05 -2.97
N TYR E 341 -25.67 -33.75 -3.25
CA TYR E 341 -26.68 -33.84 -2.22
C TYR E 341 -28.07 -34.06 -2.78
N ASN E 342 -28.92 -34.66 -1.94
CA ASN E 342 -30.35 -34.74 -2.17
C ASN E 342 -31.07 -33.82 -1.20
N GLU E 343 -32.25 -33.37 -1.58
CA GLU E 343 -33.02 -32.43 -0.79
C GLU E 343 -34.53 -32.73 -0.88
N TYR E 344 -35.16 -32.76 0.29
CA TYR E 344 -36.60 -32.92 0.45
C TYR E 344 -37.07 -31.60 1.06
N SER E 345 -38.14 -31.03 0.49
CA SER E 345 -38.64 -29.75 1.00
C SER E 345 -40.14 -29.61 0.85
N VAL E 346 -40.68 -28.72 1.70
CA VAL E 346 -42.05 -28.26 1.58
C VAL E 346 -42.02 -26.74 1.69
N GLY E 347 -42.98 -26.09 1.07
CA GLY E 347 -43.01 -24.65 1.09
C GLY E 347 -44.33 -24.02 0.78
N VAL E 348 -44.36 -22.71 1.01
CA VAL E 348 -45.51 -21.87 0.75
C VAL E 348 -45.01 -20.61 0.07
N GLU E 349 -45.74 -20.14 -0.94
CA GLU E 349 -45.50 -18.81 -1.51
C GLU E 349 -46.82 -18.10 -1.66
N TYR E 350 -46.85 -16.83 -1.25
CA TYR E 350 -48.04 -15.99 -1.28
C TYR E 350 -47.65 -14.62 -1.82
N TYR E 351 -48.47 -14.09 -2.72
CA TYR E 351 -48.20 -12.84 -3.44
C TYR E 351 -49.24 -11.82 -3.06
N PHE E 352 -48.82 -10.59 -2.76
CA PHE E 352 -49.77 -9.48 -2.63
C PHE E 352 -49.20 -8.21 -3.23
N GLU F 12 -64.73 2.47 8.76
CA GLU F 12 -64.48 1.48 7.68
C GLU F 12 -63.69 2.10 6.50
N TYR F 13 -64.11 3.27 6.03
CA TYR F 13 -63.37 4.01 4.99
C TYR F 13 -62.22 4.81 5.61
N LEU F 14 -61.09 4.86 4.91
CA LEU F 14 -59.87 5.44 5.46
C LEU F 14 -59.72 6.92 5.13
N THR F 15 -59.13 7.66 6.06
CA THR F 15 -58.67 9.04 5.83
C THR F 15 -57.18 9.10 6.13
N LYS F 16 -56.58 10.25 5.86
CA LYS F 16 -55.18 10.52 6.22
C LYS F 16 -54.91 10.20 7.70
N ASP F 17 -55.87 10.56 8.54
CA ASP F 17 -55.84 10.28 9.99
C ASP F 17 -55.94 8.82 10.39
N SER F 18 -56.31 7.94 9.47
CA SER F 18 -56.27 6.51 9.75
C SER F 18 -54.84 5.97 9.92
N PHE F 19 -53.83 6.68 9.42
CA PHE F 19 -52.46 6.17 9.46
C PHE F 19 -51.64 6.95 10.47
N SER F 20 -50.70 6.28 11.13
CA SER F 20 -49.76 6.92 12.04
C SER F 20 -48.39 7.16 11.42
N TYR F 21 -48.28 6.96 10.12
CA TYR F 21 -47.01 7.11 9.43
C TYR F 21 -47.33 7.55 8.00
N GLU F 22 -46.32 8.04 7.33
CA GLU F 22 -46.37 8.22 5.92
C GLU F 22 -45.08 7.74 5.29
N VAL F 23 -45.23 7.08 4.15
CA VAL F 23 -44.09 6.70 3.31
C VAL F 23 -43.79 7.88 2.39
N TYR F 24 -42.53 8.19 2.23
CA TYR F 24 -42.12 9.21 1.25
C TYR F 24 -40.90 8.64 0.52
N GLY F 25 -40.56 9.27 -0.59
CA GLY F 25 -39.38 8.83 -1.32
C GLY F 25 -38.79 9.90 -2.21
N ILE F 26 -37.51 9.68 -2.51
CA ILE F 26 -36.81 10.43 -3.53
C ILE F 26 -36.29 9.38 -4.50
N ILE F 27 -36.78 9.43 -5.72
CA ILE F 27 -36.37 8.48 -6.74
C ILE F 27 -35.35 9.27 -7.58
N ALA F 28 -34.10 8.81 -7.57
CA ALA F 28 -33.00 9.58 -8.16
C ALA F 28 -32.08 8.62 -8.88
N MSE F 29 -31.91 8.84 -10.18
CA MSE F 29 -31.02 8.01 -11.01
C MSE F 29 -30.16 8.95 -11.85
O MSE F 29 -30.69 9.81 -12.54
CB MSE F 29 -31.83 7.10 -11.92
CG MSE F 29 -31.03 6.30 -12.97
SE MSE F 29 -29.83 5.04 -12.02
CE MSE F 29 -31.24 3.83 -11.49
N GLN F 30 -28.86 8.71 -11.82
CA GLN F 30 -27.89 9.43 -12.63
C GLN F 30 -27.04 8.43 -13.43
N ALA F 31 -26.97 8.61 -14.74
CA ALA F 31 -26.02 7.86 -15.56
C ALA F 31 -24.79 8.78 -15.68
N ALA F 32 -23.66 8.31 -15.17
CA ALA F 32 -22.45 9.12 -15.08
C ALA F 32 -21.25 8.41 -15.72
N TYR F 33 -20.62 9.09 -16.68
CA TYR F 33 -19.44 8.62 -17.36
C TYR F 33 -18.25 9.43 -16.86
N ARG F 34 -17.26 8.74 -16.29
CA ARG F 34 -16.06 9.39 -15.80
C ARG F 34 -14.85 9.05 -16.64
N ASP F 35 -14.01 10.07 -16.86
CA ASP F 35 -12.76 9.93 -17.57
C ASP F 35 -11.65 10.41 -16.64
N TYR F 36 -10.87 9.44 -16.13
CA TYR F 36 -9.79 9.72 -15.18
C TYR F 36 -8.46 9.93 -15.89
N ASP F 37 -7.60 10.74 -15.28
CA ASP F 37 -6.25 10.87 -15.72
C ASP F 37 -5.36 10.83 -14.48
N SER F 38 -5.20 9.62 -13.94
CA SER F 38 -4.49 9.42 -12.70
C SER F 38 -2.98 9.33 -12.87
N GLY F 39 -2.49 9.15 -14.10
CA GLY F 39 -1.09 8.71 -14.31
C GLY F 39 -0.90 7.19 -14.46
N ASP F 40 -1.94 6.39 -14.16
CA ASP F 40 -1.87 4.92 -14.28
C ASP F 40 -3.07 4.50 -15.13
N ALA F 41 -2.78 3.99 -16.32
CA ALA F 41 -3.79 3.68 -17.34
C ALA F 41 -4.81 2.63 -16.85
N LYS F 42 -4.33 1.64 -16.09
CA LYS F 42 -5.19 0.59 -15.56
C LYS F 42 -6.16 1.14 -14.51
N GLN F 43 -5.62 1.94 -13.60
CA GLN F 43 -6.44 2.63 -12.63
C GLN F 43 -7.48 3.51 -13.33
N ASP F 44 -7.10 4.21 -14.40
CA ASP F 44 -8.06 5.01 -15.17
C ASP F 44 -9.21 4.14 -15.75
N ASP F 45 -8.86 2.98 -16.30
CA ASP F 45 -9.83 2.03 -16.83
C ASP F 45 -10.75 1.55 -15.73
N ASN F 46 -10.18 1.28 -14.56
CA ASN F 46 -10.96 0.77 -13.43
C ASN F 46 -11.94 1.80 -12.87
N LEU F 47 -11.43 2.97 -12.52
CA LEU F 47 -12.25 4.00 -11.90
C LEU F 47 -13.22 4.68 -12.89
N GLY F 48 -12.82 4.79 -14.13
CA GLY F 48 -13.59 5.44 -15.17
C GLY F 48 -14.60 4.54 -15.85
N GLY F 49 -15.30 5.10 -16.83
CA GLY F 49 -16.38 4.41 -17.55
C GLY F 49 -17.75 4.85 -17.05
N MSE F 50 -18.78 4.19 -17.56
CA MSE F 50 -20.16 4.47 -17.26
C MSE F 50 -20.61 3.68 -16.07
O MSE F 50 -20.38 2.46 -16.01
CB MSE F 50 -21.01 4.10 -18.47
CG MSE F 50 -22.52 4.35 -18.26
SE MSE F 50 -22.88 6.31 -18.39
CE MSE F 50 -22.71 6.41 -20.29
N GLN F 51 -21.25 4.34 -15.12
CA GLN F 51 -22.02 3.64 -14.08
C GLN F 51 -23.37 4.30 -13.94
N LEU F 52 -24.28 3.59 -13.29
CA LEU F 52 -25.49 4.18 -12.85
C LEU F 52 -25.34 4.47 -11.38
N ASN F 53 -25.82 5.64 -10.98
CA ASN F 53 -25.76 6.06 -9.61
C ASN F 53 -27.20 6.20 -9.15
N ASN F 54 -27.72 5.14 -8.53
CA ASN F 54 -29.08 5.13 -8.05
C ASN F 54 -29.11 5.59 -6.59
N GLU F 55 -29.51 6.84 -6.41
CA GLU F 55 -29.60 7.45 -5.10
C GLU F 55 -31.04 7.45 -4.58
N SER F 56 -31.89 6.61 -5.16
CA SER F 56 -33.23 6.50 -4.67
C SER F 56 -33.23 6.01 -3.20
N ARG F 57 -34.20 6.50 -2.46
CA ARG F 57 -34.40 6.11 -1.06
C ARG F 57 -35.86 6.25 -0.65
N ILE F 58 -36.25 5.40 0.29
CA ILE F 58 -37.57 5.36 0.84
C ILE F 58 -37.43 5.72 2.32
N GLY F 59 -38.39 6.50 2.81
CA GLY F 59 -38.46 6.84 4.22
C GLY F 59 -39.84 6.70 4.80
N PHE F 60 -39.88 6.71 6.13
CA PHE F 60 -41.09 6.68 6.93
C PHE F 60 -40.98 7.83 7.91
N ARG F 61 -42.08 8.53 8.11
CA ARG F 61 -42.10 9.59 9.11
C ARG F 61 -43.49 9.77 9.66
N GLY F 62 -43.56 10.44 10.79
CA GLY F 62 -44.84 10.75 11.39
C GLY F 62 -44.71 11.62 12.60
N LYS F 63 -45.87 11.97 13.15
CA LYS F 63 -45.98 12.82 14.35
C LYS F 63 -47.00 12.21 15.28
N LYS F 64 -46.96 12.63 16.54
CA LYS F 64 -47.95 12.23 17.49
C LYS F 64 -48.12 13.33 18.54
N GLN F 65 -49.36 13.75 18.77
CA GLN F 65 -49.66 14.64 19.89
C GLN F 65 -49.90 13.73 21.10
N PHE F 66 -48.92 13.64 21.99
CA PHE F 66 -49.11 12.87 23.22
C PHE F 66 -50.14 13.55 24.09
N ALA F 67 -51.03 12.79 24.70
CA ALA F 67 -52.06 13.34 25.55
C ALA F 67 -51.50 14.19 26.70
N ASN F 68 -50.34 13.83 27.23
CA ASN F 68 -49.84 14.50 28.43
C ASN F 68 -48.59 15.36 28.23
N PHE F 69 -48.34 15.83 27.01
CA PHE F 69 -47.17 16.66 26.74
C PHE F 69 -47.51 17.54 25.54
N GLU F 70 -47.36 18.85 25.71
CA GLU F 70 -47.79 19.81 24.68
C GLU F 70 -46.93 19.75 23.40
N PRO F 71 -45.59 19.77 23.50
CA PRO F 71 -44.78 19.72 22.27
C PRO F 71 -45.05 18.44 21.48
N THR F 72 -45.38 18.60 20.20
CA THR F 72 -45.68 17.46 19.34
C THR F 72 -44.46 16.59 19.16
N PHE F 73 -44.67 15.28 19.30
CA PHE F 73 -43.63 14.29 19.01
C PHE F 73 -43.48 14.09 17.50
N ILE F 74 -42.24 14.03 17.04
CA ILE F 74 -41.94 13.79 15.63
C ILE F 74 -40.92 12.67 15.49
N TRP F 75 -40.98 11.96 14.37
CA TRP F 75 -39.99 10.94 14.09
C TRP F 75 -39.84 10.73 12.59
N GLN F 76 -38.67 10.20 12.22
CA GLN F 76 -38.38 9.84 10.86
C GLN F 76 -37.37 8.73 10.81
N ILE F 77 -37.52 7.85 9.82
CA ILE F 77 -36.55 6.80 9.56
C ILE F 77 -36.35 6.75 8.06
N GLU F 78 -35.19 7.16 7.61
CA GLU F 78 -34.93 7.28 6.15
C GLU F 78 -33.92 6.27 5.70
N GLY F 79 -34.25 5.55 4.63
CA GLY F 79 -33.34 4.59 4.06
C GLY F 79 -32.16 5.22 3.34
N GLY F 80 -31.12 4.42 3.12
CA GLY F 80 -29.96 4.85 2.35
C GLY F 80 -30.16 4.76 0.83
N TYR F 81 -29.14 5.21 0.11
CA TYR F 81 -29.15 5.11 -1.35
C TYR F 81 -29.19 3.63 -1.76
N VAL F 82 -30.15 3.24 -2.58
CA VAL F 82 -30.36 1.83 -2.86
C VAL F 82 -29.28 1.20 -3.76
N ASP F 83 -28.61 1.99 -4.61
CA ASP F 83 -27.55 1.41 -5.48
C ASP F 83 -26.66 2.49 -6.09
N PRO F 84 -25.88 3.14 -5.23
CA PRO F 84 -25.02 4.21 -5.68
C PRO F 84 -23.88 3.70 -6.57
N SER F 85 -23.33 4.56 -7.39
CA SER F 85 -22.16 4.19 -8.17
C SER F 85 -21.00 3.92 -7.17
N PHE F 86 -20.08 3.07 -7.59
CA PHE F 86 -18.94 2.65 -6.80
C PHE F 86 -19.31 1.82 -5.58
N GLY F 87 -20.53 1.31 -5.50
CA GLY F 87 -21.04 0.62 -4.30
C GLY F 87 -21.95 -0.50 -4.73
N GLY F 88 -22.21 -1.41 -3.80
CA GLY F 88 -23.07 -2.56 -4.04
C GLY F 88 -24.53 -2.17 -3.78
N GLU F 89 -25.40 -3.08 -4.15
CA GLU F 89 -26.84 -2.88 -4.03
C GLU F 89 -27.34 -3.03 -2.58
N GLY F 90 -28.41 -2.32 -2.28
CA GLY F 90 -29.12 -2.51 -1.04
C GLY F 90 -28.78 -1.51 0.04
N ALA F 91 -29.80 -1.01 0.73
CA ALA F 91 -29.61 -0.08 1.82
C ALA F 91 -30.54 -0.42 2.95
N GLY F 92 -30.05 -0.24 4.16
CA GLY F 92 -30.84 -0.40 5.35
C GLY F 92 -31.73 0.82 5.62
N LEU F 93 -32.78 0.59 6.42
CA LEU F 93 -33.56 1.68 6.96
C LEU F 93 -32.79 2.35 8.07
N GLY F 94 -32.76 3.68 8.08
CA GLY F 94 -31.98 4.39 9.08
C GLY F 94 -30.60 4.84 8.70
N GLU F 95 -30.24 4.70 7.43
CA GLU F 95 -28.92 5.16 6.98
C GLU F 95 -28.88 6.67 6.72
N ARG F 96 -30.01 7.27 6.38
CA ARG F 96 -30.09 8.72 6.17
C ARG F 96 -30.76 9.34 7.38
N ASP F 97 -31.30 10.56 7.29
CA ASP F 97 -31.74 11.27 8.52
C ASP F 97 -32.82 10.45 9.23
N THR F 98 -32.55 10.16 10.51
CA THR F 98 -33.31 9.19 11.25
C THR F 98 -33.27 9.68 12.72
N PHE F 99 -34.42 10.03 13.25
CA PHE F 99 -34.47 10.73 14.52
C PHE F 99 -35.80 10.64 15.19
N VAL F 100 -35.84 11.11 16.44
CA VAL F 100 -37.07 11.46 17.11
C VAL F 100 -36.93 12.90 17.56
N GLY F 101 -38.03 13.51 17.95
CA GLY F 101 -37.95 14.88 18.42
C GLY F 101 -39.24 15.45 18.90
N PHE F 102 -39.21 16.74 19.22
CA PHE F 102 -40.37 17.48 19.64
C PHE F 102 -40.36 18.84 18.98
N GLU F 103 -41.54 19.39 18.81
CA GLU F 103 -41.68 20.70 18.19
C GLU F 103 -42.79 21.50 18.81
N SER F 104 -42.60 22.82 18.80
CA SER F 104 -43.59 23.77 19.32
C SER F 104 -43.34 25.13 18.62
N ALA F 105 -44.43 25.83 18.32
CA ALA F 105 -44.40 27.06 17.53
C ALA F 105 -43.40 28.08 18.06
N SER F 106 -43.35 28.27 19.36
CA SER F 106 -42.55 29.36 19.91
C SER F 106 -41.05 29.06 19.96
N TRP F 107 -40.63 27.78 19.94
CA TRP F 107 -39.20 27.47 19.99
C TRP F 107 -38.64 26.58 18.89
N GLY F 108 -39.46 26.18 17.91
CA GLY F 108 -39.00 25.46 16.76
C GLY F 108 -39.02 23.94 16.99
N GLN F 109 -37.89 23.31 16.82
CA GLN F 109 -37.81 21.87 17.02
C GLN F 109 -36.48 21.40 17.53
N VAL F 110 -36.53 20.26 18.23
CA VAL F 110 -35.34 19.59 18.69
C VAL F 110 -35.41 18.17 18.21
N ARG F 111 -34.31 17.70 17.65
CA ARG F 111 -34.21 16.35 17.16
C ARG F 111 -33.04 15.62 17.82
N LEU F 112 -33.24 14.35 18.09
CA LEU F 112 -32.21 13.44 18.60
C LEU F 112 -32.06 12.30 17.64
N GLY F 113 -30.83 12.03 17.24
CA GLY F 113 -30.53 10.86 16.41
C GLY F 113 -29.50 11.19 15.36
N ARG F 114 -29.85 10.94 14.12
CA ARG F 114 -28.94 11.02 12.96
C ARG F 114 -29.45 12.12 12.05
N VAL F 115 -28.71 13.21 12.01
CA VAL F 115 -29.09 14.43 11.27
C VAL F 115 -27.86 15.08 10.68
N LEU F 116 -28.07 16.08 9.86
CA LEU F 116 -26.94 16.88 9.35
C LEU F 116 -26.43 17.88 10.38
N THR F 117 -25.12 18.10 10.44
CA THR F 117 -24.60 19.17 11.26
C THR F 117 -25.01 20.51 10.64
N PRO F 118 -25.10 21.56 11.46
CA PRO F 118 -25.42 22.90 10.93
C PRO F 118 -24.45 23.36 9.83
N MSE F 119 -23.15 23.13 10.02
CA MSE F 119 -22.11 23.46 9.03
C MSE F 119 -22.35 22.63 7.79
O MSE F 119 -22.38 23.16 6.64
CB MSE F 119 -20.74 23.16 9.61
CG MSE F 119 -19.54 23.07 8.64
SE MSE F 119 -19.11 24.81 7.88
CE MSE F 119 -18.53 25.66 9.57
N TYR F 120 -22.50 21.30 7.97
CA TYR F 120 -22.55 20.44 6.79
C TYR F 120 -23.76 20.77 5.91
N GLU F 121 -24.87 21.08 6.54
CA GLU F 121 -26.04 21.41 5.76
C GLU F 121 -25.83 22.52 4.74
N LEU F 122 -25.08 23.57 5.17
CA LEU F 122 -24.72 24.68 4.29
C LEU F 122 -23.64 24.34 3.26
N VAL F 123 -22.69 23.51 3.64
CA VAL F 123 -21.66 23.04 2.74
C VAL F 123 -22.29 22.25 1.57
N ASP F 124 -23.25 21.39 1.92
CA ASP F 124 -23.94 20.58 0.95
C ASP F 124 -24.85 21.43 0.06
N TRP F 125 -25.70 22.24 0.69
CA TRP F 125 -26.67 23.05 -0.05
C TRP F 125 -26.60 24.49 0.47
N PRO F 126 -26.27 25.48 -0.38
CA PRO F 126 -26.20 25.36 -1.86
C PRO F 126 -24.86 24.89 -2.42
N ALA F 127 -23.83 24.84 -1.59
CA ALA F 127 -22.46 25.00 -2.08
C ALA F 127 -21.76 23.78 -2.66
N SER F 128 -22.36 22.59 -2.59
CA SER F 128 -21.78 21.40 -3.25
C SER F 128 -22.47 21.07 -4.55
N ASN F 129 -23.42 21.91 -4.96
CA ASN F 129 -24.24 21.61 -6.14
C ASN F 129 -23.87 22.59 -7.29
N PRO F 130 -23.58 22.11 -8.51
CA PRO F 130 -23.79 20.71 -8.99
C PRO F 130 -22.48 19.96 -9.16
N GLY F 131 -22.30 18.89 -8.40
CA GLY F 131 -21.09 18.09 -8.51
C GLY F 131 -19.81 18.74 -8.01
N LEU F 132 -19.95 19.68 -7.07
CA LEU F 132 -18.80 20.40 -6.53
C LEU F 132 -18.26 19.71 -5.26
N GLY F 133 -18.91 18.61 -4.87
CA GLY F 133 -18.65 17.95 -3.60
C GLY F 133 -17.30 17.31 -3.42
N ASP F 134 -16.72 16.75 -4.48
CA ASP F 134 -15.38 16.16 -4.35
C ASP F 134 -14.35 17.21 -3.86
N VAL F 135 -14.58 18.45 -4.22
CA VAL F 135 -13.71 19.54 -3.76
C VAL F 135 -14.22 20.12 -2.45
N TYR F 136 -15.47 20.57 -2.43
CA TYR F 136 -15.95 21.41 -1.35
C TYR F 136 -16.63 20.69 -0.17
N ASP F 137 -17.12 19.47 -0.39
CA ASP F 137 -17.85 18.71 0.65
C ASP F 137 -16.82 17.88 1.43
N TRP F 138 -16.34 16.79 0.84
CA TRP F 138 -15.39 15.93 1.55
C TRP F 138 -13.97 16.11 1.01
N GLY F 139 -13.78 17.02 0.05
CA GLY F 139 -12.44 17.34 -0.37
C GLY F 139 -11.72 18.21 0.64
N GLY F 140 -10.43 18.38 0.42
CA GLY F 140 -9.58 19.17 1.29
C GLY F 140 -8.49 18.30 1.87
N ALA F 141 -7.45 18.95 2.39
CA ALA F 141 -6.23 18.27 2.78
C ALA F 141 -5.94 18.37 4.27
N ILE F 142 -6.81 19.02 5.06
CA ILE F 142 -6.48 19.34 6.46
C ILE F 142 -6.58 18.09 7.33
N GLY F 143 -5.73 17.98 8.35
CA GLY F 143 -5.80 16.84 9.24
C GLY F 143 -6.96 16.93 10.21
N GLY F 144 -7.16 15.85 10.95
CA GLY F 144 -8.25 15.78 11.92
C GLY F 144 -9.57 15.62 11.23
N ALA F 145 -10.59 16.31 11.70
CA ALA F 145 -11.93 16.24 11.10
C ALA F 145 -12.46 17.67 10.92
N LYS F 146 -12.46 18.13 9.67
CA LYS F 146 -12.88 19.51 9.40
C LYS F 146 -14.33 19.77 9.86
N TYR F 147 -15.18 18.77 9.69
CA TYR F 147 -16.56 18.77 10.18
C TYR F 147 -17.13 17.39 9.94
N GLN F 148 -18.16 17.05 10.68
CA GLN F 148 -18.93 15.83 10.41
C GLN F 148 -19.96 16.20 9.31
N ASP F 149 -20.68 15.21 8.81
CA ASP F 149 -21.63 15.49 7.77
C ASP F 149 -23.04 15.10 8.22
N ARG F 150 -23.48 13.88 7.91
CA ARG F 150 -24.67 13.30 8.53
C ARG F 150 -24.13 12.44 9.66
N GLN F 151 -24.61 12.69 10.89
CA GLN F 151 -23.99 12.13 12.04
C GLN F 151 -25.03 11.59 13.04
N SER F 152 -24.79 10.38 13.52
CA SER F 152 -25.61 9.74 14.57
C SER F 152 -25.20 10.32 15.91
N ASN F 153 -25.95 9.99 16.95
CA ASN F 153 -25.64 10.43 18.30
C ASN F 153 -25.61 11.96 18.46
N THR F 154 -26.57 12.63 17.83
CA THR F 154 -26.62 14.08 17.72
C THR F 154 -27.90 14.62 18.32
N ILE F 155 -27.79 15.75 19.00
CA ILE F 155 -28.95 16.54 19.35
C ILE F 155 -28.85 17.86 18.59
N ARG F 156 -29.93 18.25 17.92
CA ARG F 156 -29.94 19.44 17.08
C ARG F 156 -31.23 20.24 17.31
N TRP F 157 -31.05 21.53 17.53
CA TRP F 157 -32.14 22.49 17.66
C TRP F 157 -32.24 23.32 16.38
N ASP F 158 -33.44 23.44 15.84
CA ASP F 158 -33.74 24.37 14.74
C ASP F 158 -34.73 25.36 15.27
N SER F 159 -34.30 26.63 15.33
CA SER F 159 -35.13 27.70 15.84
C SER F 159 -36.26 27.98 14.87
N PRO F 160 -37.29 28.68 15.33
CA PRO F 160 -38.22 29.24 14.36
C PRO F 160 -37.52 30.34 13.53
N MSE F 161 -38.21 30.79 12.48
CA MSE F 161 -37.86 31.99 11.72
C MSE F 161 -38.26 33.21 12.50
O MSE F 161 -39.38 33.67 12.36
CB MSE F 161 -38.63 31.88 10.42
CG MSE F 161 -38.32 33.05 9.53
SE MSE F 161 -36.56 32.69 8.77
CE MSE F 161 -37.37 32.11 7.06
N TYR F 162 -37.37 33.77 13.31
CA TYR F 162 -37.68 34.93 14.13
C TYR F 162 -37.91 36.19 13.23
N ALA F 163 -39.05 36.86 13.47
CA ALA F 163 -39.47 38.06 12.72
C ALA F 163 -39.46 37.84 11.21
N ASP F 164 -39.76 36.62 10.78
CA ASP F 164 -39.70 36.21 9.38
C ASP F 164 -38.34 36.39 8.68
N LYS F 165 -37.27 36.57 9.47
CA LYS F 165 -35.94 36.94 8.93
C LYS F 165 -34.76 36.08 9.36
N PHE F 166 -34.72 35.71 10.63
CA PHE F 166 -33.53 35.17 11.26
C PHE F 166 -33.79 33.79 11.87
N SER F 167 -32.91 32.84 11.61
CA SER F 167 -33.00 31.51 12.21
C SER F 167 -31.63 30.98 12.58
N ILE F 168 -31.64 30.03 13.51
CA ILE F 168 -30.44 29.43 14.06
C ILE F 168 -30.61 27.91 14.05
N ASP F 169 -29.52 27.21 13.73
CA ASP F 169 -29.44 25.76 13.83
C ASP F 169 -28.26 25.50 14.76
N ALA F 170 -28.44 24.68 15.79
CA ALA F 170 -27.35 24.38 16.73
C ALA F 170 -27.38 22.92 17.14
N ALA F 171 -26.20 22.33 17.29
CA ALA F 171 -26.14 20.90 17.56
C ALA F 171 -24.86 20.51 18.27
N VAL F 172 -24.93 19.42 19.02
CA VAL F 172 -23.76 18.77 19.54
C VAL F 172 -23.95 17.29 19.35
N GLY F 173 -22.86 16.57 19.27
CA GLY F 173 -22.94 15.13 19.10
C GLY F 173 -21.66 14.37 19.37
N ALA F 174 -21.81 13.06 19.40
CA ALA F 174 -20.65 12.16 19.54
C ALA F 174 -19.96 11.98 18.19
N GLY F 175 -18.66 11.74 18.26
CA GLY F 175 -17.87 11.50 17.07
C GLY F 175 -18.01 10.09 16.57
N ASP F 176 -17.28 9.79 15.50
CA ASP F 176 -17.36 8.49 14.83
C ASP F 176 -16.89 7.35 15.72
N LYS F 177 -15.79 7.53 16.42
CA LYS F 177 -15.26 6.46 17.27
C LYS F 177 -16.12 6.28 18.52
N ALA F 178 -16.57 7.39 19.08
CA ALA F 178 -17.44 7.40 20.25
C ALA F 178 -18.74 6.63 20.01
N GLY F 179 -19.29 6.73 18.78
CA GLY F 179 -20.49 6.00 18.42
C GLY F 179 -20.34 4.47 18.40
N LEU F 180 -19.10 3.96 18.43
CA LEU F 180 -18.82 2.54 18.50
C LEU F 180 -18.19 2.16 19.82
N GLY F 181 -18.15 3.08 20.77
CA GLY F 181 -17.49 2.80 22.04
C GLY F 181 -15.99 2.65 21.89
N ALA F 182 -15.41 3.33 20.88
CA ALA F 182 -14.02 3.15 20.53
C ALA F 182 -13.23 4.45 20.64
N GLY F 183 -13.82 5.47 21.26
CA GLY F 183 -13.13 6.76 21.38
C GLY F 183 -14.00 7.73 22.17
N ASP F 184 -13.52 8.96 22.27
CA ASP F 184 -14.22 10.01 23.01
C ASP F 184 -14.27 11.30 22.22
N ASP F 185 -14.29 11.15 20.91
CA ASP F 185 -14.47 12.27 19.99
C ASP F 185 -15.88 12.85 20.13
N TYR F 186 -15.99 14.13 19.89
CA TYR F 186 -17.26 14.84 19.92
C TYR F 186 -17.13 16.13 19.14
N TRP F 187 -18.27 16.78 18.93
CA TRP F 187 -18.30 18.01 18.18
C TRP F 187 -19.48 18.87 18.60
N GLY F 188 -19.40 20.15 18.28
CA GLY F 188 -20.51 21.06 18.40
C GLY F 188 -20.50 22.05 17.27
N GLY F 189 -21.67 22.53 16.88
CA GLY F 189 -21.75 23.45 15.77
C GLY F 189 -22.98 24.33 15.81
N ILE F 190 -22.92 25.40 15.03
CA ILE F 190 -24.01 26.35 14.98
C ILE F 190 -24.00 27.06 13.64
N ALA F 191 -25.20 27.36 13.13
CA ALA F 191 -25.36 28.16 11.92
C ALA F 191 -26.45 29.19 12.14
N ALA F 192 -26.34 30.31 11.45
CA ALA F 192 -27.34 31.36 11.47
C ALA F 192 -27.62 31.82 10.03
N HIS F 193 -28.84 32.28 9.82
CA HIS F 193 -29.33 32.62 8.50
C HIS F 193 -30.15 33.87 8.66
N TYR F 194 -29.92 34.85 7.78
CA TYR F 194 -30.62 36.09 7.84
C TYR F 194 -31.11 36.51 6.47
N LYS F 195 -32.41 36.79 6.38
CA LYS F 195 -33.06 37.11 5.10
C LYS F 195 -33.07 38.66 5.01
N LEU F 196 -32.57 39.15 3.88
CA LEU F 196 -32.41 40.61 3.66
C LEU F 196 -32.75 40.93 2.19
N GLY F 197 -33.99 41.37 1.96
CA GLY F 197 -34.52 41.60 0.60
C GLY F 197 -34.40 40.31 -0.24
N PRO F 198 -33.70 40.32 -1.41
CA PRO F 198 -33.50 39.13 -2.25
C PRO F 198 -32.34 38.24 -1.79
N LEU F 199 -31.76 38.52 -0.63
CA LEU F 199 -30.59 37.80 -0.17
C LEU F 199 -30.87 36.98 1.08
N GLN F 200 -30.08 35.95 1.26
CA GLN F 200 -29.92 35.29 2.52
C GLN F 200 -28.44 35.29 2.88
N LEU F 201 -28.12 35.72 4.09
CA LEU F 201 -26.75 35.66 4.60
C LEU F 201 -26.64 34.47 5.50
N ASP F 202 -25.55 33.70 5.35
CA ASP F 202 -25.31 32.50 6.10
C ASP F 202 -23.98 32.57 6.84
N ALA F 203 -23.96 32.01 8.05
CA ALA F 203 -22.71 31.84 8.80
C ALA F 203 -22.75 30.57 9.57
N ALA F 204 -21.63 29.87 9.67
CA ALA F 204 -21.59 28.65 10.45
C ALA F 204 -20.24 28.40 11.08
N TYR F 205 -20.28 27.53 12.09
CA TYR F 205 -19.12 27.09 12.84
C TYR F 205 -19.26 25.63 13.18
N GLU F 206 -18.15 24.90 13.19
CA GLU F 206 -18.11 23.59 13.83
C GLU F 206 -16.76 23.39 14.48
N GLY F 207 -16.81 22.85 15.69
CA GLY F 207 -15.63 22.47 16.42
C GLY F 207 -15.66 20.97 16.68
N ASN F 208 -14.62 20.28 16.25
CA ASN F 208 -14.42 18.87 16.55
C ASN F 208 -13.27 18.69 17.52
N ARG F 209 -13.44 17.73 18.43
CA ARG F 209 -12.55 17.54 19.56
C ARG F 209 -12.25 16.06 19.75
N ASN F 210 -11.07 15.79 20.30
CA ASN F 210 -10.63 14.44 20.62
C ASN F 210 -10.60 13.51 19.40
N ILE F 211 -10.25 14.08 18.24
CA ILE F 211 -10.22 13.34 16.97
C ILE F 211 -8.91 12.59 16.89
N GLU F 212 -8.95 11.27 16.71
CA GLU F 212 -7.73 10.49 16.67
C GLU F 212 -7.33 10.17 15.22
N ALA F 213 -6.16 10.64 14.78
CA ALA F 213 -5.71 10.37 13.41
C ALA F 213 -4.21 10.64 13.32
N GLU F 214 -3.52 9.83 12.53
CA GLU F 214 -2.10 10.03 12.24
C GLU F 214 -1.24 10.04 13.50
N GLY F 215 -1.67 9.28 14.52
CA GLY F 215 -0.91 9.17 15.74
C GLY F 215 -1.10 10.34 16.71
N GLN F 216 -2.03 11.24 16.39
CA GLN F 216 -2.29 12.42 17.23
C GLN F 216 -3.74 12.44 17.66
N THR F 217 -4.01 13.30 18.64
CA THR F 217 -5.34 13.79 18.92
C THR F 217 -5.46 15.23 18.39
N TRP F 218 -6.54 15.49 17.67
CA TRP F 218 -6.72 16.78 16.99
C TRP F 218 -7.95 17.54 17.50
N GLU F 219 -7.86 18.86 17.42
CA GLU F 219 -9.01 19.76 17.52
C GLU F 219 -9.12 20.53 16.24
N ASN F 220 -10.32 20.53 15.66
CA ASN F 220 -10.61 21.29 14.47
C ASN F 220 -11.60 22.39 14.76
N ASN F 221 -11.42 23.52 14.08
CA ASN F 221 -12.37 24.62 14.10
C ASN F 221 -12.54 25.09 12.67
N THR F 222 -13.79 25.06 12.21
CA THR F 222 -14.12 25.46 10.88
C THR F 222 -15.19 26.56 10.93
N TYR F 223 -15.00 27.55 10.07
CA TYR F 223 -15.87 28.71 9.99
C TYR F 223 -16.31 28.89 8.54
N LEU F 224 -17.54 29.36 8.35
CA LEU F 224 -18.10 29.55 7.02
C LEU F 224 -18.95 30.80 6.99
N VAL F 225 -18.82 31.58 5.91
CA VAL F 225 -19.72 32.67 5.61
C VAL F 225 -20.20 32.51 4.19
N GLY F 226 -21.44 32.94 3.94
CA GLY F 226 -22.04 32.77 2.64
C GLY F 226 -23.18 33.71 2.36
N VAL F 227 -23.50 33.79 1.08
CA VAL F 227 -24.61 34.57 0.61
C VAL F 227 -25.33 33.76 -0.47
N GLN F 228 -26.64 33.95 -0.53
CA GLN F 228 -27.48 33.40 -1.58
C GLN F 228 -28.37 34.53 -2.02
N GLY F 229 -28.59 34.62 -3.32
CA GLY F 229 -29.46 35.64 -3.87
C GLY F 229 -30.36 35.14 -4.97
N TRP F 230 -31.57 35.72 -5.03
CA TRP F 230 -32.58 35.35 -6.02
C TRP F 230 -33.20 36.64 -6.48
N PHE F 231 -33.06 36.95 -7.78
CA PHE F 231 -33.59 38.18 -8.38
C PHE F 231 -34.73 37.89 -9.37
N GLU F 232 -35.58 38.89 -9.56
CA GLU F 232 -36.80 38.74 -10.35
C GLU F 232 -36.56 38.58 -11.85
N ASN F 233 -35.41 38.98 -12.34
CA ASN F 233 -35.05 38.72 -13.73
C ASN F 233 -34.58 37.26 -14.03
N GLY F 234 -34.67 36.34 -13.07
CA GLY F 234 -34.32 34.94 -13.29
C GLY F 234 -32.89 34.56 -12.91
N ILE F 235 -32.07 35.55 -12.54
CA ILE F 235 -30.71 35.28 -12.04
C ILE F 235 -30.75 34.96 -10.55
N SER F 236 -30.05 33.88 -10.18
CA SER F 236 -29.80 33.57 -8.78
C SER F 236 -28.35 33.13 -8.63
N PHE F 237 -27.84 33.15 -7.39
CA PHE F 237 -26.45 32.82 -7.15
C PHE F 237 -26.22 32.45 -5.72
N PHE F 238 -25.05 31.87 -5.47
CA PHE F 238 -24.53 31.68 -4.14
C PHE F 238 -23.01 31.87 -4.17
N ALA F 239 -22.45 32.19 -3.01
CA ALA F 239 -21.03 32.22 -2.81
C ALA F 239 -20.74 31.94 -1.34
N GLN F 240 -19.71 31.14 -1.07
CA GLN F 240 -19.27 30.85 0.28
C GLN F 240 -17.76 30.86 0.37
N TYR F 241 -17.31 31.19 1.57
CA TYR F 241 -15.92 31.11 1.96
C TYR F 241 -15.88 30.26 3.22
N LYS F 242 -14.90 29.38 3.27
CA LYS F 242 -14.79 28.41 4.35
C LYS F 242 -13.33 28.39 4.85
N TYR F 243 -13.13 28.55 6.16
CA TYR F 243 -11.81 28.62 6.78
C TYR F 243 -11.67 27.48 7.77
N MSE F 244 -10.65 26.65 7.59
CA MSE F 244 -10.47 25.42 8.37
C MSE F 244 -9.15 25.52 9.12
O MSE F 244 -8.11 25.82 8.50
CB MSE F 244 -10.48 24.16 7.49
CG MSE F 244 -11.85 24.00 6.86
SE MSE F 244 -11.86 22.75 5.34
CE MSE F 244 -11.13 23.95 3.96
N GLU F 245 -9.19 25.28 10.42
CA GLU F 245 -8.01 25.22 11.24
C GLU F 245 -7.98 23.92 12.01
N ALA F 246 -6.77 23.42 12.25
CA ALA F 246 -6.60 22.18 12.99
C ALA F 246 -5.33 22.25 13.83
N ASP F 247 -5.42 21.73 15.05
CA ASP F 247 -4.26 21.67 15.95
C ASP F 247 -4.12 20.24 16.46
N ALA F 248 -2.92 19.70 16.32
CA ALA F 248 -2.62 18.33 16.75
C ALA F 248 -1.97 18.36 18.11
N SER F 249 -2.12 17.27 18.85
CA SER F 249 -1.56 17.14 20.21
C SER F 249 -0.03 17.21 20.26
N ASN F 250 0.66 16.97 19.15
CA ASN F 250 2.12 17.21 19.11
C ASN F 250 2.51 18.70 18.85
N GLY F 251 1.54 19.62 18.78
CA GLY F 251 1.85 21.06 18.63
C GLY F 251 1.72 21.57 17.18
N VAL F 252 1.57 20.67 16.20
CA VAL F 252 1.43 21.09 14.82
C VAL F 252 0.09 21.84 14.59
N ASN F 253 0.17 22.93 13.84
CA ASN F 253 -0.99 23.69 13.42
C ASN F 253 -1.15 23.57 11.90
N GLU F 254 -2.38 23.43 11.43
CA GLU F 254 -2.67 23.45 10.01
C GLU F 254 -3.82 24.40 9.72
N LYS F 255 -3.79 24.99 8.54
CA LYS F 255 -4.85 25.86 8.06
C LYS F 255 -5.06 25.61 6.58
N GLN F 256 -6.30 25.61 6.18
CA GLN F 256 -6.64 25.62 4.77
C GLN F 256 -7.96 26.35 4.59
N ASP F 257 -8.08 27.11 3.52
CA ASP F 257 -9.37 27.71 3.20
C ASP F 257 -9.87 27.28 1.83
N ALA F 258 -11.10 27.67 1.54
CA ALA F 258 -11.81 27.19 0.38
C ALA F 258 -12.96 28.15 0.04
N MSE F 259 -13.47 28.02 -1.18
CA MSE F 259 -14.61 28.80 -1.63
C MSE F 259 -15.45 27.98 -2.56
O MSE F 259 -14.99 27.01 -3.13
CB MSE F 259 -14.14 30.10 -2.30
CG MSE F 259 -13.25 29.80 -3.51
SE MSE F 259 -13.09 31.24 -4.87
CE MSE F 259 -14.96 31.03 -5.43
N SER F 260 -16.69 28.41 -2.72
CA SER F 260 -17.60 27.83 -3.66
C SER F 260 -18.56 28.90 -4.14
N ALA F 261 -18.90 28.87 -5.42
CA ALA F 261 -19.84 29.83 -5.98
C ALA F 261 -20.60 29.22 -7.12
N GLY F 262 -21.80 29.73 -7.34
CA GLY F 262 -22.66 29.25 -8.40
C GLY F 262 -23.49 30.36 -8.93
N LEU F 263 -23.79 30.27 -10.23
CA LEU F 263 -24.60 31.23 -10.92
C LEU F 263 -25.68 30.46 -11.68
N MSE F 264 -26.92 30.90 -11.56
CA MSE F 264 -28.04 30.27 -12.21
C MSE F 264 -28.86 31.24 -12.99
O MSE F 264 -29.01 32.43 -12.60
CB MSE F 264 -28.92 29.62 -11.16
CG MSE F 264 -28.30 28.34 -10.57
SE MSE F 264 -29.05 27.89 -8.83
CE MSE F 264 -27.98 29.30 -7.91
N TYR F 265 -29.40 30.77 -14.12
CA TYR F 265 -30.38 31.53 -14.87
C TYR F 265 -31.58 30.63 -15.14
N THR F 266 -32.73 31.05 -14.65
CA THR F 266 -33.97 30.29 -14.71
C THR F 266 -34.89 31.03 -15.66
N THR F 267 -35.38 30.31 -16.67
CA THR F 267 -36.33 30.85 -17.64
C THR F 267 -37.33 29.74 -18.06
N GLY F 268 -38.61 29.99 -17.84
CA GLY F 268 -39.68 29.00 -18.02
C GLY F 268 -39.36 27.74 -17.25
N ASP F 269 -39.28 26.61 -17.96
CA ASP F 269 -39.05 25.32 -17.31
C ASP F 269 -37.57 24.91 -17.29
N TRP F 270 -36.65 25.86 -17.47
CA TRP F 270 -35.24 25.55 -17.59
C TRP F 270 -34.43 26.30 -16.55
N GLN F 271 -33.43 25.63 -15.99
CA GLN F 271 -32.38 26.29 -15.21
C GLN F 271 -30.99 25.94 -15.76
N TYR F 272 -30.24 26.99 -16.10
CA TYR F 272 -28.85 26.88 -16.48
C TYR F 272 -28.02 27.19 -15.25
N LYS F 273 -26.96 26.42 -15.04
CA LYS F 273 -26.13 26.60 -13.83
C LYS F 273 -24.65 26.40 -14.11
N LEU F 274 -23.83 27.30 -13.57
CA LEU F 274 -22.37 27.18 -13.55
C LEU F 274 -21.91 27.18 -12.09
N GLY F 275 -21.03 26.24 -11.77
CA GLY F 275 -20.47 26.14 -10.44
C GLY F 275 -18.96 26.07 -10.46
N TYR F 276 -18.34 26.60 -9.41
CA TYR F 276 -16.90 26.56 -9.22
C TYR F 276 -16.62 26.44 -7.74
N ALA F 277 -15.72 25.54 -7.38
CA ALA F 277 -15.23 25.49 -6.01
C ALA F 277 -13.75 25.21 -5.99
N ALA F 278 -13.08 25.68 -4.94
CA ALA F 278 -11.64 25.50 -4.80
C ALA F 278 -11.25 25.33 -3.35
N ASN F 279 -10.26 24.47 -3.11
CA ASN F 279 -9.50 24.48 -1.87
C ASN F 279 -8.15 25.09 -2.17
N PHE F 280 -7.71 26.04 -1.36
CA PHE F 280 -6.41 26.71 -1.58
C PHE F 280 -5.31 25.86 -0.94
N ASP F 281 -4.05 26.20 -1.17
CA ASP F 281 -2.96 25.42 -0.61
C ASP F 281 -3.03 25.37 0.92
N LEU F 282 -2.77 24.20 1.45
CA LEU F 282 -2.72 24.02 2.88
C LEU F 282 -1.42 24.59 3.45
N GLU F 283 -1.54 25.12 4.66
CA GLU F 283 -0.42 25.64 5.43
C GLU F 283 -0.22 24.80 6.67
N ARG F 284 1.02 24.40 6.92
CA ARG F 284 1.38 23.63 8.10
C ARG F 284 2.48 24.34 8.85
N ASP F 285 2.23 24.64 10.12
CA ASP F 285 3.13 25.45 10.94
C ASP F 285 3.66 26.68 10.20
N GLY F 286 2.77 27.42 9.56
CA GLY F 286 3.14 28.67 8.90
C GLY F 286 3.81 28.50 7.54
N LYS F 287 3.96 27.28 7.04
CA LYS F 287 4.56 27.04 5.72
C LYS F 287 3.55 26.47 4.74
N THR F 288 3.48 27.07 3.57
CA THR F 288 2.58 26.59 2.51
C THR F 288 3.11 25.28 1.93
N LEU F 289 2.24 24.29 1.81
CA LEU F 289 2.55 23.04 1.12
C LEU F 289 2.15 23.19 -0.33
N SER F 290 3.12 23.18 -1.22
CA SER F 290 2.84 23.49 -2.63
C SER F 290 2.00 22.40 -3.29
N ASN F 291 1.14 22.82 -4.21
CA ASN F 291 0.30 21.96 -4.98
C ASN F 291 -0.65 21.11 -4.15
N THR F 292 -1.14 21.68 -3.05
CA THR F 292 -2.15 21.03 -2.23
C THR F 292 -3.56 21.58 -2.44
N SER F 293 -3.72 22.43 -3.43
CA SER F 293 -5.01 22.98 -3.81
C SER F 293 -5.82 22.00 -4.70
N ASP F 294 -7.12 22.22 -4.75
CA ASP F 294 -8.03 21.52 -5.66
C ASP F 294 -8.96 22.55 -6.31
N ASP F 295 -9.46 22.27 -7.51
CA ASP F 295 -10.67 22.94 -7.96
C ASP F 295 -11.53 22.12 -8.91
N VAL F 296 -12.74 22.63 -9.09
CA VAL F 296 -13.75 22.03 -9.91
C VAL F 296 -14.56 23.12 -10.59
N VAL F 297 -14.85 22.88 -11.87
CA VAL F 297 -15.82 23.68 -12.60
C VAL F 297 -16.89 22.73 -13.12
N SER F 298 -18.13 23.21 -13.07
CA SER F 298 -19.29 22.38 -13.43
C SER F 298 -20.33 23.22 -14.17
N ALA F 299 -20.94 22.62 -15.16
CA ALA F 299 -22.04 23.21 -15.90
C ALA F 299 -23.23 22.24 -15.91
N GLN F 300 -24.43 22.78 -15.78
CA GLN F 300 -25.65 21.98 -15.74
C GLN F 300 -26.81 22.69 -16.44
N ILE F 301 -27.60 21.91 -17.18
CA ILE F 301 -28.90 22.32 -17.66
C ILE F 301 -29.92 21.41 -17.02
N MSE F 302 -30.95 22.01 -16.41
CA MSE F 302 -31.99 21.27 -15.70
C MSE F 302 -33.33 21.66 -16.29
O MSE F 302 -33.57 22.84 -16.62
CB MSE F 302 -31.89 21.55 -14.21
CG MSE F 302 -33.01 20.95 -13.39
SE MSE F 302 -32.53 20.93 -11.47
CE MSE F 302 -32.50 22.84 -11.17
N TYR F 303 -34.20 20.66 -16.45
CA TYR F 303 -35.53 20.84 -16.97
C TYR F 303 -36.55 20.46 -15.92
N PHE F 304 -37.50 21.36 -15.68
CA PHE F 304 -38.55 21.13 -14.68
C PHE F 304 -39.65 20.33 -15.36
N VAL F 305 -39.41 19.02 -15.43
CA VAL F 305 -40.26 18.12 -16.21
C VAL F 305 -41.66 17.94 -15.58
N ASP F 306 -41.76 18.22 -14.30
CA ASP F 306 -43.03 18.13 -13.56
C ASP F 306 -42.88 18.95 -12.27
N PRO F 307 -43.99 19.36 -11.64
CA PRO F 307 -43.81 19.98 -10.29
C PRO F 307 -43.09 19.09 -9.30
N SER F 308 -43.14 17.76 -9.49
CA SER F 308 -42.43 16.83 -8.60
C SER F 308 -41.09 16.31 -9.06
N ALA F 309 -40.60 16.75 -10.20
CA ALA F 309 -39.43 16.09 -10.79
C ALA F 309 -38.61 16.99 -11.70
N VAL F 310 -37.33 16.64 -11.83
CA VAL F 310 -36.42 17.28 -12.74
C VAL F 310 -35.65 16.27 -13.58
N LEU F 311 -35.26 16.71 -14.76
CA LEU F 311 -34.27 16.04 -15.58
C LEU F 311 -33.08 16.96 -15.67
N TYR F 312 -31.88 16.42 -15.71
CA TYR F 312 -30.68 17.27 -15.89
C TYR F 312 -29.57 16.63 -16.71
N ALA F 313 -28.71 17.47 -17.25
CA ALA F 313 -27.46 17.09 -17.88
C ALA F 313 -26.38 17.92 -17.25
N ARG F 314 -25.24 17.28 -16.98
CA ARG F 314 -24.17 17.91 -16.21
C ARG F 314 -22.79 17.50 -16.73
N ALA F 315 -21.87 18.47 -16.77
CA ALA F 315 -20.48 18.24 -17.15
C ALA F 315 -19.59 18.94 -16.13
N ARG F 316 -18.59 18.22 -15.61
CA ARG F 316 -17.68 18.80 -14.64
C ARG F 316 -16.27 18.29 -14.80
N MSE F 317 -15.33 19.10 -14.32
CA MSE F 317 -13.92 18.81 -14.42
C MSE F 317 -13.30 19.07 -13.08
O MSE F 317 -13.33 20.22 -12.58
CB MSE F 317 -13.21 19.73 -15.44
CG MSE F 317 -13.80 19.61 -16.83
SE MSE F 317 -12.88 20.84 -18.10
CE MSE F 317 -11.06 20.80 -17.30
N ASN F 318 -12.72 18.02 -12.50
CA ASN F 318 -12.02 18.09 -11.21
C ASN F 318 -10.52 18.07 -11.41
N ASP F 319 -9.83 19.06 -10.83
CA ASP F 319 -8.39 19.11 -10.85
C ASP F 319 -7.92 19.11 -9.39
N PHE F 320 -7.45 17.96 -8.93
CA PHE F 320 -7.08 17.79 -7.55
C PHE F 320 -5.60 18.04 -7.26
N ASN F 321 -5.33 18.17 -5.96
CA ASN F 321 -3.98 18.30 -5.44
C ASN F 321 -3.06 17.16 -5.86
N GLU F 322 -1.76 17.39 -5.73
CA GLU F 322 -0.73 16.41 -6.10
C GLU F 322 -0.20 15.60 -4.91
N GLY F 323 -0.90 15.64 -3.77
CA GLY F 323 -0.60 14.77 -2.64
C GLY F 323 0.15 15.46 -1.52
N LEU F 324 -0.01 14.91 -0.33
CA LEU F 324 0.76 15.36 0.83
C LEU F 324 0.84 14.22 1.85
N ASP F 325 1.83 14.33 2.72
CA ASP F 325 1.94 13.43 3.87
C ASP F 325 1.23 14.00 5.09
N GLY F 326 0.70 13.11 5.92
CA GLY F 326 0.20 13.45 7.23
C GLY F 326 1.31 13.54 8.23
N LEU F 327 0.94 13.63 9.50
CA LEU F 327 1.94 13.81 10.55
C LEU F 327 2.64 12.50 10.96
N ASP F 328 2.22 11.39 10.41
CA ASP F 328 2.83 10.08 10.66
C ASP F 328 3.78 9.69 9.52
N ASP F 329 4.14 10.63 8.66
CA ASP F 329 5.01 10.40 7.50
C ASP F 329 4.48 9.41 6.46
N ALA F 330 3.17 9.24 6.39
CA ALA F 330 2.58 8.44 5.35
C ALA F 330 1.67 9.40 4.57
N ALA F 331 1.31 9.01 3.36
CA ALA F 331 0.37 9.78 2.56
C ALA F 331 -0.93 10.04 3.32
N ARG F 332 -1.41 11.27 3.27
CA ARG F 332 -2.72 11.59 3.81
C ARG F 332 -3.75 11.43 2.70
N TRP F 333 -4.79 10.64 2.93
CA TRP F 333 -5.80 10.42 1.94
C TRP F 333 -6.61 11.71 1.70
N THR F 334 -6.84 12.03 0.42
CA THR F 334 -7.76 13.09 0.04
C THR F 334 -8.63 12.62 -1.12
N SER F 335 -9.63 13.43 -1.46
CA SER F 335 -10.47 13.20 -2.63
C SER F 335 -9.68 13.24 -3.96
N GLY F 336 -8.44 13.71 -3.92
CA GLY F 336 -7.54 13.66 -5.06
C GLY F 336 -6.69 12.42 -5.17
N THR F 337 -6.69 11.56 -4.15
CA THR F 337 -5.81 10.40 -4.13
C THR F 337 -6.03 9.49 -5.36
N ASN F 338 -7.27 9.35 -5.79
CA ASN F 338 -7.58 8.54 -6.97
C ASN F 338 -7.33 9.21 -8.32
N GLY F 339 -7.00 10.50 -8.33
CA GLY F 339 -6.61 11.21 -9.54
C GLY F 339 -7.69 12.16 -10.07
N ASP F 340 -7.25 13.03 -10.95
CA ASP F 340 -8.14 13.99 -11.63
C ASP F 340 -9.14 13.25 -12.53
N TYR F 341 -10.34 13.78 -12.65
CA TYR F 341 -11.27 13.25 -13.63
C TYR F 341 -12.29 14.27 -14.06
N ASN F 342 -12.82 14.03 -15.25
CA ASN F 342 -13.99 14.71 -15.76
C ASN F 342 -15.17 13.74 -15.78
N GLU F 343 -16.38 14.31 -15.73
CA GLU F 343 -17.60 13.53 -15.69
C GLU F 343 -18.74 14.19 -16.45
N TYR F 344 -19.39 13.38 -17.30
CA TYR F 344 -20.56 13.76 -18.06
C TYR F 344 -21.69 12.91 -17.53
N SER F 345 -22.83 13.53 -17.23
CA SER F 345 -23.94 12.79 -16.67
C SER F 345 -25.29 13.34 -17.06
N VAL F 346 -26.28 12.46 -16.97
CA VAL F 346 -27.67 12.84 -17.11
C VAL F 346 -28.42 12.18 -15.96
N GLY F 347 -29.50 12.78 -15.53
CA GLY F 347 -30.25 12.21 -14.42
C GLY F 347 -31.68 12.68 -14.30
N VAL F 348 -32.37 12.01 -13.39
CA VAL F 348 -33.76 12.29 -13.08
C VAL F 348 -33.88 12.25 -11.57
N GLU F 349 -34.65 13.18 -11.01
CA GLU F 349 -35.02 13.10 -9.60
C GLU F 349 -36.51 13.39 -9.47
N TYR F 350 -37.20 12.55 -8.69
CA TYR F 350 -38.63 12.64 -8.50
C TYR F 350 -38.92 12.47 -7.01
N TYR F 351 -39.79 13.31 -6.48
CA TYR F 351 -40.12 13.37 -5.04
C TYR F 351 -41.57 13.02 -4.83
N PHE F 352 -41.85 12.16 -3.86
CA PHE F 352 -43.23 11.91 -3.43
C PHE F 352 -43.32 11.75 -1.92
C1 NAG G . 34.47 -16.22 13.94
C2 NAG G . 34.37 -14.72 13.60
C3 NAG G . 33.06 -14.49 12.83
C4 NAG G . 32.84 -15.48 11.66
C5 NAG G . 33.14 -16.93 12.07
C6 NAG G . 33.06 -17.94 10.92
C7 NAG G . 34.27 -12.65 15.11
C8 NAG G . 34.69 -12.17 16.47
N2 NAG G . 34.61 -13.93 14.83
O1 NAG G . 35.70 -16.51 14.64
O3 NAG G . 33.06 -13.16 12.29
O4 NAG G . 31.49 -15.50 11.15
O5 NAG G . 34.41 -17.02 12.74
O6 NAG G . 33.84 -17.52 9.79
O7 NAG G . 33.67 -11.89 14.37
C1 NAG G . 31.05 -14.33 10.42
C2 NAG G . 29.76 -14.68 9.66
C3 NAG G . 29.14 -13.46 9.00
C4 NAG G . 29.01 -12.33 10.01
C5 NAG G . 30.33 -12.04 10.70
C6 NAG G . 30.17 -11.01 11.82
C7 NAG G . 29.63 -17.01 8.73
C8 NAG G . 30.10 -17.91 7.62
N2 NAG G . 30.06 -15.73 8.69
O3 NAG G . 27.87 -13.78 8.46
O4 NAG G . 28.61 -11.10 9.39
O5 NAG G . 30.83 -13.23 11.30
O6 NAG G . 29.21 -11.51 12.77
O7 NAG G . 28.88 -17.46 9.57
C1 NAG G . 27.20 -10.83 9.44
C2 NAG G . 27.04 -9.31 9.39
C3 NAG G . 25.55 -8.96 9.37
C4 NAG G . 24.84 -9.68 8.22
C5 NAG G . 25.11 -11.19 8.27
C6 NAG G . 24.55 -11.93 7.05
C7 NAG G . 28.47 -7.55 10.44
C8 NAG G . 29.04 -7.08 11.74
N2 NAG G . 27.70 -8.66 10.51
O3 NAG G . 25.40 -7.53 9.31
O4 NAG G . 23.43 -9.43 8.34
O5 NAG G . 26.51 -11.50 8.38
O6 NAG G . 25.37 -13.06 6.70
O7 NAG G . 28.70 -6.94 9.40
C1 NAG G . 22.98 -8.14 7.86
C2 NAG G . 21.75 -8.42 7.01
C3 NAG G . 21.19 -7.09 6.54
C4 NAG G . 20.79 -6.20 7.72
C5 NAG G . 22.14 -5.91 8.44
C6 NAG G . 22.11 -4.90 9.61
C7 NAG G . 21.77 -10.58 5.71
C8 NAG G . 21.15 -11.39 6.80
N2 NAG G . 22.02 -9.28 5.87
O3 NAG G . 20.09 -7.40 5.70
O4 NAG G . 19.97 -5.07 7.31
O5 NAG G . 22.70 -7.17 8.90
O6 NAG G . 21.30 -5.32 10.73
O7 NAG G . 22.07 -11.15 4.67
C1 NAG G . 18.61 -5.48 6.86
C2 NAG G . 17.67 -4.28 6.78
C3 NAG G . 16.28 -4.71 6.23
C4 NAG G . 16.33 -5.60 4.98
C5 NAG G . 17.33 -6.72 5.17
C6 NAG G . 17.47 -7.51 3.85
C7 NAG G . 16.92 -2.83 8.80
C8 NAG G . 15.52 -2.51 8.40
N2 NAG G . 17.78 -3.59 8.07
O3 NAG G . 15.57 -3.56 5.80
O4 NAG G . 15.05 -6.18 4.58
O5 NAG G . 18.58 -6.16 5.59
O6 NAG G . 16.55 -8.60 3.82
O7 NAG G . 17.31 -2.38 9.86
C1 NAG G . 14.28 -5.39 3.62
C2 NAG G . 13.12 -6.21 3.03
C3 NAG G . 12.27 -5.32 2.09
C4 NAG G . 11.71 -4.15 2.88
C5 NAG G . 12.84 -3.34 3.52
C6 NAG G . 12.22 -2.27 4.43
C7 NAG G . 13.79 -8.06 1.28
C8 NAG G . 13.70 -7.24 0.01
N2 NAG G . 13.55 -7.54 2.52
O3 NAG G . 11.19 -6.06 1.52
O4 NAG G . 10.91 -3.27 2.07
O5 NAG G . 13.77 -4.18 4.23
O6 NAG G . 13.14 -1.78 5.41
O7 NAG G . 14.13 -9.23 1.18
C1 NAG H . 47.71 23.49 1.97
C2 NAG H . 46.97 22.80 0.83
C3 NAG H . 45.48 22.76 1.26
C4 NAG H . 45.26 22.16 2.68
C5 NAG H . 46.31 22.61 3.71
C6 NAG H . 46.38 21.70 4.93
C7 NAG H . 46.66 23.48 -1.63
C8 NAG H . 47.35 24.24 -2.73
N2 NAG H . 47.33 23.46 -0.45
O1 NAG H . 49.09 23.72 1.64
O3 NAG H . 44.76 21.99 0.31
O4 NAG H . 43.97 22.49 3.26
O5 NAG H . 47.63 22.67 3.14
O6 NAG H . 45.32 22.03 5.83
O7 NAG H . 45.58 22.95 -1.85
C1 NAG H . 42.84 21.79 2.66
C2 NAG H . 41.54 22.01 3.45
C3 NAG H . 40.34 21.35 2.76
C4 NAG H . 40.32 21.76 1.28
C5 NAG H . 41.65 21.48 0.60
C6 NAG H . 41.63 21.96 -0.85
C7 NAG H . 41.63 22.22 5.93
C8 NAG H . 41.80 21.46 7.21
N2 NAG H . 41.66 21.49 4.80
O3 NAG H . 39.10 21.72 3.38
O4 NAG H . 39.36 21.01 0.55
O5 NAG H . 42.67 22.19 1.30
O6 NAG H . 41.30 23.35 -0.87
O7 NAG H . 41.47 23.43 5.96
C1 NAG H . 38.07 21.63 0.49
C2 NAG H . 37.43 21.11 -0.78
C3 NAG H . 36.03 21.70 -0.89
C4 NAG H . 35.25 21.42 0.41
C5 NAG H . 35.99 21.91 1.65
C6 NAG H . 35.23 21.58 2.94
C7 NAG H . 38.44 20.58 -3.01
C8 NAG H . 39.29 21.14 -4.12
N2 NAG H . 38.22 21.42 -1.97
O3 NAG H . 35.39 21.19 -2.08
O4 NAG H . 34.01 22.12 0.33
O5 NAG H . 37.30 21.35 1.69
O6 NAG H . 36.08 21.71 4.08
O7 NAG H . 38.00 19.45 -3.07
C1 NAG H . 32.98 21.41 -0.37
C2 NAG H . 31.73 21.51 0.49
C3 NAG H . 30.57 20.90 -0.28
C4 NAG H . 30.38 21.62 -1.63
C5 NAG H . 31.68 21.30 -2.39
C6 NAG H . 31.83 21.76 -3.82
C7 NAG H . 31.51 21.20 2.99
C8 NAG H . 30.52 22.31 3.15
N2 NAG H . 32.00 20.88 1.78
O3 NAG H . 29.44 20.96 0.58
O4 NAG H . 29.13 21.32 -2.33
O5 NAG H . 32.75 21.94 -1.68
O6 NAG H . 32.94 21.09 -4.44
O7 NAG H . 31.85 20.60 4.00
C1 NAG H . 27.93 21.82 -1.64
C2 NAG H . 26.66 21.86 -2.52
C3 NAG H . 25.42 22.25 -1.68
C4 NAG H . 25.27 21.49 -0.34
C5 NAG H . 26.59 21.56 0.41
C6 NAG H . 26.55 20.82 1.76
C7 NAG H . 26.07 22.87 -4.77
C8 NAG H . 25.07 21.83 -5.18
N2 NAG H . 26.75 22.84 -3.61
O3 NAG H . 24.24 22.04 -2.44
O4 NAG H . 24.23 22.03 0.50
O5 NAG H . 27.61 21.03 -0.47
O6 NAG H . 26.65 21.70 2.89
O7 NAG H . 26.26 23.78 -5.55
C1 NAG H . 22.92 21.41 0.33
C2 NAG H . 21.95 21.99 1.37
C3 NAG H . 20.57 21.31 1.17
C4 NAG H . 20.06 21.64 -0.23
C5 NAG H . 21.04 21.16 -1.30
C6 NAG H . 20.58 21.61 -2.70
C7 NAG H . 22.51 21.23 3.79
C8 NAG H . 21.83 19.90 3.70
N2 NAG H . 22.52 22.09 2.74
O3 NAG H . 19.65 21.76 2.17
O4 NAG H . 18.77 21.06 -0.50
O5 NAG H . 22.39 21.61 -1.01
O6 NAG H . 21.67 21.93 -3.58
O7 NAG H . 23.08 21.57 4.82
C1 NAG I . 41.46 -7.24 -27.87
C2 NAG I . 40.60 -7.40 -26.60
C3 NAG I . 39.54 -6.28 -26.62
C4 NAG I . 40.14 -4.85 -26.82
C5 NAG I . 41.23 -4.81 -27.92
C6 NAG I . 42.18 -3.60 -27.84
C7 NAG I . 39.13 -9.38 -25.82
C8 NAG I . 39.02 -10.87 -25.97
N2 NAG I . 40.15 -8.81 -26.51
O1 NAG I . 42.45 -8.27 -27.90
O3 NAG I . 38.81 -6.35 -25.40
O4 NAG I . 39.16 -3.84 -27.17
O5 NAG I . 42.10 -5.96 -27.89
O6 NAG I . 41.49 -2.37 -27.59
O7 NAG I . 38.31 -8.79 -25.12
C1 NAG I . 38.15 -3.50 -26.17
C2 NAG I . 37.28 -2.33 -26.64
C3 NAG I . 36.16 -2.03 -25.64
C4 NAG I . 35.38 -3.29 -25.27
C5 NAG I . 36.34 -4.41 -24.85
C6 NAG I . 35.63 -5.75 -24.64
C7 NAG I . 38.32 -0.59 -28.12
C8 NAG I . 39.29 0.56 -28.13
N2 NAG I . 38.14 -1.18 -26.92
O3 NAG I . 35.26 -1.07 -26.18
O4 NAG I . 34.49 -3.09 -24.17
O5 NAG I . 37.28 -4.59 -25.89
O6 NAG I . 34.98 -6.12 -25.86
O7 NAG I . 37.76 -0.92 -29.15
C1 NAG I . 33.13 -2.81 -24.54
C2 NAG I . 32.30 -3.30 -23.37
C3 NAG I . 30.83 -3.02 -23.65
C4 NAG I . 30.62 -1.53 -23.85
C5 NAG I . 31.51 -1.02 -24.98
C6 NAG I . 31.42 0.50 -25.08
C7 NAG I . 32.63 -5.32 -21.94
C8 NAG I . 32.83 -6.81 -21.96
N2 NAG I . 32.51 -4.73 -23.14
O3 NAG I . 30.00 -3.59 -22.62
O4 NAG I . 29.27 -1.30 -24.24
O5 NAG I . 32.89 -1.42 -24.85
O6 NAG I . 32.47 1.00 -25.91
O7 NAG I . 32.58 -4.72 -20.86
C1 NAG I . 28.29 -1.21 -23.18
C2 NAG I . 27.49 0.04 -23.52
C3 NAG I . 26.40 0.19 -22.47
C4 NAG I . 25.49 -1.06 -22.51
C5 NAG I . 26.36 -2.26 -22.12
C6 NAG I . 25.62 -3.60 -21.99
C7 NAG I . 28.26 2.32 -24.31
C8 NAG I . 26.96 2.74 -24.94
N2 NAG I . 28.43 1.16 -23.67
O3 NAG I . 25.68 1.38 -22.75
O4 NAG I . 24.28 -0.91 -21.72
O5 NAG I . 27.42 -2.36 -23.08
O6 NAG I . 25.04 -4.09 -23.21
O7 NAG I . 29.18 3.11 -24.35
C1 NAG I . 23.28 -0.05 -22.38
C2 NAG I . 21.90 -0.22 -21.76
C3 NAG I . 20.91 0.82 -22.38
C4 NAG I . 21.49 2.25 -22.39
C5 NAG I . 22.83 2.22 -23.12
C6 NAG I . 23.58 3.54 -23.27
C7 NAG I . 20.40 -2.27 -21.85
C8 NAG I . 20.47 -3.78 -21.98
N2 NAG I . 21.60 -1.66 -21.86
O3 NAG I . 19.68 0.82 -21.65
O4 NAG I . 20.65 3.24 -23.06
O5 NAG I . 23.65 1.33 -22.36
O6 NAG I . 22.71 4.66 -23.40
O7 NAG I . 19.34 -1.69 -21.75
C1 NAG I . 19.84 4.11 -22.23
C2 NAG I . 19.34 5.31 -23.06
C3 NAG I . 18.25 6.08 -22.31
C4 NAG I . 17.09 5.14 -21.97
C5 NAG I . 17.61 3.99 -21.08
C6 NAG I . 16.49 2.99 -20.75
C7 NAG I . 20.96 7.34 -23.30
C8 NAG I . 20.72 7.99 -21.97
N2 NAG I . 20.35 6.19 -23.70
O3 NAG I . 17.78 7.17 -23.13
O4 NAG I . 16.05 5.86 -21.31
O5 NAG I . 18.74 3.34 -21.68
O6 NAG I . 16.52 1.83 -21.60
O7 NAG I . 21.76 7.88 -24.07
C1 NAG J . -44.90 -4.27 28.29
C2 NAG J . -44.27 -4.88 27.05
C3 NAG J . -42.78 -4.50 27.02
C4 NAG J . -42.52 -2.97 27.23
C5 NAG J . -43.33 -2.45 28.43
C6 NAG J . -43.23 -0.93 28.67
C7 NAG J . -44.02 -7.37 26.38
C8 NAG J . -44.72 -8.69 26.54
N2 NAG J . -44.64 -6.33 27.00
O1 NAG J . -46.30 -4.57 28.33
O3 NAG J . -42.27 -4.93 25.76
O4 NAG J . -41.15 -2.59 27.51
O5 NAG J . -44.71 -2.85 28.31
O6 NAG J . -42.83 -0.18 27.52
O7 NAG J . -42.98 -7.32 25.74
C1 NAG J . -40.16 -2.95 26.51
C2 NAG J . -38.77 -2.40 26.89
C3 NAG J . -37.71 -2.86 25.90
C4 NAG J . -37.82 -4.37 25.66
C5 NAG J . -39.23 -4.79 25.28
C6 NAG J . -39.37 -6.30 25.11
C7 NAG J . -38.76 -0.20 28.09
C8 NAG J . -38.96 1.27 27.92
N2 NAG J . -38.87 -0.95 26.96
O3 NAG J . -36.40 -2.53 26.38
O4 NAG J . -37.01 -4.78 24.57
O5 NAG J . -40.07 -4.36 26.33
O6 NAG J . -39.02 -6.96 26.32
O7 NAG J . -38.51 -0.64 29.19
C1 NAG J . -35.70 -5.20 24.95
C2 NAG J . -35.25 -6.17 23.87
C3 NAG J . -33.84 -6.63 24.18
C4 NAG J . -32.94 -5.41 24.33
C5 NAG J . -33.45 -4.45 25.40
C6 NAG J . -32.56 -3.21 25.51
C7 NAG J . -36.62 -7.85 22.62
C8 NAG J . -37.60 -8.98 22.80
N2 NAG J . -36.17 -7.28 23.76
O3 NAG J . -33.37 -7.56 23.17
O4 NAG J . -31.64 -5.84 24.73
O5 NAG J . -34.82 -4.08 25.15
O6 NAG J . -33.26 -2.13 26.16
O7 NAG J . -36.23 -7.52 21.51
C1 NAG J . -30.79 -6.32 23.68
C2 NAG J . -29.42 -5.75 24.04
C3 NAG J . -28.39 -6.33 23.11
C4 NAG J . -28.40 -7.87 23.15
C5 NAG J . -29.80 -8.31 22.67
C6 NAG J . -30.02 -9.82 22.51
C7 NAG J . -29.14 -3.47 25.07
C8 NAG J . -29.10 -2.00 24.78
N2 NAG J . -29.35 -4.29 24.01
O3 NAG J . -27.17 -5.75 23.56
O4 NAG J . -27.31 -8.46 22.38
O5 NAG J . -30.77 -7.76 23.59
O6 NAG J . -29.86 -10.62 23.70
O7 NAG J . -29.01 -3.84 26.23
C1 NAG J . -26.00 -8.11 22.91
C2 NAG J . -24.88 -9.04 22.42
C3 NAG J . -23.55 -8.58 23.04
C4 NAG J . -23.21 -7.11 22.69
C5 NAG J . -24.39 -6.26 23.16
C6 NAG J . -24.20 -4.79 22.81
C7 NAG J . -26.03 -11.23 22.11
C8 NAG J . -26.04 -12.67 22.53
N2 NAG J . -25.10 -10.47 22.69
O3 NAG J . -22.54 -9.48 22.59
O4 NAG J . -21.99 -6.58 23.28
O5 NAG J . -25.59 -6.77 22.54
O6 NAG J . -23.50 -4.12 23.85
O7 NAG J . -26.85 -10.81 21.29
C1 NAG J . -20.80 -6.75 22.45
C2 NAG J . -19.54 -6.20 23.16
C3 NAG J . -18.28 -6.51 22.34
C4 NAG J . -18.14 -8.03 22.12
C5 NAG J . -19.40 -8.58 21.42
C6 NAG J . -19.48 -10.12 21.36
C7 NAG J . -19.44 -3.62 23.02
C8 NAG J . -18.89 -3.49 21.63
N2 NAG J . -19.71 -4.80 23.61
O3 NAG J . -17.12 -5.98 23.02
O4 NAG J . -16.97 -8.34 21.33
O5 NAG J . -20.58 -8.14 22.12
O6 NAG J . -18.20 -10.76 21.36
O7 NAG J . -19.69 -2.59 23.64
C1 NAG K . -45.26 -18.78 -12.17
C2 NAG K . -44.27 -17.63 -11.92
C3 NAG K . -43.09 -18.15 -11.07
C4 NAG K . -43.51 -19.01 -9.87
C5 NAG K . -44.59 -20.03 -10.24
C6 NAG K . -45.13 -20.82 -9.03
C7 NAG K . -42.88 -16.20 -13.56
C8 NAG K . -42.91 -15.68 -14.97
N2 NAG K . -43.94 -16.98 -13.21
O1 NAG K . -46.40 -18.32 -12.89
O3 NAG K . -42.35 -17.01 -10.61
O4 NAG K . -42.45 -19.80 -9.26
O5 NAG K . -45.67 -19.37 -10.92
O6 NAG K . -45.29 -20.01 -7.86
O7 NAG K . -41.94 -15.89 -12.84
C1 NAG K . -41.36 -19.04 -8.69
C2 NAG K . -40.47 -19.97 -7.87
C3 NAG K . -39.23 -19.24 -7.35
C4 NAG K . -38.56 -18.47 -8.47
C5 NAG K . -39.53 -17.57 -9.22
C6 NAG K . -38.86 -16.89 -10.41
C7 NAG K . -41.71 -21.84 -6.77
C8 NAG K . -42.53 -22.23 -5.56
N2 NAG K . -41.25 -20.58 -6.79
O3 NAG K . -38.30 -20.17 -6.79
O4 NAG K . -37.57 -17.60 -7.96
O5 NAG K . -40.60 -18.38 -9.71
O6 NAG K . -38.28 -17.89 -11.25
O7 NAG K . -41.51 -22.67 -7.64
C1 NAG K . -36.26 -18.15 -8.01
C2 NAG K . -35.28 -16.98 -8.08
C3 NAG K . -33.87 -17.52 -8.09
C4 NAG K . -33.68 -18.41 -6.85
C5 NAG K . -34.72 -19.53 -6.78
C6 NAG K . -34.56 -20.33 -5.49
C7 NAG K . -35.44 -14.82 -9.30
C8 NAG K . -35.71 -14.20 -10.64
N2 NAG K . -35.51 -16.16 -9.26
O3 NAG K . -32.91 -16.45 -8.20
O4 NAG K . -32.40 -19.03 -6.96
O5 NAG K . -36.05 -19.02 -6.89
O6 NAG K . -35.84 -20.81 -5.03
O7 NAG K . -35.19 -14.09 -8.34
C1 NAG K . -31.32 -18.20 -6.52
C2 NAG K . -30.52 -19.11 -5.63
C3 NAG K . -29.30 -18.33 -5.17
C4 NAG K . -28.47 -17.89 -6.39
C5 NAG K . -29.37 -16.93 -7.21
C6 NAG K . -28.77 -16.24 -8.44
C7 NAG K . -31.45 -20.94 -4.25
C8 NAG K . -32.19 -21.32 -2.99
N2 NAG K . -31.23 -19.63 -4.46
O3 NAG K . -28.65 -19.25 -4.30
O4 NAG K . -27.18 -17.35 -6.01
O5 NAG K . -30.53 -17.68 -7.62
O6 NAG K . -28.34 -17.12 -9.50
O7 NAG K . -31.12 -21.81 -5.02
C1 NAG K . -26.28 -18.42 -5.54
C2 NAG K . -24.80 -18.02 -5.54
C3 NAG K . -23.95 -19.15 -4.94
C4 NAG K . -24.46 -19.67 -3.59
C5 NAG K . -25.93 -20.05 -3.74
C6 NAG K . -26.51 -20.57 -2.43
C7 NAG K . -24.67 -16.58 -7.57
C8 NAG K . -24.01 -16.42 -8.92
N2 NAG K . -24.30 -17.66 -6.87
O3 NAG K . -22.61 -18.68 -4.82
O4 NAG K . -23.75 -20.84 -3.10
O5 NAG K . -26.62 -18.88 -4.21
O6 NAG K . -26.22 -21.96 -2.27
O7 NAG K . -25.49 -15.76 -7.17
C1 NAG K . -22.73 -20.51 -2.13
C2 NAG K . -22.06 -21.80 -1.62
C3 NAG K . -20.86 -21.45 -0.73
C4 NAG K . -19.87 -20.61 -1.54
C5 NAG K . -20.57 -19.31 -1.96
C6 NAG K . -19.68 -18.38 -2.80
C7 NAG K . -23.51 -23.07 0.11
C8 NAG K . -23.04 -22.33 1.33
N2 NAG K . -23.05 -22.79 -1.13
O3 NAG K . -20.21 -22.63 -0.24
O4 NAG K . -18.68 -20.31 -0.78
O5 NAG K . -21.76 -19.62 -2.71
O6 NAG K . -19.24 -19.02 -4.01
O7 NAG K . -24.35 -23.95 0.24
C1 NAG L . -33.76 22.25 -4.38
C2 NAG L . -33.51 21.35 -3.16
C3 NAG L . -32.26 20.51 -3.49
C4 NAG L . -32.39 19.75 -4.83
C5 NAG L . -32.96 20.64 -5.96
C6 NAG L . -33.43 19.82 -7.17
C7 NAG L . -32.92 22.03 -0.74
C8 NAG L . -33.19 23.11 0.27
N2 NAG L . -33.52 22.20 -1.93
O1 NAG L . -34.82 23.17 -4.14
O3 NAG L . -32.04 19.57 -2.43
O4 NAG L . -31.15 19.22 -5.35
O5 NAG L . -34.06 21.43 -5.51
O6 NAG L . -32.29 19.41 -7.94
O7 NAG L . -32.17 21.10 -0.43
C1 NAG L . -30.62 18.08 -4.64
C2 NAG L . -29.46 17.45 -5.43
C3 NAG L . -28.80 16.30 -4.66
C4 NAG L . -28.49 16.74 -3.24
C5 NAG L . -29.69 17.36 -2.55
C6 NAG L . -29.37 17.93 -1.16
C7 NAG L . -29.64 17.53 -7.91
C8 NAG L . -30.34 16.94 -9.10
N2 NAG L . -29.99 17.02 -6.72
O3 NAG L . -27.61 15.86 -5.33
O4 NAG L . -28.10 15.62 -2.45
O5 NAG L . -30.16 18.44 -3.33
O6 NAG L . -28.35 18.94 -1.26
O7 NAG L . -28.80 18.40 -8.06
C1 NAG L . -26.69 15.41 -2.35
C2 NAG L . -26.46 14.74 -1.02
C3 NAG L . -24.99 14.47 -0.82
C4 NAG L . -24.45 13.64 -2.00
C5 NAG L . -24.78 14.31 -3.34
C6 NAG L . -24.35 13.43 -4.51
C7 NAG L . -27.56 15.09 1.18
C8 NAG L . -27.97 16.12 2.20
N2 NAG L . -26.94 15.56 0.09
O3 NAG L . -24.75 13.83 0.43
O4 NAG L . -23.03 13.59 -1.84
O5 NAG L . -26.17 14.61 -3.43
O6 NAG L . -25.10 13.79 -5.68
O7 NAG L . -27.81 13.91 1.34
C1 NAG L . -22.55 12.50 -1.02
C2 NAG L . -21.49 11.85 -1.90
C3 NAG L . -20.81 10.74 -1.14
C4 NAG L . -20.16 11.32 0.14
C5 NAG L . -21.32 11.86 1.00
C6 NAG L . -20.93 12.38 2.38
C7 NAG L . -21.40 11.45 -4.36
C8 NAG L . -22.15 11.05 -5.59
N2 NAG L . -22.07 11.46 -3.19
O3 NAG L . -19.89 10.15 -2.04
O4 NAG L . -19.30 10.36 0.83
O5 NAG L . -22.02 12.90 0.26
O6 NAG L . -20.47 13.75 2.35
O7 NAG L . -20.22 11.74 -4.44
C1 NAG L . -18.05 10.09 0.14
C2 NAG L . -17.09 9.32 1.07
C3 NAG L . -15.80 8.89 0.30
C4 NAG L . -16.08 8.22 -1.07
C5 NAG L . -17.03 9.10 -1.87
C6 NAG L . -17.45 8.46 -3.20
C7 NAG L . -16.06 10.31 3.23
C8 NAG L . -14.66 9.75 3.20
N2 NAG L . -17.01 10.11 2.30
O3 NAG L . -15.11 7.93 1.09
O4 NAG L . -14.90 7.95 -1.87
O5 NAG L . -18.20 9.32 -1.07
O6 NAG L . -16.34 8.25 -4.08
O7 NAG L . -16.34 11.02 4.18
C1 NAG L . -14.21 6.70 -1.58
C2 NAG L . -13.11 6.46 -2.62
C3 NAG L . -12.25 5.27 -2.23
C4 NAG L . -11.61 5.51 -0.86
C5 NAG L . -12.70 5.74 0.20
C6 NAG L . -12.07 6.11 1.55
C7 NAG L . -14.07 5.53 -4.85
C8 NAG L . -14.26 4.09 -4.41
N2 NAG L . -13.57 6.48 -4.03
O3 NAG L . -11.22 5.06 -3.21
O4 NAG L . -10.77 4.42 -0.44
O5 NAG L . -13.63 6.74 -0.25
O6 NAG L . -12.76 7.16 2.22
O7 NAG L . -14.38 5.85 -5.99
C10 C8E M . 25.49 -9.87 33.81
C11 C8E M . 25.89 -11.24 33.27
O12 C8E M . 24.71 -12.04 33.08
C13 C8E M . 24.97 -13.31 32.49
C14 C8E M . 23.70 -14.17 32.53
O15 C8E M . 23.46 -14.77 31.26
C16 C8E M . 22.09 -15.14 31.09
C17 C8E M . 21.84 -15.72 29.72
O18 C8E M . 20.54 -16.30 29.71
C19 C8E M . 19.91 -16.34 28.44
C20 C8E M . 18.62 -17.12 28.53
O21 C8E M . 18.14 -17.50 27.23
C13 C8E N . 22.79 -1.64 32.34
C14 C8E N . 23.42 -0.26 32.12
O15 C8E N . 22.47 0.78 32.39
C16 C8E N . 22.94 2.07 32.00
C17 C8E N . 22.03 3.20 32.49
O18 C8E N . 20.70 3.05 31.99
C19 C8E N . 19.89 4.22 32.15
C20 C8E N . 18.47 3.87 31.72
O21 C8E N . 17.57 4.97 31.92
C8 C8E O . -1.25 -19.33 19.29
O9 C8E O . -0.04 -19.34 18.52
C10 C8E O . -0.26 -19.17 17.11
C11 C8E O . 1.04 -18.90 16.33
O12 C8E O . 1.19 -17.49 16.08
C13 C8E O . 2.36 -17.09 15.35
C14 C8E O . 3.54 -16.89 16.28
O15 C8E O . 4.79 -16.93 15.58
C16 C8E O . 5.77 -17.90 15.96
C17 C8E O . 6.44 -17.43 17.19
O18 C8E O . 7.22 -18.42 17.84
C19 C8E O . 7.79 -17.94 19.06
C20 C8E O . 6.80 -18.05 20.20
O21 C8E O . 7.25 -17.27 21.31
C1 C8E P . 21.00 -24.51 21.50
C2 C8E P . 20.05 -24.35 20.34
C3 C8E P . 19.14 -25.56 20.17
C4 C8E P . 17.82 -25.16 19.53
C5 C8E P . 16.86 -26.32 19.27
C6 C8E P . 15.40 -25.87 19.35
C7 C8E P . 14.49 -26.65 18.39
C8 C8E P . 13.07 -26.10 18.44
O9 C8E P . 12.42 -26.32 17.20
C1 C8E Q . 18.21 -23.36 24.03
C2 C8E Q . 16.73 -23.02 24.04
C3 C8E Q . 15.92 -23.86 23.07
C4 C8E Q . 14.43 -23.58 23.21
C5 C8E Q . 13.62 -24.40 22.20
C6 C8E Q . 12.10 -24.21 22.37
C7 C8E Q . 11.36 -24.29 21.04
C8 C8E Q . 9.96 -23.68 21.15
C1 C8E R . 22.03 -20.89 29.74
C2 C8E R . 20.89 -21.83 29.40
C3 C8E R . 19.93 -21.18 28.43
C4 C8E R . 18.60 -21.92 28.41
C5 C8E R . 17.64 -21.22 27.47
C6 C8E R . 16.26 -21.81 27.65
C7 C8E R . 15.29 -21.03 26.77
C8 C8E R . 13.92 -21.69 26.75
O9 C8E R . 13.33 -21.56 25.45
C10 C8E R . 12.73 -20.29 25.19
C11 C8E R . 12.03 -20.29 23.83
O12 C8E R . 10.61 -20.16 23.97
C13 C8E R . 9.82 -20.97 23.09
C14 C8E R . 8.37 -20.47 22.96
O15 C8E R . 7.80 -20.14 24.24
C16 C8E R . 6.99 -18.95 24.26
C17 C8E R . 6.57 -18.55 25.66
O18 C8E R . 6.68 -17.13 25.88
C19 C8E R . 7.10 -16.62 27.16
C20 C8E R . 8.60 -16.84 27.45
O21 C8E R . 8.85 -17.20 28.82
NA NA S . 20.46 3.28 12.01
NA NA T . 12.18 -15.24 -7.02
NA NA U . 22.67 -9.11 -5.90
NA NA V . 20.14 17.93 14.02
C1 C8E W . 48.63 42.23 4.76
C2 C8E W . 50.11 42.52 4.62
C3 C8E W . 50.90 41.84 5.74
C4 C8E W . 52.31 42.42 5.87
C5 C8E W . 53.05 41.80 7.05
C6 C8E W . 54.30 42.56 7.46
C7 C8E W . 55.51 42.07 6.68
C8 C8E W . 56.80 42.85 6.95
O9 C8E W . 56.90 43.42 8.27
C10 C8E W . 58.25 43.57 8.74
C11 C8E W . 58.28 43.66 10.27
O12 C8E W . 58.54 42.38 10.85
C13 C8E W . 59.93 42.07 10.95
C1 C8E X . 40.65 44.15 2.11
C2 C8E X . 40.33 45.61 2.35
C3 C8E X . 39.32 45.82 3.46
C4 C8E X . 37.90 46.00 2.92
C5 C8E X . 36.91 46.14 4.07
C6 C8E X . 35.53 46.60 3.62
C7 C8E X . 34.83 45.55 2.76
C8 C8E X . 33.33 45.72 2.73
O9 C8E X . 32.72 44.73 3.59
C10 C8E X . 31.34 44.88 3.84
C11 C8E X . 31.14 45.06 5.34
O12 C8E X . 29.83 45.57 5.56
NA NA Y . 27.61 11.31 6.98
NA NA Z . 28.59 21.82 -12.25
NA NA AA . 24.28 18.13 -25.96
C1 C8E BA . 36.20 -13.91 -45.51
C2 C8E BA . 37.14 -13.32 -46.54
C3 C8E BA . 38.50 -12.94 -45.95
C4 C8E BA . 39.63 -13.84 -46.42
C5 C8E BA . 40.95 -13.10 -46.50
C6 C8E BA . 42.11 -14.07 -46.33
C7 C8E BA . 43.43 -13.44 -46.74
C8 C8E BA . 44.56 -14.36 -46.35
O9 C8E BA . 45.52 -14.45 -47.41
C10 C8E BA . 46.26 -15.66 -47.41
C11 C8E BA . 47.46 -15.50 -48.32
O12 C8E BA . 48.60 -15.51 -47.50
C13 C8E BA . 49.79 -14.97 -48.09
C14 C8E BA . 50.91 -15.07 -47.06
O15 C8E BA . 50.73 -16.24 -46.26
C16 C8E BA . 51.44 -16.22 -45.02
C17 C8E BA . 51.20 -17.52 -44.25
O18 C8E BA . 49.91 -17.53 -43.62
C19 C8E BA . 49.71 -18.68 -42.77
C20 C8E BA . 48.26 -18.75 -42.31
O21 C8E BA . 47.84 -17.45 -41.89
NA NA CA . 20.05 -8.10 -17.38
NA NA DA . 30.09 11.30 -17.58
C1 C8E EA . -41.42 -19.78 41.43
C2 C8E EA . -40.75 -18.54 42.01
C3 C8E EA . -39.23 -18.65 42.09
C4 C8E EA . -38.59 -17.34 42.55
C5 C8E EA . -37.15 -17.52 43.04
C6 C8E EA . -36.32 -16.22 42.97
C7 C8E EA . -35.02 -16.16 43.80
C8 C8E EA . -34.15 -17.43 43.83
O9 C8E EA . -33.00 -17.34 44.70
C10 C8E EA . -32.04 -18.35 44.33
C11 C8E EA . -30.87 -18.54 45.29
O12 C8E EA . -30.25 -19.80 44.96
C13 C8E EA . -28.91 -19.98 45.43
C14 C8E EA . -28.57 -21.46 45.40
C1 C8E FA . -41.37 -13.73 45.66
C2 C8E FA . -40.38 -14.86 45.52
C3 C8E FA . -38.91 -14.42 45.49
C4 C8E FA . -38.46 -13.30 46.45
C5 C8E FA . -37.06 -12.77 46.10
C6 C8E FA . -35.99 -13.12 47.12
C7 C8E FA . -34.59 -12.97 46.52
C8 C8E FA . -33.48 -13.39 47.49
O9 C8E FA . -32.35 -13.91 46.77
C10 C8E FA . -31.02 -13.61 47.24
C11 C8E FA . -30.18 -14.89 47.23
O12 C8E FA . -28.92 -14.70 47.88
C13 C8E FA . -28.19 -15.91 48.03
C1 C8E GA . -41.01 0.30 43.19
C2 C8E GA . -40.69 0.77 44.58
C3 C8E GA . -40.52 2.28 44.65
C4 C8E GA . -41.78 3.00 45.12
C5 C8E GA . -41.57 4.52 45.24
C6 C8E GA . -42.77 5.19 45.91
C7 C8E GA . -42.98 6.66 45.54
C8 C8E GA . -44.35 7.18 45.99
O9 C8E GA . -44.72 8.38 45.28
C10 C8E GA . -46.12 8.60 45.15
C11 C8E GA . -46.39 9.66 44.08
NA NA HA . -16.55 7.05 24.61
NA NA IA . -25.42 4.03 16.78
NA NA JA . -28.05 -17.64 18.66
NA NA KA . -25.82 -28.88 9.25
C1 C8E LA . -32.95 -30.53 -24.58
C2 C8E LA . -32.99 -29.88 -25.93
C3 C8E LA . -34.11 -28.88 -26.05
C4 C8E LA . -34.04 -28.13 -27.36
C5 C8E LA . -35.11 -27.07 -27.50
C6 C8E LA . -35.10 -26.55 -28.92
C7 C8E LA . -36.10 -25.43 -29.14
C8 C8E LA . -35.98 -24.85 -30.54
O9 C8E LA . -36.41 -23.49 -30.55
C10 C8E LA . -35.60 -22.63 -31.36
C11 C8E LA . -36.31 -21.32 -31.59
O12 C8E LA . -35.37 -20.38 -32.12
C1 C8E MA . -37.23 -24.09 -34.09
C2 C8E MA . -38.54 -24.39 -34.76
C3 C8E MA . -39.34 -25.41 -33.97
C4 C8E MA . -40.81 -25.31 -34.34
C5 C8E MA . -41.58 -26.57 -33.99
C6 C8E MA . -43.05 -26.23 -33.81
C7 C8E MA . -43.94 -27.42 -34.09
C8 C8E MA . -45.37 -27.28 -33.60
O9 C8E MA . -46.06 -26.06 -33.95
C10 C8E MA . -47.47 -26.24 -33.79
C11 C8E MA . -48.24 -24.96 -33.53
O12 C8E MA . -49.02 -24.60 -34.67
C13 C8E MA . -50.31 -24.03 -34.46
C14 C8E MA . -50.30 -22.61 -35.00
O15 C8E MA . -51.64 -22.14 -35.14
NA NA NA . -22.73 -10.58 -11.59
NA NA OA . -31.07 -18.00 7.25
NA NA PA . -14.27 1.15 -14.93
C1 C8E QA . -25.27 41.56 -5.42
C2 C8E QA . -25.39 41.68 -3.92
C3 C8E QA . -24.10 41.25 -3.23
C4 C8E QA . -24.33 41.03 -1.75
C5 C8E QA . -23.04 41.01 -0.96
C6 C8E QA . -23.25 40.37 0.40
C7 C8E QA . -22.00 40.40 1.26
C8 C8E QA . -21.94 39.25 2.27
O9 C8E QA . -21.23 38.13 1.72
C10 C8E QA . -20.90 37.12 2.67
C11 C8E QA . -20.45 35.86 1.94
O12 C8E QA . -19.27 36.14 1.19
C13 C8E QA . -18.67 34.98 0.62
C14 C8E QA . -17.97 35.34 -0.68
O15 C8E QA . -16.96 34.39 -0.96
C16 C8E QA . -16.41 34.47 -2.27
C17 C8E QA . -15.07 33.75 -2.30
NA NA RA . -18.41 11.37 10.56
NA NA SA . -23.95 0.52 -7.57
#